data_2MI2
#
_entry.id   2MI2
#
_entity_poly.entity_id   1
_entity_poly.type   'polypeptide(L)'
_entity_poly.pdbx_seq_one_letter_code
;MFDIGFSELLLVFIIGLVVLGPQRLPVAVKTVAGWIRALRSLATTVQNELTQELKLQEFQDSLKKVEKASLTNLTPELKA
SMDELRQAAESMKRSYVANDPLEHHHHHH
;
_entity_poly.pdbx_strand_id   A
#
# COMPACT_ATOMS: atom_id res chain seq x y z
N MET A 1 26.02 -20.09 -7.76
CA MET A 1 25.04 -21.16 -7.86
C MET A 1 25.72 -22.54 -7.79
N PHE A 2 27.01 -22.53 -7.46
CA PHE A 2 27.78 -23.76 -7.36
C PHE A 2 27.91 -24.21 -5.90
N ASP A 3 28.23 -23.24 -5.03
CA ASP A 3 28.39 -23.52 -3.61
C ASP A 3 28.74 -22.25 -2.85
N ILE A 4 29.90 -21.68 -3.16
CA ILE A 4 30.34 -20.46 -2.50
C ILE A 4 30.56 -20.69 -1.02
N GLY A 5 29.48 -20.61 -0.24
CA GLY A 5 29.57 -20.81 1.19
C GLY A 5 29.86 -19.52 1.94
N PHE A 6 30.75 -18.71 1.39
CA PHE A 6 31.12 -17.44 2.01
C PHE A 6 32.08 -16.65 1.11
N SER A 7 32.81 -17.36 0.27
CA SER A 7 33.77 -16.73 -0.63
C SER A 7 33.22 -15.41 -1.16
N GLU A 8 32.07 -15.47 -1.81
CA GLU A 8 31.45 -14.28 -2.37
C GLU A 8 31.34 -13.17 -1.32
N LEU A 9 30.78 -13.52 -0.17
CA LEU A 9 30.62 -12.56 0.92
C LEU A 9 31.93 -11.83 1.20
N LEU A 10 32.99 -12.59 1.44
CA LEU A 10 34.30 -12.02 1.72
C LEU A 10 34.73 -11.07 0.61
N LEU A 11 34.90 -11.60 -0.59
CA LEU A 11 35.30 -10.80 -1.74
C LEU A 11 34.54 -9.49 -1.78
N VAL A 12 33.22 -9.57 -1.98
CA VAL A 12 32.38 -8.39 -2.03
C VAL A 12 32.61 -7.49 -0.83
N PHE A 13 32.62 -8.09 0.36
CA PHE A 13 32.83 -7.34 1.60
C PHE A 13 34.17 -6.61 1.56
N ILE A 14 35.11 -7.13 0.77
CA ILE A 14 36.43 -6.53 0.65
C ILE A 14 36.44 -5.45 -0.43
N ILE A 15 36.08 -5.83 -1.65
CA ILE A 15 36.04 -4.90 -2.76
C ILE A 15 35.25 -3.64 -2.41
N GLY A 16 34.26 -3.79 -1.53
CA GLY A 16 33.44 -2.67 -1.12
C GLY A 16 34.25 -1.61 -0.39
N LEU A 17 35.20 -2.06 0.42
CA LEU A 17 36.05 -1.14 1.19
C LEU A 17 37.20 -0.62 0.34
N VAL A 18 37.77 -1.50 -0.48
CA VAL A 18 38.87 -1.12 -1.34
C VAL A 18 38.41 -0.21 -2.47
N VAL A 19 37.12 -0.29 -2.79
CA VAL A 19 36.54 0.54 -3.85
C VAL A 19 35.89 1.79 -3.28
N LEU A 20 34.99 1.61 -2.32
CA LEU A 20 34.29 2.71 -1.68
C LEU A 20 35.18 3.39 -0.64
N GLY A 21 36.37 2.85 -0.45
CA GLY A 21 37.30 3.41 0.52
C GLY A 21 36.79 3.30 1.94
N PRO A 22 37.68 2.86 2.86
CA PRO A 22 37.33 2.70 4.27
C PRO A 22 37.11 4.03 4.98
N GLN A 23 37.30 5.12 4.24
CA GLN A 23 37.13 6.45 4.79
C GLN A 23 35.67 6.69 5.19
N ARG A 24 34.75 6.20 4.37
CA ARG A 24 33.33 6.36 4.64
C ARG A 24 32.58 5.04 4.43
N LEU A 25 33.08 3.98 5.07
CA LEU A 25 32.47 2.66 4.97
C LEU A 25 31.17 2.60 5.77
N PRO A 26 31.24 3.00 7.05
CA PRO A 26 30.10 3.00 7.95
C PRO A 26 29.07 4.06 7.57
N VAL A 27 29.43 4.92 6.62
CA VAL A 27 28.54 5.98 6.16
C VAL A 27 27.35 5.41 5.39
N ALA A 28 27.56 4.26 4.77
CA ALA A 28 26.51 3.61 4.00
C ALA A 28 25.46 2.99 4.91
N VAL A 29 25.90 2.11 5.80
CA VAL A 29 25.01 1.44 6.74
C VAL A 29 24.34 2.45 7.68
N LYS A 30 25.07 3.50 8.03
CA LYS A 30 24.56 4.53 8.91
C LYS A 30 23.44 5.32 8.24
N THR A 31 23.73 5.85 7.05
CA THR A 31 22.75 6.62 6.30
C THR A 31 21.49 5.80 6.03
N VAL A 32 21.66 4.69 5.31
CA VAL A 32 20.54 3.81 4.98
C VAL A 32 19.70 3.51 6.22
N ALA A 33 20.33 2.85 7.20
CA ALA A 33 19.64 2.49 8.44
C ALA A 33 19.07 3.73 9.12
N GLY A 34 19.63 4.89 8.80
CA GLY A 34 19.17 6.13 9.40
C GLY A 34 17.72 6.43 9.05
N TRP A 35 17.48 6.74 7.78
CA TRP A 35 16.13 7.05 7.31
C TRP A 35 15.27 5.79 7.21
N ILE A 36 15.93 4.64 7.13
CA ILE A 36 15.24 3.36 7.03
C ILE A 36 14.52 3.03 8.33
N ARG A 37 15.25 3.13 9.45
CA ARG A 37 14.69 2.84 10.75
C ARG A 37 13.72 3.93 11.19
N ALA A 38 14.07 5.18 10.89
CA ALA A 38 13.24 6.32 11.25
C ALA A 38 11.85 6.20 10.62
N LEU A 39 11.82 5.95 9.32
CA LEU A 39 10.56 5.83 8.59
C LEU A 39 9.81 4.57 9.04
N ARG A 40 10.50 3.44 9.02
CA ARG A 40 9.90 2.17 9.42
C ARG A 40 9.21 2.29 10.78
N SER A 41 9.95 2.83 11.75
CA SER A 41 9.42 3.00 13.10
C SER A 41 8.23 3.96 13.10
N LEU A 42 8.35 5.04 12.32
CA LEU A 42 7.28 6.03 12.24
C LEU A 42 6.01 5.40 11.67
N ALA A 43 6.16 4.63 10.61
CA ALA A 43 5.02 3.98 9.97
C ALA A 43 4.31 3.04 10.95
N THR A 44 5.08 2.13 11.53
CA THR A 44 4.53 1.17 12.48
C THR A 44 3.95 1.87 13.70
N THR A 45 4.57 2.98 14.09
CA THR A 45 4.12 3.75 15.24
C THR A 45 2.78 4.43 14.96
N VAL A 46 2.56 4.77 13.70
CA VAL A 46 1.32 5.42 13.29
C VAL A 46 0.41 4.46 12.53
N GLN A 47 0.70 3.18 12.64
CA GLN A 47 -0.09 2.16 11.97
C GLN A 47 -0.45 1.01 12.91
N ASN A 48 0.37 0.85 13.96
CA ASN A 48 0.14 -0.20 14.94
C ASN A 48 -0.29 0.38 16.28
N GLU A 49 -0.66 1.66 16.26
CA GLU A 49 -1.09 2.35 17.49
C GLU A 49 -2.46 2.96 17.29
N LEU A 50 -2.50 4.29 17.15
CA LEU A 50 -3.76 5.01 16.96
C LEU A 50 -4.52 4.46 15.76
N THR A 51 -3.79 3.86 14.83
CA THR A 51 -4.40 3.29 13.64
C THR A 51 -5.42 2.22 13.99
N GLN A 52 -5.45 1.83 15.26
CA GLN A 52 -6.39 0.82 15.73
C GLN A 52 -7.17 1.32 16.93
N GLU A 53 -6.68 2.38 17.55
CA GLU A 53 -7.33 2.95 18.72
C GLU A 53 -8.26 4.11 18.32
N LEU A 54 -7.84 4.87 17.32
CA LEU A 54 -8.62 6.00 16.84
C LEU A 54 -8.49 6.17 15.34
N LYS A 55 -7.25 6.16 14.85
CA LYS A 55 -6.98 6.30 13.42
C LYS A 55 -7.27 4.99 12.68
N LEU A 56 -8.33 4.30 13.10
CA LEU A 56 -8.72 3.05 12.47
C LEU A 56 -9.70 3.29 11.33
N GLN A 57 -9.97 4.56 11.05
CA GLN A 57 -10.90 4.92 9.98
C GLN A 57 -10.17 5.64 8.85
N GLU A 58 -9.40 6.67 9.21
CA GLU A 58 -8.65 7.44 8.23
C GLU A 58 -7.98 6.52 7.21
N PHE A 59 -7.11 5.64 7.70
CA PHE A 59 -6.39 4.72 6.84
C PHE A 59 -7.36 3.95 5.94
N GLN A 60 -8.49 3.53 6.52
CA GLN A 60 -9.49 2.79 5.77
C GLN A 60 -10.03 3.63 4.62
N ASP A 61 -10.31 4.90 4.89
CA ASP A 61 -10.83 5.80 3.88
C ASP A 61 -9.78 6.08 2.80
N SER A 62 -8.53 6.25 3.23
CA SER A 62 -7.45 6.53 2.30
C SER A 62 -7.25 5.36 1.33
N LEU A 63 -7.11 4.17 1.88
CA LEU A 63 -6.92 2.97 1.06
C LEU A 63 -8.12 2.73 0.16
N LYS A 64 -9.31 3.03 0.67
CA LYS A 64 -10.55 2.85 -0.09
C LYS A 64 -10.65 3.87 -1.21
N LYS A 65 -10.33 5.12 -0.90
CA LYS A 65 -10.39 6.20 -1.88
C LYS A 65 -9.46 5.90 -3.06
N VAL A 66 -8.22 5.52 -2.75
CA VAL A 66 -7.23 5.21 -3.78
C VAL A 66 -7.62 3.96 -4.55
N GLU A 67 -8.07 2.93 -3.82
CA GLU A 67 -8.47 1.67 -4.43
C GLU A 67 -9.55 1.90 -5.49
N LYS A 68 -10.50 2.78 -5.16
CA LYS A 68 -11.59 3.09 -6.08
C LYS A 68 -11.08 3.91 -7.27
N ALA A 69 -10.29 4.94 -6.99
CA ALA A 69 -9.75 5.79 -8.04
C ALA A 69 -8.68 5.06 -8.84
N SER A 70 -8.29 3.88 -8.36
CA SER A 70 -7.27 3.08 -9.04
C SER A 70 -7.90 1.83 -9.67
N LEU A 71 -9.09 1.48 -9.22
CA LEU A 71 -9.80 0.32 -9.75
C LEU A 71 -11.05 0.73 -10.52
N THR A 72 -11.28 2.05 -10.59
CA THR A 72 -12.44 2.58 -11.29
C THR A 72 -12.61 1.92 -12.66
N ASN A 73 -11.49 1.53 -13.26
CA ASN A 73 -11.51 0.88 -14.57
C ASN A 73 -10.26 0.03 -14.78
N LEU A 74 -9.65 -0.40 -13.68
CA LEU A 74 -8.45 -1.22 -13.74
C LEU A 74 -8.71 -2.61 -13.18
N THR A 75 -9.93 -3.11 -13.40
CA THR A 75 -10.31 -4.43 -12.90
C THR A 75 -11.77 -4.74 -13.21
N PRO A 76 -12.05 -5.98 -13.61
CA PRO A 76 -13.40 -6.43 -13.95
C PRO A 76 -14.30 -6.51 -12.71
N GLU A 77 -13.71 -6.84 -11.57
CA GLU A 77 -14.46 -6.95 -10.33
C GLU A 77 -15.31 -5.71 -10.08
N LEU A 78 -14.66 -4.55 -10.05
CA LEU A 78 -15.35 -3.29 -9.82
C LEU A 78 -16.51 -3.12 -10.82
N LYS A 79 -16.18 -3.17 -12.10
CA LYS A 79 -17.18 -3.03 -13.15
C LYS A 79 -18.41 -3.87 -12.84
N ALA A 80 -18.19 -5.08 -12.33
CA ALA A 80 -19.29 -5.98 -11.98
C ALA A 80 -20.10 -5.43 -10.81
N SER A 81 -19.40 -4.98 -9.77
CA SER A 81 -20.05 -4.44 -8.58
C SER A 81 -20.85 -3.18 -8.92
N MET A 82 -20.20 -2.26 -9.62
CA MET A 82 -20.85 -1.02 -10.02
C MET A 82 -22.04 -1.29 -10.94
N ASP A 83 -21.86 -2.24 -11.86
CA ASP A 83 -22.91 -2.59 -12.80
C ASP A 83 -24.15 -3.10 -12.07
N GLU A 84 -23.92 -3.95 -11.07
CA GLU A 84 -25.02 -4.53 -10.30
C GLU A 84 -25.68 -3.46 -9.43
N LEU A 85 -24.87 -2.53 -8.91
CA LEU A 85 -25.38 -1.47 -8.07
C LEU A 85 -26.14 -0.43 -8.89
N ARG A 86 -25.70 -0.21 -10.13
CA ARG A 86 -26.35 0.74 -11.01
C ARG A 86 -27.70 0.21 -11.49
N GLN A 87 -27.69 -1.01 -12.02
CA GLN A 87 -28.92 -1.62 -12.52
C GLN A 87 -29.92 -1.83 -11.38
N ALA A 88 -29.43 -2.29 -10.23
CA ALA A 88 -30.28 -2.52 -9.08
C ALA A 88 -30.85 -1.22 -8.54
N ALA A 89 -30.00 -0.20 -8.43
CA ALA A 89 -30.43 1.10 -7.93
C ALA A 89 -31.36 1.79 -8.92
N GLU A 90 -31.02 1.71 -10.20
CA GLU A 90 -31.83 2.33 -11.24
C GLU A 90 -33.18 1.62 -11.38
N SER A 91 -33.13 0.30 -11.52
CA SER A 91 -34.34 -0.50 -11.66
C SER A 91 -35.30 -0.25 -10.49
N MET A 92 -34.78 -0.37 -9.28
CA MET A 92 -35.59 -0.16 -8.09
C MET A 92 -36.14 1.27 -8.04
N LYS A 93 -35.29 2.23 -8.39
CA LYS A 93 -35.69 3.64 -8.40
C LYS A 93 -36.79 3.89 -9.43
N ARG A 94 -36.79 3.09 -10.49
CA ARG A 94 -37.78 3.22 -11.55
C ARG A 94 -39.11 2.60 -11.12
N SER A 95 -39.03 1.51 -10.37
CA SER A 95 -40.23 0.83 -9.90
C SER A 95 -40.69 1.37 -8.55
N TYR A 96 -39.88 2.27 -7.99
CA TYR A 96 -40.19 2.87 -6.69
C TYR A 96 -40.49 4.36 -6.85
N VAL A 97 -39.51 5.10 -7.34
CA VAL A 97 -39.68 6.53 -7.54
C VAL A 97 -40.63 6.83 -8.69
N ALA A 98 -41.06 5.78 -9.39
CA ALA A 98 -41.98 5.93 -10.51
C ALA A 98 -43.01 4.80 -10.52
N ASN A 99 -43.27 4.24 -9.35
CA ASN A 99 -44.24 3.15 -9.22
C ASN A 99 -44.51 2.83 -7.76
N ASP A 100 -45.00 3.82 -7.03
CA ASP A 100 -45.32 3.65 -5.62
C ASP A 100 -45.99 4.90 -5.04
N PRO A 101 -45.20 5.98 -4.91
CA PRO A 101 -45.70 7.25 -4.38
C PRO A 101 -46.66 7.95 -5.34
N LEU A 102 -46.86 7.34 -6.51
CA LEU A 102 -47.75 7.91 -7.52
C LEU A 102 -49.14 7.29 -7.41
N GLU A 103 -49.22 6.09 -6.84
CA GLU A 103 -50.48 5.40 -6.67
C GLU A 103 -50.82 5.21 -5.20
N HIS A 104 -52.03 5.57 -4.82
CA HIS A 104 -52.47 5.43 -3.44
C HIS A 104 -51.54 6.17 -2.49
N MET A 1 32.90 -25.19 -1.07
CA MET A 1 31.99 -26.33 -1.02
C MET A 1 32.58 -27.47 -0.20
N PHE A 2 33.23 -27.11 0.90
CA PHE A 2 33.85 -28.10 1.78
C PHE A 2 33.36 -27.94 3.21
N ASP A 3 33.29 -26.70 3.68
CA ASP A 3 32.84 -26.41 5.03
C ASP A 3 32.87 -24.91 5.31
N ILE A 4 34.07 -24.35 5.35
CA ILE A 4 34.25 -22.93 5.60
C ILE A 4 33.77 -22.56 7.00
N GLY A 5 32.46 -22.36 7.14
CA GLY A 5 31.90 -22.00 8.43
C GLY A 5 31.90 -20.50 8.68
N PHE A 6 32.98 -19.84 8.28
CA PHE A 6 33.10 -18.40 8.46
C PHE A 6 34.39 -17.88 7.84
N SER A 7 35.39 -18.76 7.73
CA SER A 7 36.67 -18.39 7.17
C SER A 7 36.51 -17.43 6.00
N GLU A 8 35.75 -17.87 4.99
CA GLU A 8 35.51 -17.05 3.81
C GLU A 8 35.02 -15.66 4.20
N LEU A 9 33.97 -15.61 5.02
CA LEU A 9 33.41 -14.35 5.47
C LEU A 9 34.49 -13.43 6.02
N LEU A 10 35.25 -13.93 7.00
CA LEU A 10 36.32 -13.15 7.60
C LEU A 10 37.25 -12.57 6.53
N LEU A 11 37.84 -13.44 5.72
CA LEU A 11 38.74 -13.01 4.67
C LEU A 11 38.10 -11.90 3.84
N VAL A 12 37.01 -12.22 3.15
CA VAL A 12 36.31 -11.24 2.34
C VAL A 12 36.15 -9.92 3.06
N PHE A 13 35.69 -9.99 4.31
CA PHE A 13 35.49 -8.80 5.12
C PHE A 13 36.79 -8.00 5.25
N ILE A 14 37.88 -8.71 5.51
CA ILE A 14 39.18 -8.08 5.67
C ILE A 14 39.64 -7.44 4.37
N ILE A 15 39.71 -8.23 3.31
CA ILE A 15 40.12 -7.74 2.00
C ILE A 15 39.32 -6.51 1.60
N GLY A 16 38.06 -6.46 2.01
CA GLY A 16 37.20 -5.34 1.69
C GLY A 16 37.74 -4.03 2.23
N LEU A 17 38.29 -4.07 3.45
CA LEU A 17 38.84 -2.89 4.09
C LEU A 17 40.23 -2.58 3.56
N VAL A 18 41.05 -3.62 3.43
CA VAL A 18 42.41 -3.46 2.92
C VAL A 18 42.41 -3.05 1.46
N VAL A 19 41.31 -3.31 0.77
CA VAL A 19 41.18 -2.97 -0.64
C VAL A 19 40.44 -1.64 -0.82
N LEU A 20 39.19 -1.61 -0.38
CA LEU A 20 38.37 -0.40 -0.48
C LEU A 20 38.91 0.70 0.42
N GLY A 21 39.81 0.33 1.32
CA GLY A 21 40.38 1.31 2.23
C GLY A 21 39.45 1.66 3.37
N PRO A 22 39.96 1.59 4.61
CA PRO A 22 39.18 1.90 5.81
C PRO A 22 38.86 3.39 5.92
N GLN A 23 39.14 4.13 4.86
CA GLN A 23 38.90 5.57 4.83
C GLN A 23 37.40 5.86 4.77
N ARG A 24 36.68 5.05 4.00
CA ARG A 24 35.24 5.22 3.85
C ARG A 24 34.51 3.89 4.00
N LEU A 25 34.99 3.07 4.93
CA LEU A 25 34.39 1.76 5.17
C LEU A 25 32.99 1.91 5.77
N PRO A 26 32.90 2.67 6.87
CA PRO A 26 31.63 2.91 7.56
C PRO A 26 30.68 3.79 6.74
N VAL A 27 31.16 4.28 5.62
CA VAL A 27 30.36 5.13 4.75
C VAL A 27 29.25 4.34 4.08
N ALA A 28 29.61 3.20 3.50
CA ALA A 28 28.65 2.34 2.84
C ALA A 28 27.61 1.80 3.82
N VAL A 29 28.09 1.29 4.94
CA VAL A 29 27.21 0.74 5.97
C VAL A 29 26.25 1.80 6.50
N LYS A 30 26.80 2.91 6.97
CA LYS A 30 26.00 4.00 7.51
C LYS A 30 24.96 4.46 6.49
N THR A 31 25.41 4.67 5.25
CA THR A 31 24.53 5.11 4.18
C THR A 31 23.35 4.14 4.00
N VAL A 32 23.66 2.91 3.59
CA VAL A 32 22.64 1.90 3.38
C VAL A 32 21.68 1.84 4.56
N ALA A 33 22.19 1.46 5.73
CA ALA A 33 21.38 1.38 6.92
C ALA A 33 20.65 2.70 7.20
N GLY A 34 21.19 3.78 6.67
CA GLY A 34 20.58 5.08 6.86
C GLY A 34 19.18 5.17 6.28
N TRP A 35 19.10 5.13 4.95
CA TRP A 35 17.81 5.19 4.27
C TRP A 35 17.06 3.87 4.39
N ILE A 36 17.80 2.80 4.67
CA ILE A 36 17.18 1.49 4.81
C ILE A 36 16.32 1.40 6.07
N ARG A 37 16.89 1.82 7.19
CA ARG A 37 16.17 1.80 8.47
C ARG A 37 15.08 2.88 8.49
N ALA A 38 15.41 4.05 7.95
CA ALA A 38 14.45 5.15 7.91
C ALA A 38 13.18 4.76 7.17
N LEU A 39 13.35 4.24 5.96
CA LEU A 39 12.21 3.81 5.15
C LEU A 39 11.47 2.64 5.80
N ARG A 40 12.21 1.59 6.10
CA ARG A 40 11.63 0.41 6.73
C ARG A 40 10.81 0.79 7.96
N SER A 41 11.41 1.61 8.84
CA SER A 41 10.73 2.05 10.05
C SER A 41 9.46 2.80 9.72
N LEU A 42 9.53 3.68 8.73
CA LEU A 42 8.38 4.47 8.31
C LEU A 42 7.28 3.58 7.76
N ALA A 43 7.67 2.63 6.91
CA ALA A 43 6.72 1.70 6.31
C ALA A 43 5.90 1.00 7.38
N THR A 44 6.57 0.31 8.29
CA THR A 44 5.90 -0.42 9.36
C THR A 44 5.15 0.54 10.28
N THR A 45 5.70 1.72 10.48
CA THR A 45 5.09 2.73 11.34
C THR A 45 3.72 3.15 10.80
N VAL A 46 3.57 3.08 9.47
CA VAL A 46 2.31 3.44 8.84
C VAL A 46 1.60 2.21 8.27
N GLN A 47 2.06 1.04 8.68
CA GLN A 47 1.46 -0.21 8.23
C GLN A 47 0.90 -1.01 9.40
N ASN A 48 1.55 -0.89 10.56
CA ASN A 48 1.12 -1.61 11.75
C ASN A 48 0.57 -0.63 12.80
N GLU A 49 -0.01 0.47 12.33
CA GLU A 49 -0.57 1.47 13.22
C GLU A 49 -1.89 2.02 12.67
N LEU A 50 -1.80 3.11 11.92
CA LEU A 50 -2.97 3.74 11.33
C LEU A 50 -3.53 2.88 10.20
N THR A 51 -2.71 1.97 9.70
CA THR A 51 -3.11 1.09 8.60
C THR A 51 -4.42 0.38 8.94
N GLN A 52 -4.73 0.30 10.23
CA GLN A 52 -5.95 -0.37 10.67
C GLN A 52 -6.66 0.46 11.74
N GLU A 53 -6.41 1.77 11.73
CA GLU A 53 -7.02 2.67 12.70
C GLU A 53 -7.31 4.03 12.07
N LEU A 54 -6.45 4.44 11.14
CA LEU A 54 -6.61 5.72 10.47
C LEU A 54 -5.97 5.69 9.08
N LYS A 55 -6.21 4.60 8.35
CA LYS A 55 -5.66 4.45 7.01
C LYS A 55 -6.50 3.48 6.19
N LEU A 56 -6.73 2.29 6.72
CA LEU A 56 -7.51 1.28 6.04
C LEU A 56 -8.81 1.86 5.51
N GLN A 57 -9.28 2.93 6.14
CA GLN A 57 -10.51 3.59 5.73
C GLN A 57 -10.23 5.01 5.26
N GLU A 58 -9.30 5.68 5.92
CA GLU A 58 -8.94 7.05 5.56
C GLU A 58 -8.41 7.12 4.13
N PHE A 59 -7.52 6.21 3.79
CA PHE A 59 -6.94 6.16 2.45
C PHE A 59 -8.00 5.78 1.41
N GLN A 60 -8.57 4.59 1.57
CA GLN A 60 -9.59 4.11 0.66
C GLN A 60 -10.68 5.16 0.44
N ASP A 61 -11.15 5.73 1.54
CA ASP A 61 -12.19 6.76 1.47
C ASP A 61 -11.72 7.97 0.70
N SER A 62 -10.46 8.36 0.92
CA SER A 62 -9.88 9.51 0.25
C SER A 62 -9.86 9.30 -1.26
N LEU A 63 -9.08 8.33 -1.71
CA LEU A 63 -8.97 8.02 -3.14
C LEU A 63 -10.35 7.78 -3.75
N LYS A 64 -11.26 7.24 -2.95
CA LYS A 64 -12.62 6.95 -3.41
C LYS A 64 -13.40 8.25 -3.60
N LYS A 65 -13.32 9.14 -2.61
CA LYS A 65 -14.02 10.42 -2.67
C LYS A 65 -13.59 11.21 -3.90
N VAL A 66 -12.29 11.31 -4.11
CA VAL A 66 -11.75 12.04 -5.25
C VAL A 66 -12.12 11.36 -6.57
N GLU A 67 -12.01 10.05 -6.59
CA GLU A 67 -12.33 9.28 -7.79
C GLU A 67 -13.75 9.54 -8.24
N LYS A 68 -14.67 9.62 -7.28
CA LYS A 68 -16.07 9.88 -7.57
C LYS A 68 -16.28 11.32 -8.04
N ALA A 69 -15.70 12.26 -7.30
CA ALA A 69 -15.81 13.67 -7.65
C ALA A 69 -15.01 14.01 -8.89
N SER A 70 -14.22 13.05 -9.36
CA SER A 70 -13.39 13.24 -10.55
C SER A 70 -13.91 12.41 -11.71
N LEU A 71 -14.73 11.40 -11.39
CA LEU A 71 -15.30 10.53 -12.42
C LEU A 71 -16.81 10.72 -12.51
N THR A 72 -17.34 11.63 -11.69
CA THR A 72 -18.77 11.90 -11.68
C THR A 72 -19.31 12.09 -13.10
N ASN A 73 -18.46 12.58 -13.99
CA ASN A 73 -18.85 12.80 -15.38
C ASN A 73 -17.63 12.80 -16.29
N LEU A 74 -16.56 12.16 -15.84
CA LEU A 74 -15.33 12.08 -16.62
C LEU A 74 -15.04 10.65 -17.04
N THR A 75 -16.09 9.88 -17.28
CA THR A 75 -15.96 8.49 -17.69
C THR A 75 -17.32 7.82 -17.85
N PRO A 76 -17.46 7.01 -18.90
CA PRO A 76 -18.70 6.29 -19.18
C PRO A 76 -18.99 5.19 -18.17
N GLU A 77 -17.92 4.58 -17.66
CA GLU A 77 -18.05 3.50 -16.68
C GLU A 77 -18.97 3.91 -15.54
N LEU A 78 -18.67 5.05 -14.92
CA LEU A 78 -19.48 5.57 -13.81
C LEU A 78 -20.94 5.72 -14.23
N LYS A 79 -21.17 6.49 -15.28
CA LYS A 79 -22.52 6.72 -15.79
C LYS A 79 -23.31 5.41 -15.85
N ALA A 80 -22.64 4.35 -16.32
CA ALA A 80 -23.29 3.05 -16.43
C ALA A 80 -23.61 2.48 -15.05
N SER A 81 -22.65 2.59 -14.14
CA SER A 81 -22.82 2.07 -12.78
C SER A 81 -23.96 2.80 -12.07
N MET A 82 -23.92 4.13 -12.13
CA MET A 82 -24.95 4.95 -11.49
C MET A 82 -26.32 4.69 -12.11
N ASP A 83 -26.35 4.54 -13.43
CA ASP A 83 -27.59 4.29 -14.14
C ASP A 83 -28.21 2.97 -13.69
N GLU A 84 -27.39 1.94 -13.54
CA GLU A 84 -27.87 0.64 -13.11
C GLU A 84 -28.31 0.68 -11.65
N LEU A 85 -27.60 1.45 -10.84
CA LEU A 85 -27.92 1.58 -9.42
C LEU A 85 -29.18 2.40 -9.22
N ARG A 86 -29.39 3.39 -10.09
CA ARG A 86 -30.57 4.24 -10.00
C ARG A 86 -31.82 3.49 -10.42
N GLN A 87 -31.77 2.86 -11.59
CA GLN A 87 -32.90 2.10 -12.11
C GLN A 87 -33.23 0.92 -11.20
N ALA A 88 -32.19 0.24 -10.73
CA ALA A 88 -32.36 -0.91 -9.86
C ALA A 88 -32.92 -0.49 -8.50
N ALA A 89 -32.39 0.58 -7.96
CA ALA A 89 -32.84 1.10 -6.66
C ALA A 89 -34.25 1.68 -6.77
N GLU A 90 -34.50 2.42 -7.84
CA GLU A 90 -35.81 3.03 -8.05
C GLU A 90 -36.86 1.97 -8.36
N SER A 91 -36.52 1.05 -9.25
CA SER A 91 -37.44 -0.03 -9.65
C SER A 91 -37.81 -0.87 -8.44
N MET A 92 -36.82 -1.22 -7.63
CA MET A 92 -37.05 -2.03 -6.44
C MET A 92 -37.87 -1.26 -5.40
N LYS A 93 -37.52 0.01 -5.21
CA LYS A 93 -38.22 0.85 -4.24
C LYS A 93 -39.60 1.25 -4.77
N ARG A 94 -39.80 1.07 -6.07
CA ARG A 94 -41.06 1.41 -6.70
C ARG A 94 -42.04 0.24 -6.64
N SER A 95 -41.50 -0.97 -6.75
CA SER A 95 -42.33 -2.18 -6.71
C SER A 95 -42.47 -2.69 -5.28
N TYR A 96 -41.58 -2.25 -4.41
CA TYR A 96 -41.60 -2.66 -3.00
C TYR A 96 -42.37 -1.66 -2.16
N VAL A 97 -42.12 -0.38 -2.41
CA VAL A 97 -42.79 0.69 -1.66
C VAL A 97 -44.02 1.20 -2.41
N ALA A 98 -45.07 0.38 -2.43
CA ALA A 98 -46.30 0.74 -3.10
C ALA A 98 -47.35 -0.37 -2.98
N ASN A 99 -46.88 -1.61 -2.95
CA ASN A 99 -47.77 -2.76 -2.83
C ASN A 99 -47.07 -3.93 -2.16
N ASP A 100 -45.80 -4.14 -2.51
CA ASP A 100 -45.01 -5.23 -1.94
C ASP A 100 -45.56 -6.58 -2.38
N PRO A 101 -45.31 -6.95 -3.64
CA PRO A 101 -45.77 -8.21 -4.20
C PRO A 101 -45.04 -9.42 -3.61
N LEU A 102 -43.96 -9.14 -2.88
CA LEU A 102 -43.17 -10.19 -2.26
C LEU A 102 -43.41 -10.25 -0.75
N GLU A 103 -44.17 -9.27 -0.25
CA GLU A 103 -44.49 -9.21 1.18
C GLU A 103 -45.70 -8.32 1.42
N HIS A 104 -46.79 -8.63 0.72
CA HIS A 104 -48.03 -7.86 0.87
C HIS A 104 -48.50 -7.86 2.33
N MET A 1 26.42 -20.41 -6.02
CA MET A 1 25.37 -21.42 -5.96
C MET A 1 25.96 -22.82 -5.80
N PHE A 2 27.25 -22.89 -5.53
CA PHE A 2 27.94 -24.16 -5.35
C PHE A 2 28.12 -24.47 -3.87
N ASP A 3 28.54 -23.47 -3.11
CA ASP A 3 28.77 -23.63 -1.67
C ASP A 3 29.24 -22.32 -1.05
N ILE A 4 30.41 -21.86 -1.47
CA ILE A 4 30.97 -20.62 -0.95
C ILE A 4 31.25 -20.73 0.55
N GLY A 5 30.21 -20.48 1.35
CA GLY A 5 30.35 -20.56 2.80
C GLY A 5 30.74 -19.22 3.41
N PHE A 6 31.61 -18.49 2.74
CA PHE A 6 32.06 -17.19 3.23
C PHE A 6 33.00 -16.52 2.22
N SER A 7 33.67 -17.34 1.42
CA SER A 7 34.60 -16.83 0.42
C SER A 7 34.10 -15.52 -0.17
N GLU A 8 32.92 -15.56 -0.80
CA GLU A 8 32.33 -14.38 -1.40
C GLU A 8 31.96 -13.35 -0.34
N LEU A 9 31.32 -13.82 0.72
CA LEU A 9 30.90 -12.94 1.82
C LEU A 9 32.05 -12.05 2.27
N LEU A 10 33.13 -12.68 2.75
CA LEU A 10 34.30 -11.94 3.21
C LEU A 10 34.87 -11.05 2.11
N LEU A 11 35.13 -11.66 0.95
CA LEU A 11 35.68 -10.93 -0.19
C LEU A 11 34.89 -9.65 -0.44
N VAL A 12 33.60 -9.80 -0.77
CA VAL A 12 32.74 -8.66 -1.03
C VAL A 12 32.87 -7.61 0.07
N PHE A 13 32.80 -8.06 1.32
CA PHE A 13 32.92 -7.16 2.46
C PHE A 13 34.22 -6.37 2.41
N ILE A 14 35.28 -7.01 1.92
CA ILE A 14 36.58 -6.37 1.81
C ILE A 14 36.63 -5.43 0.61
N ILE A 15 36.30 -5.96 -0.56
CA ILE A 15 36.31 -5.17 -1.78
C ILE A 15 35.50 -3.90 -1.62
N GLY A 16 34.47 -3.96 -0.78
CA GLY A 16 33.62 -2.81 -0.54
C GLY A 16 34.38 -1.65 0.09
N LEU A 17 35.31 -1.98 0.98
CA LEU A 17 36.09 -0.96 1.67
C LEU A 17 37.28 -0.51 0.80
N VAL A 18 37.90 -1.47 0.12
CA VAL A 18 39.03 -1.18 -0.74
C VAL A 18 38.59 -0.42 -2.00
N VAL A 19 37.32 -0.56 -2.34
CA VAL A 19 36.77 0.12 -3.50
C VAL A 19 36.07 1.41 -3.12
N LEU A 20 35.13 1.32 -2.17
CA LEU A 20 34.39 2.48 -1.71
C LEU A 20 35.23 3.30 -0.73
N GLY A 21 36.43 2.82 -0.43
CA GLY A 21 37.30 3.52 0.49
C GLY A 21 36.75 3.56 1.91
N PRO A 22 37.62 3.25 2.88
CA PRO A 22 37.23 3.24 4.30
C PRO A 22 36.96 4.64 4.84
N GLN A 23 37.15 5.64 3.99
CA GLN A 23 36.93 7.03 4.38
C GLN A 23 35.46 7.28 4.70
N ARG A 24 34.58 6.68 3.92
CA ARG A 24 33.14 6.83 4.12
C ARG A 24 32.43 5.48 4.06
N LEU A 25 32.96 4.51 4.80
CA LEU A 25 32.38 3.17 4.83
C LEU A 25 31.06 3.17 5.60
N PRO A 26 31.09 3.67 6.85
CA PRO A 26 29.90 3.74 7.70
C PRO A 26 28.89 4.77 7.21
N VAL A 27 29.27 5.53 6.18
CA VAL A 27 28.39 6.53 5.62
C VAL A 27 27.15 5.91 4.99
N ALA A 28 27.37 4.89 4.16
CA ALA A 28 26.27 4.20 3.51
C ALA A 28 25.36 3.52 4.52
N VAL A 29 25.94 2.72 5.39
CA VAL A 29 25.18 2.02 6.42
C VAL A 29 24.32 2.99 7.23
N LYS A 30 24.96 4.01 7.78
CA LYS A 30 24.26 5.02 8.58
C LYS A 30 23.11 5.63 7.78
N THR A 31 23.39 6.01 6.54
CA THR A 31 22.39 6.62 5.69
C THR A 31 21.18 5.70 5.53
N VAL A 32 21.38 4.55 4.89
CA VAL A 32 20.31 3.59 4.68
C VAL A 32 19.53 3.35 5.95
N ALA A 33 20.19 2.80 6.96
CA ALA A 33 19.55 2.53 8.24
C ALA A 33 18.91 3.79 8.82
N GLY A 34 19.40 4.95 8.39
CA GLY A 34 18.87 6.21 8.87
C GLY A 34 17.41 6.40 8.51
N TRP A 35 17.15 6.59 7.22
CA TRP A 35 15.78 6.78 6.75
C TRP A 35 15.00 5.47 6.77
N ILE A 36 15.72 4.35 6.82
CA ILE A 36 15.10 3.05 6.86
C ILE A 36 14.42 2.79 8.20
N ARG A 37 15.16 2.98 9.28
CA ARG A 37 14.62 2.78 10.62
C ARG A 37 13.61 3.86 10.97
N ALA A 38 13.86 5.08 10.49
CA ALA A 38 12.97 6.20 10.76
C ALA A 38 11.60 5.98 10.12
N LEU A 39 11.58 5.80 8.81
CA LEU A 39 10.34 5.57 8.08
C LEU A 39 9.64 4.30 8.57
N ARG A 40 10.43 3.28 8.88
CA ARG A 40 9.89 2.01 9.36
C ARG A 40 9.10 2.21 10.66
N SER A 41 9.75 2.84 11.64
CA SER A 41 9.12 3.09 12.93
C SER A 41 7.86 3.93 12.76
N LEU A 42 7.94 4.94 11.89
CA LEU A 42 6.80 5.82 11.64
C LEU A 42 5.60 5.03 11.13
N ALA A 43 5.83 4.16 10.15
CA ALA A 43 4.78 3.34 9.58
C ALA A 43 4.13 2.46 10.64
N THR A 44 4.95 1.66 11.31
CA THR A 44 4.46 0.76 12.36
C THR A 44 3.80 1.54 13.48
N THR A 45 4.26 2.77 13.70
CA THR A 45 3.71 3.62 14.75
C THR A 45 2.30 4.09 14.39
N VAL A 46 2.06 4.27 13.10
CA VAL A 46 0.76 4.72 12.62
C VAL A 46 -0.06 3.55 12.07
N GLN A 47 0.43 2.34 12.29
CA GLN A 47 -0.25 1.14 11.81
C GLN A 47 -0.51 0.17 12.96
N ASN A 48 0.38 0.18 13.95
CA ASN A 48 0.25 -0.71 15.10
C ASN A 48 -0.21 0.06 16.32
N GLU A 49 -0.93 1.15 16.10
CA GLU A 49 -1.44 1.98 17.18
C GLU A 49 -2.83 2.52 16.87
N LEU A 50 -2.90 3.79 16.48
CA LEU A 50 -4.16 4.42 16.15
C LEU A 50 -4.89 3.65 15.03
N THR A 51 -4.10 3.00 14.18
CA THR A 51 -4.65 2.24 13.07
C THR A 51 -5.76 1.30 13.55
N GLN A 52 -5.73 0.97 14.83
CA GLN A 52 -6.74 0.09 15.42
C GLN A 52 -7.40 0.73 16.63
N GLU A 53 -7.48 2.06 16.62
CA GLU A 53 -8.09 2.80 17.71
C GLU A 53 -8.69 4.11 17.22
N LEU A 54 -7.94 4.81 16.36
CA LEU A 54 -8.40 6.08 15.81
C LEU A 54 -8.11 6.17 14.31
N LYS A 55 -6.93 5.70 13.93
CA LYS A 55 -6.52 5.73 12.52
C LYS A 55 -7.04 4.48 11.79
N LEU A 56 -8.08 3.87 12.35
CA LEU A 56 -8.67 2.68 11.74
C LEU A 56 -9.56 3.05 10.56
N GLN A 57 -9.62 4.35 10.25
CA GLN A 57 -10.43 4.83 9.13
C GLN A 57 -9.56 5.47 8.07
N GLU A 58 -8.67 6.38 8.49
CA GLU A 58 -7.78 7.06 7.56
C GLU A 58 -7.22 6.09 6.52
N PHE A 59 -6.61 5.01 7.00
CA PHE A 59 -6.03 4.01 6.10
C PHE A 59 -7.09 3.46 5.15
N GLN A 60 -8.22 3.04 5.71
CA GLN A 60 -9.31 2.48 4.91
C GLN A 60 -9.71 3.44 3.79
N ASP A 61 -9.86 4.71 4.14
CA ASP A 61 -10.24 5.73 3.16
C ASP A 61 -9.14 5.91 2.12
N SER A 62 -7.90 5.77 2.56
CA SER A 62 -6.75 5.93 1.66
C SER A 62 -6.76 4.85 0.57
N LEU A 63 -6.64 3.60 0.98
CA LEU A 63 -6.63 2.48 0.05
C LEU A 63 -7.91 2.46 -0.78
N LYS A 64 -9.01 2.88 -0.16
CA LYS A 64 -10.31 2.90 -0.84
C LYS A 64 -10.34 4.00 -1.90
N LYS A 65 -9.84 5.18 -1.55
CA LYS A 65 -9.80 6.31 -2.46
C LYS A 65 -8.98 5.98 -3.70
N VAL A 66 -7.76 5.48 -3.49
CA VAL A 66 -6.88 5.12 -4.59
C VAL A 66 -7.49 4.03 -5.45
N GLU A 67 -8.06 3.01 -4.79
CA GLU A 67 -8.67 1.89 -5.50
C GLU A 67 -9.73 2.40 -6.49
N LYS A 68 -10.70 3.14 -5.97
CA LYS A 68 -11.78 3.68 -6.80
C LYS A 68 -11.21 4.47 -7.98
N ALA A 69 -10.18 5.27 -7.70
CA ALA A 69 -9.54 6.08 -8.73
C ALA A 69 -8.68 5.22 -9.65
N SER A 70 -8.38 4.01 -9.20
CA SER A 70 -7.55 3.09 -9.99
C SER A 70 -8.36 1.85 -10.39
N LEU A 71 -9.67 1.91 -10.15
CA LEU A 71 -10.54 0.79 -10.50
C LEU A 71 -11.67 1.24 -11.43
N THR A 72 -11.99 2.54 -11.36
CA THR A 72 -13.04 3.09 -12.21
C THR A 72 -13.09 2.39 -13.56
N ASN A 73 -11.97 2.39 -14.26
CA ASN A 73 -11.89 1.75 -15.58
C ASN A 73 -10.59 0.96 -15.72
N LEU A 74 -10.20 0.27 -14.65
CA LEU A 74 -8.98 -0.52 -14.65
C LEU A 74 -9.29 -1.98 -14.32
N THR A 75 -10.57 -2.34 -14.36
CA THR A 75 -10.99 -3.70 -14.06
C THR A 75 -12.45 -3.92 -14.42
N PRO A 76 -12.78 -5.14 -14.88
CA PRO A 76 -14.13 -5.50 -15.28
C PRO A 76 -15.08 -5.59 -14.09
N GLU A 77 -14.57 -6.09 -12.96
CA GLU A 77 -15.38 -6.23 -11.75
C GLU A 77 -16.11 -4.93 -11.44
N LEU A 78 -15.46 -3.81 -11.74
CA LEU A 78 -16.07 -2.49 -11.49
C LEU A 78 -17.25 -2.25 -12.42
N LYS A 79 -16.97 -2.21 -13.73
CA LYS A 79 -18.01 -1.99 -14.72
C LYS A 79 -19.25 -2.84 -14.42
N ALA A 80 -19.01 -4.06 -13.96
CA ALA A 80 -20.11 -4.96 -13.63
C ALA A 80 -20.86 -4.49 -12.39
N SER A 81 -20.11 -4.15 -11.34
CA SER A 81 -20.72 -3.69 -10.09
C SER A 81 -21.50 -2.39 -10.32
N MET A 82 -20.86 -1.45 -11.01
CA MET A 82 -21.50 -0.17 -11.29
C MET A 82 -22.71 -0.34 -12.18
N ASP A 83 -22.60 -1.22 -13.18
CA ASP A 83 -23.69 -1.48 -14.11
C ASP A 83 -24.90 -2.03 -13.37
N GLU A 84 -24.66 -2.95 -12.44
CA GLU A 84 -25.74 -3.56 -11.67
C GLU A 84 -26.35 -2.54 -10.70
N LEU A 85 -25.51 -1.69 -10.14
CA LEU A 85 -25.97 -0.67 -9.20
C LEU A 85 -26.74 0.44 -9.93
N ARG A 86 -26.32 0.72 -11.16
CA ARG A 86 -26.97 1.75 -11.96
C ARG A 86 -28.34 1.31 -12.44
N GLN A 87 -28.39 0.13 -13.05
CA GLN A 87 -29.64 -0.41 -13.55
C GLN A 87 -30.63 -0.69 -12.41
N ALA A 88 -30.11 -1.23 -11.32
CA ALA A 88 -30.92 -1.53 -10.15
C ALA A 88 -31.45 -0.26 -9.50
N ALA A 89 -30.56 0.72 -9.33
CA ALA A 89 -30.94 1.99 -8.72
C ALA A 89 -31.88 2.77 -9.63
N GLU A 90 -31.58 2.79 -10.93
CA GLU A 90 -32.40 3.51 -11.89
C GLU A 90 -33.76 2.85 -12.05
N SER A 91 -33.76 1.53 -12.26
CA SER A 91 -34.99 0.78 -12.43
C SER A 91 -35.91 0.97 -11.23
N MET A 92 -35.36 0.78 -10.04
CA MET A 92 -36.13 0.94 -8.81
C MET A 92 -36.61 2.38 -8.64
N LYS A 93 -35.76 3.34 -9.00
CA LYS A 93 -36.10 4.75 -8.89
C LYS A 93 -37.06 5.15 -9.99
N ARG A 94 -37.19 4.32 -11.02
CA ARG A 94 -38.08 4.59 -12.12
C ARG A 94 -39.47 4.02 -11.87
N SER A 95 -39.52 2.91 -11.13
CA SER A 95 -40.79 2.27 -10.81
C SER A 95 -41.35 2.80 -9.50
N TYR A 96 -40.46 3.28 -8.63
CA TYR A 96 -40.87 3.82 -7.35
C TYR A 96 -41.25 5.29 -7.46
N VAL A 97 -40.48 6.04 -8.23
CA VAL A 97 -40.74 7.46 -8.44
C VAL A 97 -41.65 7.69 -9.63
N ALA A 98 -42.93 7.34 -9.48
CA ALA A 98 -43.90 7.51 -10.54
C ALA A 98 -45.31 7.19 -10.05
N ASN A 99 -45.43 6.13 -9.27
CA ASN A 99 -46.72 5.70 -8.73
C ASN A 99 -46.56 4.47 -7.84
N ASP A 100 -45.74 4.60 -6.81
CA ASP A 100 -45.50 3.50 -5.88
C ASP A 100 -45.71 3.96 -4.44
N PRO A 101 -46.97 3.97 -3.99
CA PRO A 101 -47.34 4.38 -2.63
C PRO A 101 -46.87 3.38 -1.58
N LEU A 102 -46.32 2.27 -2.04
CA LEU A 102 -45.85 1.22 -1.14
C LEU A 102 -44.80 1.77 -0.18
N GLU A 103 -43.95 2.66 -0.69
CA GLU A 103 -42.90 3.26 0.13
C GLU A 103 -42.21 2.21 1.01
N HIS A 104 -41.50 2.67 2.03
CA HIS A 104 -40.79 1.77 2.93
C HIS A 104 -41.17 2.06 4.38
N MET A 1 28.82 -21.60 -6.51
CA MET A 1 27.97 -22.78 -6.45
C MET A 1 28.79 -24.03 -6.17
N PHE A 2 29.78 -23.91 -5.29
CA PHE A 2 30.64 -25.04 -4.95
C PHE A 2 30.65 -25.27 -3.44
N ASP A 3 30.76 -24.18 -2.68
CA ASP A 3 30.78 -24.27 -1.22
C ASP A 3 30.91 -22.89 -0.59
N ILE A 4 32.07 -22.26 -0.82
CA ILE A 4 32.33 -20.94 -0.28
C ILE A 4 32.34 -20.96 1.25
N GLY A 5 31.16 -20.89 1.85
CA GLY A 5 31.06 -20.89 3.30
C GLY A 5 31.15 -19.52 3.90
N PHE A 6 32.05 -18.70 3.37
CA PHE A 6 32.24 -17.33 3.86
C PHE A 6 33.26 -16.58 3.01
N SER A 7 34.16 -17.33 2.38
CA SER A 7 35.20 -16.74 1.54
C SER A 7 34.64 -15.55 0.77
N GLU A 8 33.60 -15.79 -0.02
CA GLU A 8 32.98 -14.73 -0.81
C GLU A 8 32.66 -13.51 0.06
N LEU A 9 31.95 -13.74 1.16
CA LEU A 9 31.58 -12.67 2.07
C LEU A 9 32.80 -11.80 2.42
N LEU A 10 33.85 -12.45 2.92
CA LEU A 10 35.07 -11.74 3.29
C LEU A 10 35.59 -10.91 2.13
N LEU A 11 35.91 -11.57 1.02
CA LEU A 11 36.41 -10.89 -0.16
C LEU A 11 35.58 -9.65 -0.48
N VAL A 12 34.31 -9.88 -0.83
CA VAL A 12 33.40 -8.79 -1.16
C VAL A 12 33.49 -7.66 -0.13
N PHE A 13 33.43 -8.03 1.14
CA PHE A 13 33.50 -7.06 2.23
C PHE A 13 34.80 -6.25 2.14
N ILE A 14 35.90 -6.94 1.87
CA ILE A 14 37.20 -6.29 1.77
C ILE A 14 37.24 -5.35 0.57
N ILE A 15 36.95 -5.89 -0.61
CA ILE A 15 36.95 -5.10 -1.84
C ILE A 15 36.09 -3.85 -1.68
N GLY A 16 35.04 -3.95 -0.87
CA GLY A 16 34.15 -2.82 -0.66
C GLY A 16 34.85 -1.65 0.00
N LEU A 17 35.77 -1.96 0.92
CA LEU A 17 36.51 -0.92 1.62
C LEU A 17 37.68 -0.42 0.79
N VAL A 18 38.36 -1.35 0.12
CA VAL A 18 39.51 -1.01 -0.72
C VAL A 18 39.07 -0.26 -1.97
N VAL A 19 37.80 -0.44 -2.34
CA VAL A 19 37.25 0.22 -3.53
C VAL A 19 36.50 1.48 -3.15
N LEU A 20 35.55 1.35 -2.23
CA LEU A 20 34.75 2.48 -1.78
C LEU A 20 35.53 3.33 -0.78
N GLY A 21 36.74 2.89 -0.45
CA GLY A 21 37.56 3.62 0.49
C GLY A 21 36.98 3.63 1.89
N PRO A 22 37.83 3.35 2.89
CA PRO A 22 37.42 3.33 4.29
C PRO A 22 37.08 4.71 4.84
N GLN A 23 37.24 5.72 3.98
CA GLN A 23 36.96 7.11 4.38
C GLN A 23 35.48 7.29 4.67
N ARG A 24 34.63 6.65 3.87
CA ARG A 24 33.19 6.74 4.04
C ARG A 24 32.54 5.37 3.96
N LEU A 25 33.08 4.42 4.71
CA LEU A 25 32.55 3.06 4.73
C LEU A 25 31.22 2.99 5.47
N PRO A 26 31.21 3.51 6.71
CA PRO A 26 30.01 3.51 7.55
C PRO A 26 28.96 4.50 7.04
N VAL A 27 29.33 5.28 6.02
CA VAL A 27 28.42 6.26 5.44
C VAL A 27 27.22 5.58 4.78
N ALA A 28 27.51 4.57 3.97
CA ALA A 28 26.45 3.84 3.27
C ALA A 28 25.55 3.12 4.26
N VAL A 29 26.14 2.35 5.16
CA VAL A 29 25.38 1.60 6.15
C VAL A 29 24.48 2.54 6.96
N LYS A 30 25.07 3.57 7.55
CA LYS A 30 24.32 4.53 8.34
C LYS A 30 23.17 5.12 7.53
N THR A 31 23.46 5.54 6.31
CA THR A 31 22.45 6.12 5.43
C THR A 31 21.30 5.15 5.20
N VAL A 32 21.61 4.01 4.58
CA VAL A 32 20.61 2.99 4.29
C VAL A 32 19.73 2.73 5.52
N ALA A 33 20.35 2.21 6.58
CA ALA A 33 19.63 1.92 7.81
C ALA A 33 18.96 3.17 8.37
N GLY A 34 19.46 4.33 7.96
CA GLY A 34 18.90 5.58 8.43
C GLY A 34 17.45 5.76 8.03
N TRP A 35 17.20 5.92 6.74
CA TRP A 35 15.85 6.10 6.23
C TRP A 35 15.08 4.78 6.25
N ILE A 36 15.81 3.67 6.28
CA ILE A 36 15.20 2.36 6.31
C ILE A 36 14.46 2.11 7.62
N ARG A 37 15.15 2.34 8.73
CA ARG A 37 14.56 2.16 10.06
C ARG A 37 13.53 3.25 10.34
N ALA A 38 13.85 4.48 9.94
CA ALA A 38 12.95 5.61 10.17
C ALA A 38 11.59 5.36 9.53
N LEU A 39 11.59 4.93 8.28
CA LEU A 39 10.35 4.65 7.56
C LEU A 39 9.65 3.43 8.14
N ARG A 40 10.36 2.32 8.20
CA ARG A 40 9.81 1.08 8.73
C ARG A 40 9.17 1.32 10.10
N SER A 41 9.90 1.99 10.97
CA SER A 41 9.40 2.28 12.32
C SER A 41 8.17 3.18 12.26
N LEU A 42 8.20 4.17 11.38
CA LEU A 42 7.08 5.09 11.23
C LEU A 42 5.84 4.37 10.73
N ALA A 43 6.02 3.50 9.75
CA ALA A 43 4.91 2.73 9.20
C ALA A 43 4.26 1.86 10.26
N THR A 44 5.08 1.13 11.00
CA THR A 44 4.58 0.26 12.06
C THR A 44 4.03 1.06 13.23
N THR A 45 4.60 2.24 13.46
CA THR A 45 4.17 3.11 14.54
C THR A 45 2.79 3.71 14.25
N VAL A 46 2.49 3.88 12.97
CA VAL A 46 1.21 4.45 12.55
C VAL A 46 0.27 3.36 12.02
N GLN A 47 0.68 2.10 12.19
CA GLN A 47 -0.12 0.98 11.72
C GLN A 47 -0.41 0.01 12.87
N ASN A 48 0.51 -0.06 13.83
CA ASN A 48 0.35 -0.94 14.97
C ASN A 48 0.00 -0.15 16.22
N GLU A 49 -0.61 1.02 16.03
CA GLU A 49 -1.01 1.87 17.14
C GLU A 49 -2.38 2.49 16.89
N LEU A 50 -2.38 3.77 16.53
CA LEU A 50 -3.63 4.50 16.27
C LEU A 50 -4.44 3.78 15.17
N THR A 51 -3.74 3.09 14.28
CA THR A 51 -4.39 2.37 13.21
C THR A 51 -5.52 1.49 13.72
N GLN A 52 -5.45 1.16 15.01
CA GLN A 52 -6.47 0.32 15.63
C GLN A 52 -7.06 1.00 16.86
N GLU A 53 -7.05 2.33 16.86
CA GLU A 53 -7.59 3.10 17.98
C GLU A 53 -8.13 4.44 17.51
N LEU A 54 -7.38 5.10 16.63
CA LEU A 54 -7.79 6.40 16.10
C LEU A 54 -7.56 6.47 14.59
N LYS A 55 -6.42 5.93 14.14
CA LYS A 55 -6.08 5.93 12.73
C LYS A 55 -6.67 4.70 12.04
N LEU A 56 -7.77 4.20 12.57
CA LEU A 56 -8.43 3.03 12.01
C LEU A 56 -9.35 3.43 10.85
N GLN A 57 -9.35 4.72 10.52
CA GLN A 57 -10.18 5.22 9.44
C GLN A 57 -9.32 5.82 8.33
N GLU A 58 -8.38 6.68 8.70
CA GLU A 58 -7.49 7.32 7.74
C GLU A 58 -7.00 6.31 6.70
N PHE A 59 -6.43 5.22 7.17
CA PHE A 59 -5.92 4.18 6.28
C PHE A 59 -7.02 3.65 5.37
N GLN A 60 -8.16 3.30 5.97
CA GLN A 60 -9.29 2.80 5.21
C GLN A 60 -9.68 3.75 4.09
N ASP A 61 -9.78 5.03 4.42
CA ASP A 61 -10.14 6.05 3.45
C ASP A 61 -9.07 6.18 2.37
N SER A 62 -7.81 5.98 2.76
CA SER A 62 -6.70 6.08 1.83
C SER A 62 -6.79 4.99 0.76
N LEU A 63 -6.73 3.74 1.19
CA LEU A 63 -6.81 2.62 0.26
C LEU A 63 -8.11 2.64 -0.52
N LYS A 64 -9.17 3.10 0.12
CA LYS A 64 -10.47 3.19 -0.51
C LYS A 64 -10.50 4.27 -1.58
N LYS A 65 -9.92 5.43 -1.26
CA LYS A 65 -9.87 6.54 -2.20
C LYS A 65 -9.10 6.17 -3.46
N VAL A 66 -7.91 5.61 -3.27
CA VAL A 66 -7.08 5.19 -4.39
C VAL A 66 -7.76 4.11 -5.22
N GLU A 67 -8.35 3.14 -4.54
CA GLU A 67 -9.04 2.05 -5.21
C GLU A 67 -10.12 2.57 -6.15
N LYS A 68 -11.01 3.39 -5.61
CA LYS A 68 -12.09 3.97 -6.39
C LYS A 68 -11.54 4.73 -7.60
N ALA A 69 -10.47 5.47 -7.38
CA ALA A 69 -9.84 6.24 -8.45
C ALA A 69 -9.01 5.35 -9.36
N SER A 70 -8.76 4.12 -8.91
CA SER A 70 -7.97 3.16 -9.68
C SER A 70 -8.82 1.96 -10.09
N LEU A 71 -10.13 2.05 -9.83
CA LEU A 71 -11.04 0.97 -10.17
C LEU A 71 -12.15 1.47 -11.10
N THR A 72 -12.52 2.74 -10.94
CA THR A 72 -13.57 3.33 -11.76
C THR A 72 -13.67 2.63 -13.11
N ASN A 73 -12.64 2.79 -13.93
CA ASN A 73 -12.63 2.18 -15.25
C ASN A 73 -11.33 1.41 -15.49
N LEU A 74 -10.87 0.72 -14.44
CA LEU A 74 -9.63 -0.06 -14.52
C LEU A 74 -9.92 -1.55 -14.43
N THR A 75 -11.15 -1.89 -14.06
CA THR A 75 -11.56 -3.29 -13.93
C THR A 75 -13.02 -3.47 -14.32
N PRO A 76 -13.34 -4.66 -14.86
CA PRO A 76 -14.70 -5.00 -15.29
C PRO A 76 -15.65 -5.15 -14.11
N GLU A 77 -15.13 -5.68 -13.00
CA GLU A 77 -15.94 -5.89 -11.80
C GLU A 77 -16.66 -4.60 -11.40
N LEU A 78 -15.98 -3.48 -11.60
CA LEU A 78 -16.56 -2.17 -11.26
C LEU A 78 -17.76 -1.86 -12.13
N LYS A 79 -17.55 -1.83 -13.45
CA LYS A 79 -18.63 -1.54 -14.38
C LYS A 79 -19.86 -2.38 -14.07
N ALA A 80 -19.65 -3.63 -13.67
CA ALA A 80 -20.74 -4.52 -13.33
C ALA A 80 -21.44 -4.07 -12.06
N SER A 81 -20.67 -3.78 -11.02
CA SER A 81 -21.21 -3.34 -9.74
C SER A 81 -21.97 -2.03 -9.91
N MET A 82 -21.34 -1.06 -10.57
CA MET A 82 -21.96 0.23 -10.79
C MET A 82 -23.21 0.11 -11.66
N ASP A 83 -23.14 -0.75 -12.67
CA ASP A 83 -24.27 -0.96 -13.57
C ASP A 83 -25.47 -1.51 -12.81
N GLU A 84 -25.22 -2.45 -11.91
CA GLU A 84 -26.29 -3.05 -11.12
C GLU A 84 -26.85 -2.04 -10.10
N LEU A 85 -25.96 -1.21 -9.56
CA LEU A 85 -26.36 -0.21 -8.58
C LEU A 85 -27.13 0.93 -9.24
N ARG A 86 -26.75 1.24 -10.48
CA ARG A 86 -27.40 2.31 -11.23
C ARG A 86 -28.80 1.89 -11.67
N GLN A 87 -28.89 0.74 -12.31
CA GLN A 87 -30.17 0.21 -12.78
C GLN A 87 -31.11 -0.07 -11.62
N ALA A 88 -30.57 -0.64 -10.55
CA ALA A 88 -31.36 -0.97 -9.37
C ALA A 88 -31.84 0.31 -8.67
N ALA A 89 -30.94 1.27 -8.53
CA ALA A 89 -31.27 2.53 -7.88
C ALA A 89 -32.23 3.35 -8.74
N GLU A 90 -31.98 3.38 -10.04
CA GLU A 90 -32.82 4.14 -10.96
C GLU A 90 -34.19 3.48 -11.10
N SER A 91 -34.20 2.16 -11.27
CA SER A 91 -35.45 1.42 -11.41
C SER A 91 -36.33 1.59 -10.17
N MET A 92 -35.72 1.49 -9.00
CA MET A 92 -36.44 1.63 -7.74
C MET A 92 -36.93 3.07 -7.56
N LYS A 93 -36.07 4.03 -7.88
CA LYS A 93 -36.41 5.44 -7.75
C LYS A 93 -37.35 5.88 -8.86
N ARG A 94 -37.47 5.05 -9.89
CA ARG A 94 -38.34 5.35 -11.02
C ARG A 94 -39.75 4.79 -10.79
N SER A 95 -39.82 3.65 -10.11
CA SER A 95 -41.10 3.02 -9.83
C SER A 95 -41.66 3.49 -8.49
N TYR A 96 -40.78 4.01 -7.64
CA TYR A 96 -41.19 4.50 -6.33
C TYR A 96 -41.55 5.98 -6.39
N VAL A 97 -40.65 6.79 -6.95
CA VAL A 97 -40.88 8.22 -7.06
C VAL A 97 -41.85 8.53 -8.20
N ALA A 98 -43.03 7.94 -8.13
CA ALA A 98 -44.05 8.15 -9.16
C ALA A 98 -45.29 7.32 -8.87
N ASN A 99 -45.61 7.13 -7.59
CA ASN A 99 -46.77 6.34 -7.20
C ASN A 99 -46.49 4.85 -7.35
N ASP A 100 -45.71 4.31 -6.42
CA ASP A 100 -45.37 2.89 -6.44
C ASP A 100 -46.61 2.03 -6.21
N PRO A 101 -46.97 1.23 -7.23
CA PRO A 101 -48.13 0.35 -7.17
C PRO A 101 -47.93 -0.82 -6.21
N LEU A 102 -46.69 -0.97 -5.75
CA LEU A 102 -46.36 -2.06 -4.82
C LEU A 102 -46.31 -1.55 -3.38
N GLU A 103 -46.96 -0.41 -3.15
CA GLU A 103 -46.99 0.19 -1.82
C GLU A 103 -48.20 1.10 -1.66
N HIS A 104 -48.39 1.99 -2.62
CA HIS A 104 -49.52 2.92 -2.59
C HIS A 104 -49.52 3.72 -1.29
N MET A 1 27.37 -20.98 -7.32
CA MET A 1 26.61 -22.22 -7.43
C MET A 1 27.50 -23.42 -7.18
N PHE A 2 28.74 -23.17 -6.77
CA PHE A 2 29.70 -24.24 -6.50
C PHE A 2 29.81 -24.50 -5.00
N ASP A 3 29.88 -23.43 -4.22
CA ASP A 3 30.00 -23.52 -2.77
C ASP A 3 30.08 -22.15 -2.13
N ILE A 4 31.15 -21.42 -2.46
CA ILE A 4 31.36 -20.08 -1.91
C ILE A 4 31.51 -20.12 -0.39
N GLY A 5 30.39 -20.14 0.31
CA GLY A 5 30.43 -20.18 1.77
C GLY A 5 30.54 -18.80 2.37
N PHE A 6 31.41 -17.97 1.81
CA PHE A 6 31.61 -16.62 2.31
C PHE A 6 32.58 -15.85 1.40
N SER A 7 33.34 -16.58 0.61
CA SER A 7 34.31 -15.96 -0.30
C SER A 7 33.69 -14.74 -0.99
N GLU A 8 32.44 -14.86 -1.40
CA GLU A 8 31.75 -13.77 -2.07
C GLU A 8 31.46 -12.63 -1.09
N LEU A 9 30.93 -12.98 0.08
CA LEU A 9 30.60 -11.99 1.10
C LEU A 9 31.80 -11.10 1.39
N LEU A 10 32.90 -11.70 1.84
CA LEU A 10 34.11 -10.95 2.16
C LEU A 10 34.57 -10.15 0.95
N LEU A 11 34.65 -10.80 -0.21
CA LEU A 11 35.07 -10.13 -1.43
C LEU A 11 34.27 -8.86 -1.68
N VAL A 12 32.97 -9.01 -1.93
CA VAL A 12 32.11 -7.88 -2.17
C VAL A 12 32.28 -6.80 -1.11
N PHE A 13 32.31 -7.23 0.16
CA PHE A 13 32.48 -6.31 1.27
C PHE A 13 33.76 -5.49 1.11
N ILE A 14 34.84 -6.16 0.72
CA ILE A 14 36.12 -5.50 0.53
C ILE A 14 36.07 -4.52 -0.65
N ILE A 15 35.70 -5.04 -1.82
CA ILE A 15 35.61 -4.20 -3.01
C ILE A 15 34.75 -2.98 -2.76
N GLY A 16 33.79 -3.10 -1.85
CA GLY A 16 32.92 -1.99 -1.52
C GLY A 16 33.65 -0.83 -0.88
N LEU A 17 34.62 -1.15 -0.03
CA LEU A 17 35.41 -0.13 0.65
C LEU A 17 36.52 0.39 -0.25
N VAL A 18 37.14 -0.51 -1.01
CA VAL A 18 38.22 -0.13 -1.92
C VAL A 18 37.68 0.67 -3.11
N VAL A 19 36.40 0.48 -3.40
CA VAL A 19 35.76 1.18 -4.51
C VAL A 19 35.03 2.43 -4.03
N LEU A 20 34.15 2.25 -3.05
CA LEU A 20 33.39 3.36 -2.50
C LEU A 20 34.23 4.18 -1.53
N GLY A 21 35.46 3.74 -1.30
CA GLY A 21 36.36 4.45 -0.40
C GLY A 21 35.88 4.40 1.03
N PRO A 22 36.80 4.10 1.96
CA PRO A 22 36.49 4.03 3.39
C PRO A 22 36.18 5.39 3.99
N GLN A 23 36.28 6.43 3.17
CA GLN A 23 36.02 7.79 3.61
C GLN A 23 34.57 7.96 4.03
N ARG A 24 33.66 7.34 3.27
CA ARG A 24 32.24 7.42 3.56
C ARG A 24 31.60 6.04 3.48
N LEU A 25 32.20 5.07 4.16
CA LEU A 25 31.68 3.71 4.17
C LEU A 25 30.40 3.61 5.01
N PRO A 26 30.49 4.07 6.26
CA PRO A 26 29.34 4.05 7.19
C PRO A 26 28.26 5.05 6.79
N VAL A 27 28.55 5.85 5.77
CA VAL A 27 27.59 6.85 5.29
C VAL A 27 26.35 6.18 4.70
N ALA A 28 26.58 5.21 3.83
CA ALA A 28 25.48 4.48 3.19
C ALA A 28 24.65 3.73 4.22
N VAL A 29 25.31 2.94 5.05
CA VAL A 29 24.64 2.15 6.08
C VAL A 29 23.79 3.06 6.98
N LYS A 30 24.43 4.07 7.56
CA LYS A 30 23.73 5.01 8.43
C LYS A 30 22.51 5.61 7.74
N THR A 31 22.70 6.06 6.50
CA THR A 31 21.62 6.65 5.73
C THR A 31 20.46 5.67 5.57
N VAL A 32 20.72 4.55 4.91
CA VAL A 32 19.70 3.54 4.69
C VAL A 32 18.93 3.23 5.97
N ALA A 33 19.64 2.71 6.96
CA ALA A 33 19.03 2.37 8.25
C ALA A 33 18.40 3.61 8.88
N GLY A 34 18.84 4.79 8.46
CA GLY A 34 18.31 6.02 9.00
C GLY A 34 16.83 6.19 8.72
N TRP A 35 16.48 6.38 7.45
CA TRP A 35 15.09 6.56 7.05
C TRP A 35 14.34 5.23 7.12
N ILE A 36 15.08 4.13 7.09
CA ILE A 36 14.48 2.80 7.15
C ILE A 36 13.86 2.53 8.51
N ARG A 37 14.63 2.76 9.56
CA ARG A 37 14.15 2.55 10.92
C ARG A 37 13.14 3.62 11.32
N ALA A 38 13.37 4.85 10.85
CA ALA A 38 12.49 5.96 11.15
C ALA A 38 11.09 5.71 10.61
N LEU A 39 11.01 5.41 9.32
CA LEU A 39 9.72 5.15 8.66
C LEU A 39 9.08 3.87 9.22
N ARG A 40 9.91 2.86 9.45
CA ARG A 40 9.42 1.59 9.98
C ARG A 40 8.78 1.78 11.35
N SER A 41 9.55 2.32 12.29
CA SER A 41 9.05 2.55 13.64
C SER A 41 7.80 3.42 13.62
N LEU A 42 7.82 4.46 12.79
CA LEU A 42 6.70 5.37 12.68
C LEU A 42 5.45 4.64 12.17
N ALA A 43 5.61 3.86 11.11
CA ALA A 43 4.51 3.11 10.53
C ALA A 43 3.82 2.26 11.60
N THR A 44 4.57 1.33 12.19
CA THR A 44 4.04 0.46 13.22
C THR A 44 3.42 1.25 14.36
N THR A 45 4.02 2.40 14.67
CA THR A 45 3.52 3.26 15.74
C THR A 45 2.12 3.76 15.43
N VAL A 46 1.81 3.91 14.14
CA VAL A 46 0.50 4.39 13.72
C VAL A 46 -0.34 3.24 13.16
N GLN A 47 0.14 2.02 13.34
CA GLN A 47 -0.57 0.84 12.84
C GLN A 47 -0.96 -0.08 13.99
N ASN A 48 -0.10 -0.16 15.00
CA ASN A 48 -0.37 -1.00 16.16
C ASN A 48 -0.82 -0.16 17.35
N GLU A 49 -1.38 1.01 17.07
CA GLU A 49 -1.85 1.91 18.12
C GLU A 49 -3.20 2.51 17.75
N LEU A 50 -3.17 3.77 17.31
CA LEU A 50 -4.39 4.48 16.92
C LEU A 50 -5.14 3.69 15.85
N THR A 51 -4.40 2.95 15.03
CA THR A 51 -4.99 2.16 13.96
C THR A 51 -6.15 1.30 14.49
N GLN A 52 -6.15 1.07 15.79
CA GLN A 52 -7.19 0.26 16.42
C GLN A 52 -7.85 1.03 17.55
N GLU A 53 -7.86 2.35 17.46
CA GLU A 53 -8.47 3.19 18.48
C GLU A 53 -8.99 4.49 17.87
N LEU A 54 -8.20 5.09 16.99
CA LEU A 54 -8.58 6.34 16.34
C LEU A 54 -8.27 6.29 14.85
N LYS A 55 -7.11 5.73 14.50
CA LYS A 55 -6.70 5.62 13.10
C LYS A 55 -7.23 4.33 12.49
N LEU A 56 -8.38 3.88 12.97
CA LEU A 56 -9.00 2.66 12.46
C LEU A 56 -9.86 2.95 11.25
N GLN A 57 -9.88 4.21 10.83
CA GLN A 57 -10.66 4.62 9.67
C GLN A 57 -9.77 5.16 8.56
N GLU A 58 -8.87 6.07 8.92
CA GLU A 58 -7.96 6.66 7.96
C GLU A 58 -7.38 5.60 7.03
N PHE A 59 -6.79 4.57 7.61
CA PHE A 59 -6.19 3.49 6.84
C PHE A 59 -7.23 2.85 5.92
N GLN A 60 -8.44 2.69 6.43
CA GLN A 60 -9.52 2.08 5.66
C GLN A 60 -9.90 2.96 4.47
N ASP A 61 -9.98 4.26 4.71
CA ASP A 61 -10.33 5.22 3.66
C ASP A 61 -9.25 5.27 2.59
N SER A 62 -7.99 5.27 3.04
CA SER A 62 -6.86 5.33 2.12
C SER A 62 -6.85 4.12 1.19
N LEU A 63 -6.74 2.94 1.79
CA LEU A 63 -6.72 1.69 1.02
C LEU A 63 -7.93 1.60 0.10
N LYS A 64 -9.09 1.98 0.63
CA LYS A 64 -10.33 1.93 -0.14
C LYS A 64 -10.27 2.90 -1.32
N LYS A 65 -9.88 4.14 -1.04
CA LYS A 65 -9.77 5.15 -2.09
C LYS A 65 -8.93 4.67 -3.25
N VAL A 66 -7.73 4.17 -2.93
CA VAL A 66 -6.82 3.66 -3.95
C VAL A 66 -7.36 2.37 -4.58
N GLU A 67 -8.00 1.55 -3.76
CA GLU A 67 -8.55 0.28 -4.23
C GLU A 67 -9.45 0.52 -5.44
N LYS A 68 -10.43 1.40 -5.29
CA LYS A 68 -11.36 1.70 -6.37
C LYS A 68 -10.66 2.45 -7.50
N ALA A 69 -9.79 3.38 -7.13
CA ALA A 69 -9.04 4.18 -8.10
C ALA A 69 -8.09 3.30 -8.90
N SER A 70 -7.84 2.09 -8.40
CA SER A 70 -6.93 1.16 -9.06
C SER A 70 -7.70 -0.04 -9.63
N LEU A 71 -8.95 -0.19 -9.18
CA LEU A 71 -9.79 -1.29 -9.64
C LEU A 71 -10.96 -0.77 -10.49
N THR A 72 -10.99 0.55 -10.69
CA THR A 72 -12.05 1.17 -11.48
C THR A 72 -12.25 0.44 -12.80
N ASN A 73 -11.16 -0.12 -13.33
CA ASN A 73 -11.23 -0.85 -14.59
C ASN A 73 -10.11 -1.88 -14.68
N LEU A 74 -9.61 -2.31 -13.52
CA LEU A 74 -8.54 -3.29 -13.47
C LEU A 74 -9.01 -4.58 -12.81
N THR A 75 -10.28 -4.92 -13.03
CA THR A 75 -10.86 -6.12 -12.45
C THR A 75 -12.34 -6.25 -12.80
N PRO A 76 -12.78 -7.47 -13.12
CA PRO A 76 -14.17 -7.74 -13.47
C PRO A 76 -15.10 -7.62 -12.27
N GLU A 77 -14.59 -7.95 -11.09
CA GLU A 77 -15.38 -7.87 -9.86
C GLU A 77 -16.07 -6.51 -9.74
N LEU A 78 -15.27 -5.45 -9.74
CA LEU A 78 -15.79 -4.10 -9.62
C LEU A 78 -16.89 -3.85 -10.65
N LYS A 79 -16.56 -4.07 -11.92
CA LYS A 79 -17.52 -3.88 -13.00
C LYS A 79 -18.87 -4.51 -12.65
N ALA A 80 -18.83 -5.68 -12.04
CA ALA A 80 -20.04 -6.39 -11.64
C ALA A 80 -20.77 -5.65 -10.53
N SER A 81 -20.02 -5.20 -9.52
CA SER A 81 -20.60 -4.49 -8.40
C SER A 81 -21.22 -3.17 -8.85
N MET A 82 -20.45 -2.40 -9.63
CA MET A 82 -20.93 -1.12 -10.13
C MET A 82 -22.13 -1.30 -11.05
N ASP A 83 -22.07 -2.34 -11.88
CA ASP A 83 -23.16 -2.63 -12.82
C ASP A 83 -24.46 -2.91 -12.06
N GLU A 84 -24.36 -3.72 -11.02
CA GLU A 84 -25.52 -4.08 -10.21
C GLU A 84 -26.05 -2.87 -9.44
N LEU A 85 -25.13 -2.03 -8.98
CA LEU A 85 -25.50 -0.83 -8.23
C LEU A 85 -26.11 0.23 -9.15
N ARG A 86 -25.64 0.26 -10.39
CA ARG A 86 -26.13 1.22 -11.37
C ARG A 86 -27.54 0.86 -11.82
N GLN A 87 -27.73 -0.38 -12.25
CA GLN A 87 -29.03 -0.85 -12.71
C GLN A 87 -30.04 -0.84 -11.57
N ALA A 88 -29.60 -1.25 -10.39
CA ALA A 88 -30.48 -1.28 -9.22
C ALA A 88 -30.87 0.13 -8.79
N ALA A 89 -29.89 1.02 -8.76
CA ALA A 89 -30.13 2.41 -8.37
C ALA A 89 -30.96 3.14 -9.42
N GLU A 90 -30.63 2.90 -10.69
CA GLU A 90 -31.34 3.55 -11.79
C GLU A 90 -32.77 3.01 -11.89
N SER A 91 -32.91 1.69 -11.82
CA SER A 91 -34.22 1.05 -11.91
C SER A 91 -35.14 1.51 -10.78
N MET A 92 -34.58 1.58 -9.57
CA MET A 92 -35.36 2.01 -8.41
C MET A 92 -35.71 3.49 -8.51
N LYS A 93 -34.75 4.30 -8.94
CA LYS A 93 -34.96 5.73 -9.08
C LYS A 93 -35.81 6.03 -10.31
N ARG A 94 -35.93 5.05 -11.20
CA ARG A 94 -36.71 5.21 -12.42
C ARG A 94 -38.18 4.87 -12.17
N SER A 95 -38.41 3.87 -11.32
CA SER A 95 -39.76 3.44 -11.00
C SER A 95 -40.32 4.22 -9.82
N TYR A 96 -39.43 4.78 -9.01
CA TYR A 96 -39.83 5.56 -7.84
C TYR A 96 -39.99 7.03 -8.20
N VAL A 97 -39.06 7.54 -9.01
CA VAL A 97 -39.09 8.94 -9.42
C VAL A 97 -39.68 9.08 -10.83
N ALA A 98 -40.92 8.64 -11.00
CA ALA A 98 -41.59 8.72 -12.28
C ALA A 98 -43.00 8.14 -12.21
N ASN A 99 -43.10 6.94 -11.64
CA ASN A 99 -44.39 6.27 -11.50
C ASN A 99 -44.41 5.36 -10.28
N ASP A 100 -44.45 5.98 -9.10
CA ASP A 100 -44.48 5.23 -7.84
C ASP A 100 -45.79 5.45 -7.11
N PRO A 101 -46.80 4.65 -7.45
CA PRO A 101 -48.14 4.74 -6.83
C PRO A 101 -48.13 4.27 -5.37
N LEU A 102 -47.01 3.70 -4.95
CA LEU A 102 -46.87 3.21 -3.59
C LEU A 102 -46.64 4.37 -2.61
N GLU A 103 -46.39 5.56 -3.16
CA GLU A 103 -46.15 6.73 -2.34
C GLU A 103 -47.42 7.58 -2.21
N HIS A 104 -48.57 6.92 -2.29
CA HIS A 104 -49.86 7.60 -2.19
C HIS A 104 -50.04 8.58 -3.34
N MET A 1 26.13 -21.38 -7.44
CA MET A 1 25.25 -22.53 -7.30
C MET A 1 26.07 -23.82 -7.17
N PHE A 2 27.16 -23.75 -6.42
CA PHE A 2 28.03 -24.90 -6.22
C PHE A 2 28.24 -25.17 -4.73
N ASP A 3 28.47 -24.11 -3.97
CA ASP A 3 28.68 -24.23 -2.53
C ASP A 3 28.95 -22.86 -1.90
N ILE A 4 30.08 -22.27 -2.26
CA ILE A 4 30.46 -20.96 -1.73
C ILE A 4 30.68 -21.02 -0.23
N GLY A 5 29.60 -20.93 0.52
CA GLY A 5 29.69 -20.98 1.97
C GLY A 5 29.95 -19.61 2.58
N PHE A 6 30.85 -18.85 1.97
CA PHE A 6 31.19 -17.52 2.46
C PHE A 6 32.16 -16.82 1.50
N SER A 7 32.85 -17.62 0.69
CA SER A 7 33.82 -17.08 -0.26
C SER A 7 33.28 -15.83 -0.94
N GLU A 8 32.00 -15.87 -1.31
CA GLU A 8 31.36 -14.75 -1.98
C GLU A 8 31.18 -13.58 -1.01
N LEU A 9 30.67 -13.87 0.19
CA LEU A 9 30.45 -12.84 1.20
C LEU A 9 31.73 -12.02 1.42
N LEU A 10 32.79 -12.70 1.85
CA LEU A 10 34.06 -12.03 2.10
C LEU A 10 34.54 -11.28 0.86
N LEU A 11 34.52 -11.96 -0.28
CA LEU A 11 34.95 -11.35 -1.53
C LEU A 11 34.23 -10.03 -1.77
N VAL A 12 32.91 -10.10 -1.98
CA VAL A 12 32.11 -8.91 -2.21
C VAL A 12 32.41 -7.83 -1.19
N PHE A 13 32.45 -8.23 0.09
CA PHE A 13 32.72 -7.29 1.17
C PHE A 13 34.05 -6.57 0.94
N ILE A 14 35.06 -7.32 0.52
CA ILE A 14 36.37 -6.75 0.25
C ILE A 14 36.34 -5.81 -0.94
N ILE A 15 35.91 -6.33 -2.09
CA ILE A 15 35.83 -5.53 -3.30
C ILE A 15 35.06 -4.23 -3.05
N GLY A 16 34.13 -4.27 -2.10
CA GLY A 16 33.34 -3.10 -1.79
C GLY A 16 34.18 -1.97 -1.21
N LEU A 17 35.15 -2.33 -0.38
CA LEU A 17 36.03 -1.34 0.25
C LEU A 17 37.14 -0.92 -0.71
N VAL A 18 37.66 -1.88 -1.46
CA VAL A 18 38.73 -1.61 -2.41
C VAL A 18 38.21 -0.81 -3.60
N VAL A 19 36.90 -0.91 -3.85
CA VAL A 19 36.28 -0.20 -4.96
C VAL A 19 35.65 1.10 -4.49
N LEU A 20 34.80 1.01 -3.47
CA LEU A 20 34.13 2.18 -2.92
C LEU A 20 35.06 2.97 -2.02
N GLY A 21 36.27 2.45 -1.82
CA GLY A 21 37.24 3.12 -0.98
C GLY A 21 36.81 3.15 0.48
N PRO A 22 37.75 2.81 1.38
CA PRO A 22 37.48 2.81 2.82
C PRO A 22 37.30 4.20 3.39
N GLN A 23 37.44 5.21 2.53
CA GLN A 23 37.30 6.60 2.95
C GLN A 23 35.87 6.88 3.42
N ARG A 24 34.90 6.28 2.73
CA ARG A 24 33.50 6.46 3.07
C ARG A 24 32.75 5.13 3.05
N LEU A 25 33.31 4.14 3.73
CA LEU A 25 32.70 2.82 3.80
C LEU A 25 31.45 2.83 4.67
N PRO A 26 31.61 3.31 5.91
CA PRO A 26 30.52 3.40 6.88
C PRO A 26 29.49 4.45 6.49
N VAL A 27 29.79 5.22 5.45
CA VAL A 27 28.89 6.27 4.98
C VAL A 27 27.58 5.68 4.45
N ALA A 28 27.71 4.66 3.59
CA ALA A 28 26.54 4.02 3.01
C ALA A 28 25.70 3.35 4.09
N VAL A 29 26.34 2.53 4.92
CA VAL A 29 25.65 1.83 6.00
C VAL A 29 24.89 2.81 6.88
N LYS A 30 25.59 3.81 7.40
CA LYS A 30 24.98 4.82 8.26
C LYS A 30 23.78 5.46 7.58
N THR A 31 23.96 5.85 6.32
CA THR A 31 22.89 6.48 5.56
C THR A 31 21.65 5.58 5.50
N VAL A 32 21.78 4.43 4.85
CA VAL A 32 20.68 3.48 4.73
C VAL A 32 19.99 3.27 6.08
N ALA A 33 20.74 2.71 7.03
CA ALA A 33 20.21 2.45 8.35
C ALA A 33 19.65 3.72 8.99
N GLY A 34 20.12 4.86 8.50
CA GLY A 34 19.65 6.14 9.04
C GLY A 34 18.17 6.35 8.80
N TRP A 35 17.79 6.55 7.54
CA TRP A 35 16.40 6.76 7.19
C TRP A 35 15.60 5.47 7.29
N ILE A 36 16.30 4.34 7.28
CA ILE A 36 15.65 3.04 7.37
C ILE A 36 15.08 2.81 8.76
N ARG A 37 15.92 3.01 9.78
CA ARG A 37 15.49 2.83 11.16
C ARG A 37 14.54 3.93 11.59
N ALA A 38 14.76 5.13 11.07
CA ALA A 38 13.91 6.28 11.41
C ALA A 38 12.49 6.07 10.90
N LEU A 39 12.36 5.78 9.61
CA LEU A 39 11.06 5.56 8.99
C LEU A 39 10.38 4.32 9.57
N ARG A 40 11.18 3.28 9.82
CA ARG A 40 10.66 2.04 10.39
C ARG A 40 10.04 2.28 11.75
N SER A 41 10.81 2.87 12.66
CA SER A 41 10.34 3.14 14.01
C SER A 41 9.10 4.04 13.98
N LEU A 42 9.13 5.04 13.10
CA LEU A 42 8.01 5.96 12.96
C LEU A 42 6.74 5.23 12.55
N ALA A 43 6.86 4.37 11.55
CA ALA A 43 5.73 3.60 11.05
C ALA A 43 5.12 2.75 12.16
N THR A 44 5.95 1.93 12.80
CA THR A 44 5.50 1.06 13.87
C THR A 44 4.94 1.87 15.04
N THR A 45 5.51 3.06 15.26
CA THR A 45 5.07 3.92 16.33
C THR A 45 3.70 4.51 16.05
N VAL A 46 3.39 4.68 14.76
CA VAL A 46 2.10 5.23 14.35
C VAL A 46 1.19 4.14 13.80
N GLN A 47 1.62 2.89 13.92
CA GLN A 47 0.85 1.76 13.44
C GLN A 47 0.56 0.77 14.56
N ASN A 48 1.45 0.73 15.54
CA ASN A 48 1.29 -0.18 16.68
C ASN A 48 0.90 0.59 17.93
N GLU A 49 0.35 1.78 17.74
CA GLU A 49 -0.06 2.62 18.86
C GLU A 49 -1.45 3.22 18.61
N LEU A 50 -1.48 4.48 18.23
CA LEU A 50 -2.75 5.17 17.96
C LEU A 50 -3.56 4.42 16.91
N THR A 51 -2.86 3.71 16.03
CA THR A 51 -3.52 2.93 14.99
C THR A 51 -4.66 2.09 15.55
N GLN A 52 -4.57 1.79 16.84
CA GLN A 52 -5.60 0.99 17.51
C GLN A 52 -6.13 1.70 18.74
N GLU A 53 -6.14 3.03 18.70
CA GLU A 53 -6.62 3.82 19.82
C GLU A 53 -7.17 5.16 19.34
N LEU A 54 -6.46 5.79 18.41
CA LEU A 54 -6.88 7.07 17.87
C LEU A 54 -6.67 7.12 16.36
N LYS A 55 -5.56 6.57 15.90
CA LYS A 55 -5.25 6.54 14.48
C LYS A 55 -5.90 5.34 13.80
N LEU A 56 -6.89 4.75 14.47
CA LEU A 56 -7.60 3.60 13.92
C LEU A 56 -8.56 4.02 12.81
N GLN A 57 -8.56 5.31 12.50
CA GLN A 57 -9.43 5.83 11.46
C GLN A 57 -8.62 6.43 10.31
N GLU A 58 -7.65 7.27 10.67
CA GLU A 58 -6.80 7.91 9.67
C GLU A 58 -6.37 6.92 8.60
N PHE A 59 -5.79 5.81 9.02
CA PHE A 59 -5.35 4.78 8.09
C PHE A 59 -6.50 4.28 7.22
N GLN A 60 -7.65 4.04 7.86
CA GLN A 60 -8.83 3.56 7.15
C GLN A 60 -9.27 4.57 6.10
N ASP A 61 -9.26 5.85 6.46
CA ASP A 61 -9.67 6.91 5.54
C ASP A 61 -8.72 6.98 4.35
N SER A 62 -7.43 6.77 4.60
CA SER A 62 -6.43 6.81 3.55
C SER A 62 -6.64 5.67 2.56
N LEU A 63 -6.59 4.44 3.06
CA LEU A 63 -6.79 3.27 2.21
C LEU A 63 -8.14 3.29 1.53
N LYS A 64 -9.10 3.98 2.16
CA LYS A 64 -10.44 4.08 1.61
C LYS A 64 -10.51 5.13 0.50
N LYS A 65 -9.98 6.31 0.78
CA LYS A 65 -9.97 7.40 -0.19
C LYS A 65 -9.25 6.98 -1.47
N VAL A 66 -8.21 6.17 -1.32
CA VAL A 66 -7.44 5.69 -2.46
C VAL A 66 -8.17 4.55 -3.17
N GLU A 67 -8.71 3.62 -2.39
CA GLU A 67 -9.43 2.48 -2.94
C GLU A 67 -10.53 2.94 -3.88
N LYS A 68 -11.28 3.94 -3.46
CA LYS A 68 -12.38 4.48 -4.26
C LYS A 68 -11.84 5.31 -5.41
N ALA A 69 -10.86 6.17 -5.12
CA ALA A 69 -10.26 7.03 -6.13
C ALA A 69 -9.61 6.20 -7.23
N SER A 70 -9.30 4.94 -6.92
CA SER A 70 -8.67 4.05 -7.87
C SER A 70 -9.68 3.07 -8.47
N LEU A 71 -10.33 2.30 -7.59
CA LEU A 71 -11.32 1.33 -8.02
C LEU A 71 -12.28 1.94 -9.03
N THR A 72 -12.55 3.24 -8.87
CA THR A 72 -13.45 3.95 -9.77
C THR A 72 -13.28 3.47 -11.21
N ASN A 73 -12.05 3.14 -11.58
CA ASN A 73 -11.77 2.66 -12.93
C ASN A 73 -10.45 1.89 -12.96
N LEU A 74 -10.13 1.23 -11.86
CA LEU A 74 -8.90 0.44 -11.76
C LEU A 74 -9.21 -1.04 -11.61
N THR A 75 -10.48 -1.40 -11.82
CA THR A 75 -10.90 -2.79 -11.71
C THR A 75 -12.29 -2.99 -12.31
N PRO A 76 -12.53 -4.19 -12.88
CA PRO A 76 -13.80 -4.53 -13.49
C PRO A 76 -14.92 -4.69 -12.46
N GLU A 77 -14.57 -5.23 -11.30
CA GLU A 77 -15.55 -5.43 -10.24
C GLU A 77 -16.37 -4.17 -9.99
N LEU A 78 -15.73 -3.03 -10.17
CA LEU A 78 -16.40 -1.74 -9.98
C LEU A 78 -17.40 -1.48 -11.09
N LYS A 79 -16.89 -1.27 -12.30
CA LYS A 79 -17.75 -1.01 -13.46
C LYS A 79 -18.96 -1.94 -13.46
N ALA A 80 -18.74 -3.19 -13.08
CA ALA A 80 -19.81 -4.18 -13.03
C ALA A 80 -20.81 -3.86 -11.92
N SER A 81 -20.28 -3.61 -10.72
CA SER A 81 -21.12 -3.29 -9.57
C SER A 81 -21.94 -2.03 -9.82
N MET A 82 -21.26 -0.99 -10.31
CA MET A 82 -21.92 0.28 -10.60
C MET A 82 -22.96 0.12 -11.70
N ASP A 83 -22.61 -0.65 -12.73
CA ASP A 83 -23.52 -0.89 -13.84
C ASP A 83 -24.80 -1.57 -13.37
N GLU A 84 -24.67 -2.52 -12.46
CA GLU A 84 -25.81 -3.24 -11.93
C GLU A 84 -26.64 -2.36 -11.01
N LEU A 85 -25.95 -1.49 -10.26
CA LEU A 85 -26.62 -0.59 -9.33
C LEU A 85 -27.33 0.52 -10.09
N ARG A 86 -26.74 0.95 -11.20
CA ARG A 86 -27.32 2.02 -12.01
C ARG A 86 -28.54 1.52 -12.77
N GLN A 87 -28.40 0.40 -13.46
CA GLN A 87 -29.49 -0.17 -14.23
C GLN A 87 -30.64 -0.60 -13.31
N ALA A 88 -30.29 -1.21 -12.18
CA ALA A 88 -31.29 -1.65 -11.21
C ALA A 88 -32.00 -0.47 -10.57
N ALA A 89 -31.23 0.55 -10.19
CA ALA A 89 -31.80 1.73 -9.57
C ALA A 89 -32.62 2.53 -10.56
N GLU A 90 -32.10 2.68 -11.77
CA GLU A 90 -32.79 3.43 -12.82
C GLU A 90 -34.06 2.69 -13.27
N SER A 91 -33.91 1.41 -13.59
CA SER A 91 -35.03 0.60 -14.03
C SER A 91 -36.16 0.62 -13.00
N MET A 92 -35.80 0.37 -11.74
CA MET A 92 -36.79 0.36 -10.66
C MET A 92 -37.41 1.74 -10.48
N LYS A 93 -36.58 2.77 -10.56
CA LYS A 93 -37.05 4.15 -10.41
C LYS A 93 -37.89 4.58 -11.61
N ARG A 94 -37.72 3.86 -12.72
CA ARG A 94 -38.45 4.17 -13.94
C ARG A 94 -39.82 3.50 -13.94
N SER A 95 -39.90 2.31 -13.34
CA SER A 95 -41.14 1.57 -13.26
C SER A 95 -41.91 1.90 -11.99
N TYR A 96 -41.20 2.49 -11.02
CA TYR A 96 -41.81 2.85 -9.75
C TYR A 96 -42.24 4.33 -9.77
N VAL A 97 -41.39 5.17 -10.34
CA VAL A 97 -41.69 6.60 -10.42
C VAL A 97 -42.25 6.97 -11.78
N ALA A 98 -43.38 6.35 -12.13
CA ALA A 98 -44.03 6.62 -13.41
C ALA A 98 -45.30 5.78 -13.56
N ASN A 99 -45.27 4.56 -13.04
CA ASN A 99 -46.41 3.67 -13.11
C ASN A 99 -46.15 2.39 -12.33
N ASP A 100 -46.34 2.45 -11.02
CA ASP A 100 -46.12 1.29 -10.15
C ASP A 100 -47.45 0.78 -9.60
N PRO A 101 -48.20 0.05 -10.44
CA PRO A 101 -49.50 -0.52 -10.06
C PRO A 101 -49.36 -1.65 -9.04
N LEU A 102 -48.13 -2.06 -8.78
CA LEU A 102 -47.86 -3.12 -7.83
C LEU A 102 -48.05 -2.65 -6.40
N GLU A 103 -48.00 -1.33 -6.21
CA GLU A 103 -48.17 -0.74 -4.88
C GLU A 103 -49.02 0.53 -4.96
N HIS A 104 -48.53 1.51 -5.71
CA HIS A 104 -49.24 2.78 -5.86
C HIS A 104 -50.62 2.56 -6.48
N MET A 1 23.39 -20.50 -8.42
CA MET A 1 21.97 -20.80 -8.59
C MET A 1 21.56 -21.99 -7.74
N PHE A 2 22.52 -22.56 -7.02
CA PHE A 2 22.25 -23.71 -6.16
C PHE A 2 22.00 -23.26 -4.72
N ASP A 3 22.82 -22.33 -4.24
CA ASP A 3 22.69 -21.82 -2.88
C ASP A 3 23.78 -20.79 -2.59
N ILE A 4 25.04 -21.22 -2.66
CA ILE A 4 26.16 -20.34 -2.40
C ILE A 4 26.12 -19.81 -0.97
N GLY A 5 25.41 -18.69 -0.78
CA GLY A 5 25.30 -18.10 0.54
C GLY A 5 26.57 -18.28 1.36
N PHE A 6 27.72 -18.03 0.75
CA PHE A 6 29.00 -18.18 1.43
C PHE A 6 30.13 -17.62 0.59
N SER A 7 30.35 -18.24 -0.58
CA SER A 7 31.40 -17.81 -1.48
C SER A 7 31.15 -16.39 -1.97
N GLU A 8 30.06 -16.20 -2.70
CA GLU A 8 29.72 -14.89 -3.24
C GLU A 8 29.40 -13.90 -2.11
N LEU A 9 28.83 -14.43 -1.03
CA LEU A 9 28.48 -13.61 0.12
C LEU A 9 29.73 -12.97 0.73
N LEU A 10 30.70 -13.80 1.08
CA LEU A 10 31.95 -13.31 1.67
C LEU A 10 32.67 -12.38 0.72
N LEU A 11 32.91 -12.84 -0.50
CA LEU A 11 33.59 -12.04 -1.50
C LEU A 11 32.99 -10.64 -1.60
N VAL A 12 31.72 -10.58 -1.99
CA VAL A 12 31.02 -9.31 -2.12
C VAL A 12 31.20 -8.45 -0.87
N PHE A 13 31.02 -9.06 0.29
CA PHE A 13 31.16 -8.36 1.57
C PHE A 13 32.56 -7.74 1.68
N ILE A 14 33.56 -8.43 1.14
CA ILE A 14 34.93 -7.94 1.19
C ILE A 14 35.16 -6.85 0.14
N ILE A 15 34.83 -7.16 -1.11
CA ILE A 15 35.00 -6.22 -2.20
C ILE A 15 34.34 -4.88 -1.88
N GLY A 16 33.26 -4.94 -1.11
CA GLY A 16 32.55 -3.73 -0.73
C GLY A 16 33.40 -2.79 0.09
N LEU A 17 34.24 -3.35 0.96
CA LEU A 17 35.10 -2.56 1.81
C LEU A 17 36.37 -2.14 1.07
N VAL A 18 36.91 -3.06 0.28
CA VAL A 18 38.12 -2.79 -0.49
C VAL A 18 37.84 -1.82 -1.63
N VAL A 19 36.58 -1.74 -2.03
CA VAL A 19 36.18 -0.85 -3.12
C VAL A 19 35.62 0.46 -2.57
N LEU A 20 34.64 0.35 -1.68
CA LEU A 20 34.01 1.52 -1.08
C LEU A 20 34.89 2.09 0.04
N GLY A 21 36.00 1.42 0.31
CA GLY A 21 36.90 1.87 1.36
C GLY A 21 36.28 1.77 2.74
N PRO A 22 37.04 1.22 3.70
CA PRO A 22 36.58 1.06 5.08
C PRO A 22 36.45 2.40 5.81
N GLN A 23 36.80 3.48 5.11
CA GLN A 23 36.73 4.82 5.70
C GLN A 23 35.28 5.19 6.01
N ARG A 24 34.38 4.83 5.11
CA ARG A 24 32.96 5.13 5.27
C ARG A 24 32.11 3.90 4.99
N LEU A 25 32.47 2.77 5.60
CA LEU A 25 31.73 1.53 5.41
C LEU A 25 30.38 1.58 6.12
N PRO A 26 30.41 1.91 7.42
CA PRO A 26 29.20 2.00 8.24
C PRO A 26 28.33 3.19 7.86
N VAL A 27 28.86 4.04 6.98
CA VAL A 27 28.14 5.24 6.53
C VAL A 27 26.87 4.86 5.77
N ALA A 28 27.01 3.94 4.82
CA ALA A 28 25.88 3.49 4.01
C ALA A 28 24.83 2.80 4.88
N VAL A 29 25.27 1.80 5.64
CA VAL A 29 24.36 1.06 6.52
C VAL A 29 23.59 2.00 7.44
N LYS A 30 24.33 2.83 8.18
CA LYS A 30 23.72 3.79 9.09
C LYS A 30 22.69 4.66 8.37
N THR A 31 23.08 5.18 7.20
CA THR A 31 22.20 6.03 6.41
C THR A 31 20.90 5.31 6.08
N VAL A 32 21.00 4.26 5.29
CA VAL A 32 19.82 3.47 4.90
C VAL A 32 18.95 3.16 6.10
N ALA A 33 19.49 2.38 7.04
CA ALA A 33 18.75 2.00 8.23
C ALA A 33 18.25 3.24 8.97
N GLY A 34 18.90 4.37 8.75
CA GLY A 34 18.50 5.60 9.40
C GLY A 34 17.09 6.03 9.03
N TRP A 35 16.91 6.43 7.77
CA TRP A 35 15.60 6.87 7.29
C TRP A 35 14.68 5.67 7.08
N ILE A 36 15.26 4.48 6.96
CA ILE A 36 14.49 3.26 6.77
C ILE A 36 13.70 2.91 8.03
N ARG A 37 14.38 2.89 9.16
CA ARG A 37 13.76 2.56 10.44
C ARG A 37 12.87 3.72 10.92
N ALA A 38 13.30 4.94 10.64
CA ALA A 38 12.54 6.12 11.04
C ALA A 38 11.18 6.16 10.35
N LEU A 39 11.18 6.03 9.03
CA LEU A 39 9.94 6.04 8.26
C LEU A 39 9.11 4.80 8.55
N ARG A 40 9.77 3.65 8.67
CA ARG A 40 9.09 2.40 8.95
C ARG A 40 8.34 2.46 10.28
N SER A 41 9.07 2.79 11.34
CA SER A 41 8.48 2.88 12.66
C SER A 41 7.37 3.93 12.70
N LEU A 42 7.61 5.06 12.03
CA LEU A 42 6.63 6.13 11.98
C LEU A 42 5.34 5.67 11.33
N ALA A 43 5.47 4.98 10.19
CA ALA A 43 4.31 4.48 9.47
C ALA A 43 3.49 3.51 10.34
N THR A 44 4.15 2.48 10.84
CA THR A 44 3.49 1.48 11.68
C THR A 44 2.93 2.13 12.95
N THR A 45 3.63 3.14 13.45
CA THR A 45 3.20 3.84 14.66
C THR A 45 1.95 4.67 14.40
N VAL A 46 1.78 5.10 13.15
CA VAL A 46 0.62 5.89 12.78
C VAL A 46 -0.36 5.08 11.93
N GLN A 47 -0.10 3.78 11.82
CA GLN A 47 -0.95 2.89 11.05
C GLN A 47 -1.46 1.74 11.91
N ASN A 48 -0.70 1.40 12.95
CA ASN A 48 -1.08 0.32 13.86
C ASN A 48 -1.52 0.87 15.20
N GLU A 49 -1.84 2.16 15.23
CA GLU A 49 -2.28 2.81 16.46
C GLU A 49 -3.56 3.60 16.23
N LEU A 50 -3.43 4.92 16.13
CA LEU A 50 -4.57 5.80 15.91
C LEU A 50 -5.38 5.34 14.70
N THR A 51 -4.70 4.68 13.76
CA THR A 51 -5.36 4.19 12.55
C THR A 51 -6.64 3.43 12.89
N GLN A 52 -6.70 2.90 14.10
CA GLN A 52 -7.86 2.15 14.55
C GLN A 52 -8.40 2.70 15.85
N GLU A 53 -8.25 4.01 16.04
CA GLU A 53 -8.72 4.67 17.26
C GLU A 53 -9.06 6.13 16.99
N LEU A 54 -8.19 6.80 16.23
CA LEU A 54 -8.41 8.21 15.90
C LEU A 54 -8.10 8.48 14.43
N LYS A 55 -7.03 7.87 13.93
CA LYS A 55 -6.63 8.03 12.54
C LYS A 55 -7.33 7.02 11.65
N LEU A 56 -8.57 6.70 11.99
CA LEU A 56 -9.36 5.74 11.22
C LEU A 56 -10.25 6.44 10.20
N GLN A 57 -10.08 7.75 10.10
CA GLN A 57 -10.87 8.55 9.16
C GLN A 57 -9.96 9.38 8.25
N GLU A 58 -9.36 10.42 8.82
CA GLU A 58 -8.48 11.29 8.06
C GLU A 58 -7.55 10.47 7.16
N PHE A 59 -6.97 9.42 7.72
CA PHE A 59 -6.07 8.56 6.98
C PHE A 59 -6.84 7.65 6.03
N GLN A 60 -7.61 6.73 6.60
CA GLN A 60 -8.40 5.79 5.81
C GLN A 60 -9.05 6.50 4.63
N ASP A 61 -9.68 7.65 4.90
CA ASP A 61 -10.35 8.41 3.86
C ASP A 61 -9.36 8.85 2.79
N SER A 62 -8.24 9.42 3.22
CA SER A 62 -7.21 9.89 2.30
C SER A 62 -6.87 8.82 1.27
N LEU A 63 -6.68 7.59 1.74
CA LEU A 63 -6.36 6.47 0.87
C LEU A 63 -7.51 6.18 -0.09
N LYS A 64 -8.72 6.25 0.42
CA LYS A 64 -9.91 6.00 -0.39
C LYS A 64 -10.06 7.05 -1.48
N LYS A 65 -9.92 8.32 -1.09
CA LYS A 65 -10.04 9.43 -2.03
C LYS A 65 -9.07 9.26 -3.19
N VAL A 66 -7.80 9.03 -2.87
CA VAL A 66 -6.78 8.85 -3.88
C VAL A 66 -6.97 7.53 -4.64
N GLU A 67 -7.45 6.52 -3.93
CA GLU A 67 -7.69 5.21 -4.54
C GLU A 67 -8.58 5.33 -5.78
N LYS A 68 -9.75 5.95 -5.59
CA LYS A 68 -10.69 6.13 -6.70
C LYS A 68 -10.15 7.15 -7.70
N ALA A 69 -9.55 8.21 -7.20
CA ALA A 69 -8.99 9.25 -8.05
C ALA A 69 -7.82 8.72 -8.88
N SER A 70 -7.30 7.56 -8.48
CA SER A 70 -6.17 6.96 -9.18
C SER A 70 -6.61 5.69 -9.90
N LEU A 71 -7.79 5.19 -9.54
CA LEU A 71 -8.33 3.98 -10.15
C LEU A 71 -9.56 4.29 -11.00
N THR A 72 -9.90 5.57 -11.07
CA THR A 72 -11.05 6.01 -11.85
C THR A 72 -11.04 5.40 -13.25
N ASN A 73 -9.84 5.18 -13.78
CA ASN A 73 -9.68 4.60 -15.11
C ASN A 73 -8.35 3.87 -15.24
N LEU A 74 -7.79 3.46 -14.09
CA LEU A 74 -6.53 2.75 -14.07
C LEU A 74 -6.71 1.33 -13.57
N THR A 75 -7.85 0.74 -13.88
CA THR A 75 -8.15 -0.63 -13.46
C THR A 75 -9.55 -1.05 -13.88
N PRO A 76 -9.68 -2.29 -14.36
CA PRO A 76 -10.96 -2.83 -14.81
C PRO A 76 -11.93 -3.08 -13.65
N GLU A 77 -11.37 -3.43 -12.49
CA GLU A 77 -12.18 -3.69 -11.31
C GLU A 77 -13.17 -2.56 -11.06
N LEU A 78 -12.66 -1.35 -10.91
CA LEU A 78 -13.50 -0.18 -10.67
C LEU A 78 -14.62 -0.09 -11.70
N LYS A 79 -14.24 -0.03 -12.97
CA LYS A 79 -15.21 0.05 -14.05
C LYS A 79 -16.31 -0.99 -13.87
N ALA A 80 -15.92 -2.25 -13.69
CA ALA A 80 -16.87 -3.33 -13.51
C ALA A 80 -17.78 -3.06 -12.31
N SER A 81 -17.22 -2.43 -11.28
CA SER A 81 -17.99 -2.12 -10.08
C SER A 81 -19.10 -1.12 -10.38
N MET A 82 -18.71 0.04 -10.91
CA MET A 82 -19.67 1.08 -11.25
C MET A 82 -20.76 0.54 -12.16
N ASP A 83 -20.36 -0.27 -13.14
CA ASP A 83 -21.31 -0.85 -14.09
C ASP A 83 -22.34 -1.72 -13.36
N GLU A 84 -21.85 -2.65 -12.55
CA GLU A 84 -22.73 -3.54 -11.80
C GLU A 84 -23.55 -2.76 -10.77
N LEU A 85 -22.97 -1.68 -10.26
CA LEU A 85 -23.64 -0.85 -9.27
C LEU A 85 -24.74 -0.01 -9.92
N ARG A 86 -24.52 0.38 -11.17
CA ARG A 86 -25.49 1.19 -11.90
C ARG A 86 -26.70 0.34 -12.31
N GLN A 87 -26.42 -0.79 -12.95
CA GLN A 87 -27.48 -1.69 -13.39
C GLN A 87 -28.27 -2.24 -12.21
N ALA A 88 -27.56 -2.61 -11.15
CA ALA A 88 -28.19 -3.14 -9.95
C ALA A 88 -29.03 -2.08 -9.25
N ALA A 89 -28.46 -0.88 -9.12
CA ALA A 89 -29.15 0.22 -8.47
C ALA A 89 -30.34 0.69 -9.30
N GLU A 90 -30.13 0.81 -10.61
CA GLU A 90 -31.18 1.25 -11.51
C GLU A 90 -32.30 0.22 -11.60
N SER A 91 -31.92 -1.04 -11.84
CA SER A 91 -32.88 -2.12 -11.95
C SER A 91 -33.75 -2.21 -10.70
N MET A 92 -33.09 -2.25 -9.54
CA MET A 92 -33.79 -2.34 -8.27
C MET A 92 -34.67 -1.11 -8.04
N LYS A 93 -34.14 0.06 -8.38
CA LYS A 93 -34.88 1.31 -8.22
C LYS A 93 -36.04 1.39 -9.21
N ARG A 94 -35.94 0.62 -10.29
CA ARG A 94 -36.97 0.60 -11.32
C ARG A 94 -38.11 -0.34 -10.93
N SER A 95 -37.75 -1.44 -10.25
CA SER A 95 -38.74 -2.42 -9.83
C SER A 95 -39.27 -2.10 -8.44
N TYR A 96 -38.54 -1.25 -7.72
CA TYR A 96 -38.93 -0.86 -6.37
C TYR A 96 -39.70 0.47 -6.38
N VAL A 97 -39.18 1.42 -7.15
CA VAL A 97 -39.81 2.74 -7.25
C VAL A 97 -40.75 2.79 -8.45
N ALA A 98 -41.57 1.76 -8.59
CA ALA A 98 -42.53 1.70 -9.69
C ALA A 98 -43.80 0.96 -9.27
N ASN A 99 -43.85 0.56 -8.00
CA ASN A 99 -45.02 -0.15 -7.48
C ASN A 99 -44.81 -0.49 -6.00
N ASP A 100 -43.56 -0.70 -5.62
CA ASP A 100 -43.23 -1.04 -4.24
C ASP A 100 -43.76 -2.42 -3.88
N PRO A 101 -43.17 -3.46 -4.50
CA PRO A 101 -43.57 -4.86 -4.26
C PRO A 101 -43.18 -5.33 -2.87
N LEU A 102 -42.42 -4.52 -2.15
CA LEU A 102 -41.98 -4.86 -0.81
C LEU A 102 -42.90 -4.25 0.25
N GLU A 103 -43.38 -3.03 -0.03
CA GLU A 103 -44.26 -2.33 0.89
C GLU A 103 -44.59 -0.94 0.38
N HIS A 104 -45.70 -0.82 -0.35
CA HIS A 104 -46.12 0.46 -0.89
C HIS A 104 -46.70 1.36 0.19
N MET A 1 23.20 -19.06 -8.74
CA MET A 1 22.05 -19.89 -9.08
C MET A 1 22.44 -21.36 -9.16
N PHE A 2 23.73 -21.64 -9.04
CA PHE A 2 24.23 -23.00 -9.09
C PHE A 2 24.44 -23.56 -7.68
N ASP A 3 24.97 -22.72 -6.80
CA ASP A 3 25.22 -23.12 -5.42
C ASP A 3 25.89 -22.00 -4.63
N ILE A 4 27.10 -21.64 -5.04
CA ILE A 4 27.86 -20.58 -4.38
C ILE A 4 28.14 -20.94 -2.93
N GLY A 5 27.17 -20.67 -2.05
CA GLY A 5 27.34 -20.97 -0.64
C GLY A 5 27.91 -19.80 0.13
N PHE A 6 28.87 -19.11 -0.46
CA PHE A 6 29.51 -17.97 0.18
C PHE A 6 30.51 -17.30 -0.75
N SER A 7 31.04 -18.07 -1.70
CA SER A 7 32.01 -17.56 -2.66
C SER A 7 31.67 -16.13 -3.06
N GLU A 8 30.50 -15.95 -3.66
CA GLU A 8 30.06 -14.64 -4.11
C GLU A 8 29.87 -13.70 -2.91
N LEU A 9 29.25 -14.21 -1.85
CA LEU A 9 29.01 -13.42 -0.65
C LEU A 9 30.29 -12.73 -0.19
N LEU A 10 31.33 -13.52 0.06
CA LEU A 10 32.61 -12.99 0.50
C LEU A 10 33.18 -12.01 -0.53
N LEU A 11 33.30 -12.49 -1.77
CA LEU A 11 33.84 -11.67 -2.85
C LEU A 11 33.17 -10.30 -2.87
N VAL A 12 31.86 -10.28 -3.10
CA VAL A 12 31.11 -9.04 -3.13
C VAL A 12 31.42 -8.16 -1.93
N PHE A 13 31.40 -8.76 -0.75
CA PHE A 13 31.69 -8.03 0.49
C PHE A 13 33.06 -7.39 0.42
N ILE A 14 34.00 -8.06 -0.23
CA ILE A 14 35.37 -7.55 -0.36
C ILE A 14 35.43 -6.46 -1.42
N ILE A 15 34.98 -6.78 -2.63
CA ILE A 15 34.99 -5.81 -3.71
C ILE A 15 34.34 -4.50 -3.31
N GLY A 16 33.37 -4.58 -2.41
CA GLY A 16 32.68 -3.40 -1.95
C GLY A 16 33.60 -2.44 -1.22
N LEU A 17 34.55 -2.98 -0.47
CA LEU A 17 35.50 -2.16 0.28
C LEU A 17 36.65 -1.72 -0.61
N VAL A 18 37.12 -2.63 -1.46
CA VAL A 18 38.22 -2.33 -2.37
C VAL A 18 37.78 -1.35 -3.46
N VAL A 19 36.48 -1.31 -3.71
CA VAL A 19 35.93 -0.43 -4.74
C VAL A 19 35.42 0.87 -4.12
N LEU A 20 34.55 0.74 -3.12
CA LEU A 20 33.97 1.90 -2.44
C LEU A 20 34.96 2.48 -1.43
N GLY A 21 36.12 1.83 -1.30
CA GLY A 21 37.13 2.30 -0.37
C GLY A 21 36.68 2.19 1.07
N PRO A 22 37.57 1.65 1.93
CA PRO A 22 37.28 1.48 3.36
C PRO A 22 37.21 2.80 4.10
N GLN A 23 37.46 3.90 3.38
CA GLN A 23 37.42 5.22 3.97
C GLN A 23 36.02 5.57 4.46
N ARG A 24 35.02 5.19 3.68
CA ARG A 24 33.63 5.46 4.02
C ARG A 24 32.77 4.21 3.82
N LEU A 25 33.23 3.09 4.38
CA LEU A 25 32.49 1.83 4.28
C LEU A 25 31.25 1.85 5.15
N PRO A 26 31.42 2.17 6.44
CA PRO A 26 30.32 2.23 7.41
C PRO A 26 29.40 3.41 7.15
N VAL A 27 29.78 4.27 6.21
CA VAL A 27 28.99 5.44 5.86
C VAL A 27 27.64 5.04 5.26
N ALA A 28 27.69 4.13 4.29
CA ALA A 28 26.48 3.66 3.62
C ALA A 28 25.56 2.95 4.61
N VAL A 29 26.12 1.97 5.32
CA VAL A 29 25.35 1.21 6.30
C VAL A 29 24.68 2.12 7.31
N LYS A 30 25.48 2.97 7.95
CA LYS A 30 24.96 3.90 8.95
C LYS A 30 23.84 4.76 8.36
N THR A 31 24.07 5.31 7.17
CA THR A 31 23.09 6.14 6.50
C THR A 31 21.78 5.38 6.29
N VAL A 32 21.85 4.31 5.50
CA VAL A 32 20.67 3.51 5.22
C VAL A 32 19.90 3.20 6.49
N ALA A 33 20.53 2.46 7.40
CA ALA A 33 19.89 2.09 8.67
C ALA A 33 19.48 3.33 9.44
N GLY A 34 20.10 4.46 9.12
CA GLY A 34 19.78 5.70 9.80
C GLY A 34 18.34 6.13 9.60
N TRP A 35 18.01 6.51 8.37
CA TRP A 35 16.66 6.94 8.04
C TRP A 35 15.71 5.76 7.99
N ILE A 36 16.26 4.56 7.82
CA ILE A 36 15.46 3.34 7.77
C ILE A 36 14.81 3.05 9.12
N ARG A 37 15.63 3.02 10.16
CA ARG A 37 15.13 2.75 11.50
C ARG A 37 14.33 3.93 12.05
N ALA A 38 14.75 5.13 11.70
CA ALA A 38 14.07 6.34 12.14
C ALA A 38 12.63 6.37 11.63
N LEU A 39 12.48 6.24 10.31
CA LEU A 39 11.16 6.26 9.69
C LEU A 39 10.34 5.04 10.11
N ARG A 40 11.00 3.89 10.22
CA ARG A 40 10.34 2.66 10.61
C ARG A 40 9.77 2.77 12.02
N SER A 41 10.64 3.08 12.98
CA SER A 41 10.23 3.23 14.37
C SER A 41 9.12 4.27 14.51
N LEU A 42 9.26 5.37 13.79
CA LEU A 42 8.28 6.44 13.84
C LEU A 42 6.93 5.97 13.29
N ALA A 43 6.95 5.29 12.15
CA ALA A 43 5.74 4.76 11.53
C ALA A 43 4.95 3.92 12.52
N THR A 44 5.59 2.87 13.03
CA THR A 44 4.94 1.97 13.98
C THR A 44 4.50 2.73 15.23
N THR A 45 5.31 3.69 15.67
CA THR A 45 4.99 4.48 16.84
C THR A 45 3.69 5.25 16.66
N VAL A 46 3.39 5.59 15.41
CA VAL A 46 2.17 6.33 15.10
C VAL A 46 1.16 5.45 14.38
N GLN A 47 1.39 4.14 14.43
CA GLN A 47 0.49 3.19 13.78
C GLN A 47 -0.05 2.18 14.79
N ASN A 48 0.76 1.86 15.80
CA ASN A 48 0.38 0.90 16.82
C ASN A 48 0.08 1.60 18.14
N GLU A 49 -0.18 2.91 18.07
CA GLU A 49 -0.48 3.71 19.25
C GLU A 49 -1.72 4.56 19.04
N LEU A 50 -1.51 5.85 18.79
CA LEU A 50 -2.61 6.78 18.56
C LEU A 50 -3.47 6.33 17.40
N THR A 51 -2.89 5.52 16.52
CA THR A 51 -3.61 5.01 15.36
C THR A 51 -4.84 4.21 15.77
N GLN A 52 -4.91 3.88 17.06
CA GLN A 52 -6.03 3.11 17.58
C GLN A 52 -6.66 3.83 18.77
N GLU A 53 -5.96 4.82 19.31
CA GLU A 53 -6.46 5.58 20.45
C GLU A 53 -7.15 6.86 19.99
N LEU A 54 -6.62 7.46 18.93
CA LEU A 54 -7.18 8.70 18.40
C LEU A 54 -7.07 8.72 16.87
N LYS A 55 -5.88 8.43 16.37
CA LYS A 55 -5.65 8.42 14.92
C LYS A 55 -6.18 7.13 14.29
N LEU A 56 -7.37 6.72 14.73
CA LEU A 56 -7.98 5.51 14.21
C LEU A 56 -8.94 5.82 13.07
N GLN A 57 -9.03 7.11 12.72
CA GLN A 57 -9.90 7.54 11.65
C GLN A 57 -9.09 8.09 10.47
N GLU A 58 -8.17 9.00 10.77
CA GLU A 58 -7.33 9.59 9.74
C GLU A 58 -6.83 8.53 8.76
N PHE A 59 -6.11 7.54 9.28
CA PHE A 59 -5.58 6.47 8.45
C PHE A 59 -6.67 5.85 7.58
N GLN A 60 -7.75 5.40 8.22
CA GLN A 60 -8.86 4.79 7.51
C GLN A 60 -9.35 5.70 6.39
N ASP A 61 -9.43 7.00 6.67
CA ASP A 61 -9.89 7.97 5.69
C ASP A 61 -8.92 8.04 4.51
N SER A 62 -7.63 8.05 4.81
CA SER A 62 -6.61 8.12 3.78
C SER A 62 -6.71 6.94 2.82
N LEU A 63 -6.62 5.73 3.38
CA LEU A 63 -6.70 4.51 2.57
C LEU A 63 -8.01 4.47 1.78
N LYS A 64 -9.08 4.95 2.41
CA LYS A 64 -10.39 4.97 1.78
C LYS A 64 -10.42 5.95 0.60
N LYS A 65 -9.93 7.16 0.84
CA LYS A 65 -9.89 8.18 -0.20
C LYS A 65 -9.14 7.68 -1.43
N VAL A 66 -7.95 7.12 -1.21
CA VAL A 66 -7.15 6.60 -2.31
C VAL A 66 -7.79 5.36 -2.92
N GLU A 67 -8.33 4.50 -2.08
CA GLU A 67 -8.97 3.27 -2.55
C GLU A 67 -10.01 3.58 -3.61
N LYS A 68 -10.89 4.54 -3.33
CA LYS A 68 -11.93 4.93 -4.27
C LYS A 68 -11.34 5.70 -5.44
N ALA A 69 -10.43 6.62 -5.16
CA ALA A 69 -9.78 7.41 -6.20
C ALA A 69 -9.03 6.52 -7.18
N SER A 70 -8.69 5.32 -6.73
CA SER A 70 -7.95 4.37 -7.57
C SER A 70 -8.89 3.29 -8.11
N LEU A 71 -9.54 2.57 -7.20
CA LEU A 71 -10.46 1.52 -7.59
C LEU A 71 -11.39 1.98 -8.71
N THR A 72 -11.73 3.27 -8.70
CA THR A 72 -12.60 3.85 -9.72
C THR A 72 -12.31 3.25 -11.10
N ASN A 73 -11.04 2.96 -11.35
CA ASN A 73 -10.64 2.40 -12.63
C ASN A 73 -9.29 1.68 -12.51
N LEU A 74 -9.03 1.14 -11.32
CA LEU A 74 -7.78 0.43 -11.07
C LEU A 74 -8.04 -1.06 -10.81
N THR A 75 -9.27 -1.48 -11.07
CA THR A 75 -9.65 -2.88 -10.86
C THR A 75 -10.99 -3.18 -11.51
N PRO A 76 -11.15 -4.42 -12.01
CA PRO A 76 -12.38 -4.86 -12.66
C PRO A 76 -13.54 -5.02 -11.68
N GLU A 77 -13.23 -5.48 -10.48
CA GLU A 77 -14.24 -5.67 -9.44
C GLU A 77 -15.13 -4.44 -9.32
N LEU A 78 -14.55 -3.27 -9.53
CA LEU A 78 -15.29 -2.02 -9.45
C LEU A 78 -16.28 -1.90 -10.59
N LYS A 79 -15.78 -1.80 -11.82
CA LYS A 79 -16.63 -1.70 -13.00
C LYS A 79 -17.81 -2.65 -12.91
N ALA A 80 -17.55 -3.86 -12.42
CA ALA A 80 -18.60 -4.87 -12.28
C ALA A 80 -19.61 -4.46 -11.22
N SER A 81 -19.12 -4.07 -10.04
CA SER A 81 -19.99 -3.65 -8.95
C SER A 81 -20.83 -2.45 -9.35
N MET A 82 -20.18 -1.45 -9.94
CA MET A 82 -20.87 -0.25 -10.37
C MET A 82 -21.91 -0.56 -11.44
N ASP A 83 -21.55 -1.43 -12.37
CA ASP A 83 -22.45 -1.81 -13.45
C ASP A 83 -23.72 -2.46 -12.90
N GLU A 84 -23.55 -3.34 -11.91
CA GLU A 84 -24.69 -4.02 -11.30
C GLU A 84 -25.53 -3.04 -10.48
N LEU A 85 -24.86 -2.08 -9.84
CA LEU A 85 -25.55 -1.09 -9.03
C LEU A 85 -26.29 -0.07 -9.92
N ARG A 86 -25.73 0.19 -11.09
CA ARG A 86 -26.33 1.14 -12.02
C ARG A 86 -27.57 0.54 -12.67
N GLN A 87 -27.43 -0.66 -13.23
CA GLN A 87 -28.55 -1.33 -13.87
C GLN A 87 -29.66 -1.63 -12.87
N ALA A 88 -29.27 -2.10 -11.68
CA ALA A 88 -30.22 -2.43 -10.63
C ALA A 88 -30.94 -1.18 -10.13
N ALA A 89 -30.18 -0.11 -9.89
CA ALA A 89 -30.75 1.14 -9.42
C ALA A 89 -31.61 1.80 -10.50
N GLU A 90 -31.11 1.80 -11.73
CA GLU A 90 -31.84 2.40 -12.83
C GLU A 90 -33.11 1.60 -13.15
N SER A 91 -32.95 0.29 -13.28
CA SER A 91 -34.09 -0.58 -13.58
C SER A 91 -35.19 -0.42 -12.53
N MET A 92 -34.81 -0.49 -11.26
CA MET A 92 -35.76 -0.36 -10.18
C MET A 92 -36.39 1.03 -10.16
N LYS A 93 -35.57 2.04 -10.42
CA LYS A 93 -36.04 3.42 -10.45
C LYS A 93 -36.87 3.69 -11.70
N ARG A 94 -36.74 2.81 -12.68
CA ARG A 94 -37.48 2.96 -13.94
C ARG A 94 -38.85 2.29 -13.85
N SER A 95 -38.91 1.21 -13.07
CA SER A 95 -40.17 0.47 -12.91
C SER A 95 -40.95 1.00 -11.70
N TYR A 96 -40.23 1.50 -10.71
CA TYR A 96 -40.85 2.03 -9.50
C TYR A 96 -41.37 3.45 -9.74
N VAL A 97 -40.59 4.24 -10.49
CA VAL A 97 -40.97 5.61 -10.78
C VAL A 97 -41.73 5.69 -12.12
N ALA A 98 -42.71 4.82 -12.28
CA ALA A 98 -43.51 4.79 -13.50
C ALA A 98 -44.49 3.62 -13.49
N ASN A 99 -44.08 2.52 -12.88
CA ASN A 99 -44.91 1.32 -12.80
C ASN A 99 -45.10 0.89 -11.35
N ASP A 100 -45.58 1.80 -10.51
CA ASP A 100 -45.81 1.51 -9.11
C ASP A 100 -46.74 0.30 -8.94
N PRO A 101 -47.83 0.29 -9.72
CA PRO A 101 -48.81 -0.80 -9.68
C PRO A 101 -48.26 -2.09 -10.26
N LEU A 102 -47.09 -2.02 -10.88
CA LEU A 102 -46.46 -3.18 -11.48
C LEU A 102 -46.39 -4.33 -10.48
N GLU A 103 -46.24 -4.00 -9.21
CA GLU A 103 -46.16 -5.00 -8.15
C GLU A 103 -47.50 -5.72 -7.98
N HIS A 104 -48.57 -4.94 -7.85
CA HIS A 104 -49.89 -5.50 -7.68
C HIS A 104 -50.33 -6.27 -8.92
N MET A 1 25.41 -20.55 -8.77
CA MET A 1 24.46 -21.64 -8.89
C MET A 1 25.16 -22.99 -8.77
N PHE A 2 26.43 -22.95 -8.37
CA PHE A 2 27.21 -24.17 -8.20
C PHE A 2 27.29 -24.58 -6.73
N ASP A 3 27.53 -23.60 -5.87
CA ASP A 3 27.63 -23.85 -4.44
C ASP A 3 27.92 -22.57 -3.67
N ILE A 4 29.07 -21.97 -3.94
CA ILE A 4 29.46 -20.73 -3.29
C ILE A 4 29.61 -20.93 -1.78
N GLY A 5 28.49 -20.85 -1.07
CA GLY A 5 28.51 -21.03 0.37
C GLY A 5 28.75 -19.73 1.11
N PHE A 6 29.66 -18.90 0.58
CA PHE A 6 29.97 -17.62 1.20
C PHE A 6 30.97 -16.84 0.36
N SER A 7 31.75 -17.57 -0.46
CA SER A 7 32.74 -16.94 -1.31
C SER A 7 32.22 -15.63 -1.89
N GLU A 8 31.09 -15.72 -2.59
CA GLU A 8 30.48 -14.53 -3.18
C GLU A 8 30.33 -13.41 -2.16
N LEU A 9 29.70 -13.73 -1.03
CA LEU A 9 29.49 -12.76 0.02
C LEU A 9 30.78 -12.02 0.37
N LEU A 10 31.81 -12.79 0.71
CA LEU A 10 33.10 -12.22 1.06
C LEU A 10 33.62 -11.31 -0.06
N LEU A 11 33.76 -11.87 -1.26
CA LEU A 11 34.24 -11.11 -2.40
C LEU A 11 33.52 -9.77 -2.50
N VAL A 12 32.22 -9.82 -2.76
CA VAL A 12 31.42 -8.60 -2.88
C VAL A 12 31.70 -7.64 -1.74
N PHE A 13 31.70 -8.16 -0.52
CA PHE A 13 31.96 -7.35 0.67
C PHE A 13 33.29 -6.63 0.55
N ILE A 14 34.33 -7.37 0.17
CA ILE A 14 35.66 -6.80 0.02
C ILE A 14 35.67 -5.72 -1.06
N ILE A 15 35.23 -6.09 -2.25
CA ILE A 15 35.19 -5.16 -3.37
C ILE A 15 34.51 -3.85 -2.98
N GLY A 16 33.52 -3.95 -2.10
CA GLY A 16 32.80 -2.78 -1.65
C GLY A 16 33.68 -1.84 -0.84
N LEU A 17 34.59 -2.40 -0.06
CA LEU A 17 35.50 -1.60 0.76
C LEU A 17 36.69 -1.12 -0.06
N VAL A 18 37.18 -1.98 -0.95
CA VAL A 18 38.31 -1.63 -1.80
C VAL A 18 37.91 -0.64 -2.88
N VAL A 19 36.62 -0.62 -3.22
CA VAL A 19 36.10 0.28 -4.24
C VAL A 19 35.55 1.56 -3.62
N LEU A 20 34.66 1.40 -2.65
CA LEU A 20 34.04 2.53 -1.97
C LEU A 20 34.98 3.10 -0.91
N GLY A 21 36.14 2.47 -0.75
CA GLY A 21 37.11 2.93 0.22
C GLY A 21 36.62 2.78 1.65
N PRO A 22 37.47 2.24 2.53
CA PRO A 22 37.13 2.04 3.94
C PRO A 22 37.01 3.35 4.71
N GLN A 23 37.28 4.45 4.02
CA GLN A 23 37.21 5.77 4.64
C GLN A 23 35.78 6.10 5.07
N ARG A 24 34.82 5.74 4.22
CA ARG A 24 33.42 5.99 4.51
C ARG A 24 32.57 4.73 4.27
N LEU A 25 33.01 3.62 4.84
CA LEU A 25 32.31 2.35 4.69
C LEU A 25 31.02 2.35 5.50
N PRO A 26 31.14 2.64 6.80
CA PRO A 26 29.99 2.69 7.72
C PRO A 26 29.08 3.87 7.43
N VAL A 27 29.50 4.74 6.52
CA VAL A 27 28.70 5.92 6.16
C VAL A 27 27.40 5.51 5.50
N ALA A 28 27.48 4.61 4.52
CA ALA A 28 26.29 4.14 3.82
C ALA A 28 25.35 3.41 4.75
N VAL A 29 25.88 2.41 5.46
CA VAL A 29 25.08 1.63 6.40
C VAL A 29 24.36 2.53 7.39
N LYS A 30 25.13 3.38 8.08
CA LYS A 30 24.56 4.29 9.06
C LYS A 30 23.45 5.14 8.44
N THR A 31 23.73 5.70 7.25
CA THR A 31 22.76 6.53 6.55
C THR A 31 21.46 5.77 6.31
N VAL A 32 21.53 4.73 5.49
CA VAL A 32 20.35 3.92 5.19
C VAL A 32 19.58 3.57 6.45
N ALA A 33 20.22 2.80 7.33
CA ALA A 33 19.59 2.39 8.59
C ALA A 33 19.10 3.60 9.38
N GLY A 34 19.71 4.76 9.11
CA GLY A 34 19.32 5.97 9.80
C GLY A 34 17.88 6.36 9.55
N TRP A 35 17.59 6.77 8.31
CA TRP A 35 16.23 7.18 7.94
C TRP A 35 15.33 5.96 7.80
N ILE A 36 15.93 4.79 7.64
CA ILE A 36 15.18 3.55 7.50
C ILE A 36 14.50 3.16 8.81
N ARG A 37 15.30 3.14 9.87
CA ARG A 37 14.78 2.79 11.20
C ARG A 37 13.89 3.90 11.76
N ALA A 38 14.26 5.15 11.46
CA ALA A 38 13.50 6.30 11.92
C ALA A 38 12.10 6.30 11.35
N LEU A 39 12.01 6.23 10.02
CA LEU A 39 10.71 6.23 9.34
C LEU A 39 9.93 4.96 9.66
N ARG A 40 10.64 3.84 9.73
CA ARG A 40 10.01 2.55 10.03
C ARG A 40 9.38 2.57 11.41
N SER A 41 10.18 2.88 12.43
CA SER A 41 9.71 2.93 13.81
C SER A 41 8.54 3.90 13.94
N LEU A 42 8.66 5.05 13.28
CA LEU A 42 7.62 6.07 13.33
C LEU A 42 6.32 5.56 12.70
N ALA A 43 6.45 4.95 11.53
CA ALA A 43 5.29 4.41 10.83
C ALA A 43 4.49 3.46 11.72
N THR A 44 5.16 2.42 12.22
CA THR A 44 4.51 1.45 13.09
C THR A 44 3.96 2.11 14.35
N THR A 45 4.71 3.08 14.87
CA THR A 45 4.29 3.80 16.08
C THR A 45 2.98 4.53 15.86
N VAL A 46 2.71 4.92 14.62
CA VAL A 46 1.49 5.62 14.28
C VAL A 46 0.55 4.73 13.46
N GLN A 47 0.83 3.43 13.47
CA GLN A 47 0.02 2.47 12.73
C GLN A 47 -0.52 1.39 13.65
N ASN A 48 0.26 1.04 14.67
CA ASN A 48 -0.13 0.02 15.63
C ASN A 48 -0.53 0.64 16.96
N GLU A 49 -0.82 1.94 16.95
CA GLU A 49 -1.22 2.65 18.15
C GLU A 49 -2.49 3.45 17.92
N LEU A 50 -2.34 4.76 17.76
CA LEU A 50 -3.48 5.64 17.55
C LEU A 50 -4.27 5.21 16.31
N THR A 51 -3.60 4.49 15.42
CA THR A 51 -4.24 4.01 14.19
C THR A 51 -5.43 3.11 14.52
N GLN A 52 -5.54 2.71 15.78
CA GLN A 52 -6.63 1.85 16.22
C GLN A 52 -7.37 2.46 17.40
N GLU A 53 -6.76 3.45 18.03
CA GLU A 53 -7.36 4.13 19.18
C GLU A 53 -8.09 5.39 18.74
N LEU A 54 -7.54 6.08 17.74
CA LEU A 54 -8.15 7.30 17.24
C LEU A 54 -7.95 7.42 15.73
N LYS A 55 -6.71 7.23 15.29
CA LYS A 55 -6.38 7.32 13.86
C LYS A 55 -6.83 6.06 13.13
N LEU A 56 -7.99 5.54 13.51
CA LEU A 56 -8.54 4.34 12.89
C LEU A 56 -9.45 4.70 11.72
N GLN A 57 -9.53 5.99 11.41
CA GLN A 57 -10.37 6.47 10.31
C GLN A 57 -9.51 7.07 9.21
N GLU A 58 -8.63 7.98 9.58
CA GLU A 58 -7.76 8.64 8.61
C GLU A 58 -7.18 7.62 7.63
N PHE A 59 -6.46 6.64 8.14
CA PHE A 59 -5.85 5.61 7.31
C PHE A 59 -6.89 4.96 6.41
N GLN A 60 -7.97 4.46 7.01
CA GLN A 60 -9.03 3.81 6.27
C GLN A 60 -9.50 4.69 5.10
N ASP A 61 -9.64 5.98 5.37
CA ASP A 61 -10.07 6.93 4.35
C ASP A 61 -9.04 7.04 3.23
N SER A 62 -7.78 7.27 3.61
CA SER A 62 -6.71 7.41 2.63
C SER A 62 -6.67 6.19 1.70
N LEU A 63 -6.64 5.01 2.30
CA LEU A 63 -6.60 3.77 1.52
C LEU A 63 -7.83 3.65 0.63
N LYS A 64 -8.97 4.14 1.12
CA LYS A 64 -10.22 4.09 0.37
C LYS A 64 -10.16 5.03 -0.82
N LYS A 65 -9.71 6.26 -0.59
CA LYS A 65 -9.61 7.25 -1.65
C LYS A 65 -8.72 6.76 -2.79
N VAL A 66 -7.53 6.29 -2.44
CA VAL A 66 -6.59 5.79 -3.44
C VAL A 66 -7.17 4.58 -4.17
N GLU A 67 -7.77 3.67 -3.41
CA GLU A 67 -8.36 2.47 -4.00
C GLU A 67 -9.34 2.83 -5.11
N LYS A 68 -10.36 3.63 -4.76
CA LYS A 68 -11.36 4.04 -5.73
C LYS A 68 -10.71 4.69 -6.95
N ALA A 69 -9.69 5.50 -6.71
CA ALA A 69 -8.98 6.18 -7.79
C ALA A 69 -8.10 5.19 -8.57
N SER A 70 -7.82 4.05 -7.95
CA SER A 70 -6.99 3.03 -8.57
C SER A 70 -7.79 1.76 -8.84
N LEU A 71 -9.10 1.85 -8.66
CA LEU A 71 -9.98 0.71 -8.89
C LEU A 71 -11.06 1.05 -9.92
N THR A 72 -11.36 2.33 -10.06
CA THR A 72 -12.36 2.79 -11.01
C THR A 72 -12.38 1.91 -12.25
N ASN A 73 -11.23 1.78 -12.90
CA ASN A 73 -11.10 0.97 -14.10
C ASN A 73 -9.82 0.14 -14.08
N LEU A 74 -9.48 -0.38 -12.91
CA LEU A 74 -8.28 -1.19 -12.75
C LEU A 74 -8.63 -2.59 -12.21
N THR A 75 -9.90 -2.93 -12.27
CA THR A 75 -10.36 -4.23 -11.80
C THR A 75 -11.82 -4.47 -12.19
N PRO A 76 -12.14 -5.75 -12.49
CA PRO A 76 -13.50 -6.14 -12.88
C PRO A 76 -14.48 -6.05 -11.73
N GLU A 77 -14.03 -6.40 -10.52
CA GLU A 77 -14.87 -6.36 -9.35
C GLU A 77 -15.60 -5.03 -9.24
N LEU A 78 -14.93 -3.96 -9.67
CA LEU A 78 -15.52 -2.63 -9.63
C LEU A 78 -16.66 -2.50 -10.64
N LYS A 79 -16.33 -2.64 -11.92
CA LYS A 79 -17.33 -2.54 -12.98
C LYS A 79 -18.58 -3.34 -12.62
N ALA A 80 -18.39 -4.48 -11.99
CA ALA A 80 -19.50 -5.32 -11.59
C ALA A 80 -20.30 -4.70 -10.46
N SER A 81 -19.59 -4.23 -9.43
CA SER A 81 -20.23 -3.60 -8.28
C SER A 81 -20.99 -2.34 -8.70
N MET A 82 -20.33 -1.50 -9.48
CA MET A 82 -20.94 -0.26 -9.95
C MET A 82 -22.13 -0.55 -10.88
N ASP A 83 -21.97 -1.55 -11.73
CA ASP A 83 -23.03 -1.93 -12.67
C ASP A 83 -24.27 -2.38 -11.91
N GLU A 84 -24.07 -3.14 -10.84
CA GLU A 84 -25.18 -3.63 -10.04
C GLU A 84 -25.83 -2.50 -9.23
N LEU A 85 -25.00 -1.57 -8.77
CA LEU A 85 -25.48 -0.44 -7.99
C LEU A 85 -26.21 0.56 -8.89
N ARG A 86 -25.74 0.69 -10.13
CA ARG A 86 -26.35 1.62 -11.08
C ARG A 86 -27.70 1.09 -11.56
N GLN A 87 -27.73 -0.16 -11.99
CA GLN A 87 -28.95 -0.78 -12.48
C GLN A 87 -29.99 -0.89 -11.36
N ALA A 88 -29.53 -1.29 -10.18
CA ALA A 88 -30.40 -1.43 -9.02
C ALA A 88 -30.94 -0.08 -8.58
N ALA A 89 -30.08 0.91 -8.52
CA ALA A 89 -30.47 2.25 -8.11
C ALA A 89 -31.37 2.91 -9.15
N GLU A 90 -31.01 2.74 -10.42
CA GLU A 90 -31.79 3.33 -11.52
C GLU A 90 -33.14 2.63 -11.65
N SER A 91 -33.11 1.30 -11.63
CA SER A 91 -34.34 0.52 -11.75
C SER A 91 -35.32 0.84 -10.62
N MET A 92 -34.80 0.91 -9.40
CA MET A 92 -35.61 1.22 -8.23
C MET A 92 -36.15 2.64 -8.30
N LYS A 93 -35.29 3.57 -8.74
CA LYS A 93 -35.67 4.97 -8.85
C LYS A 93 -36.51 5.21 -10.11
N ARG A 94 -36.55 4.21 -10.98
CA ARG A 94 -37.31 4.30 -12.22
C ARG A 94 -38.71 3.73 -12.04
N SER A 95 -38.85 2.79 -11.11
CA SER A 95 -40.14 2.16 -10.85
C SER A 95 -40.88 2.89 -9.73
N TYR A 96 -40.17 3.21 -8.67
CA TYR A 96 -40.75 3.91 -7.52
C TYR A 96 -41.19 5.32 -7.92
N VAL A 97 -40.25 6.09 -8.47
CA VAL A 97 -40.54 7.45 -8.89
C VAL A 97 -41.72 7.50 -9.85
N ALA A 98 -41.98 6.38 -10.51
CA ALA A 98 -43.09 6.28 -11.46
C ALA A 98 -44.36 5.78 -10.78
N ASN A 99 -44.35 5.78 -9.45
CA ASN A 99 -45.50 5.32 -8.68
C ASN A 99 -45.79 3.85 -8.95
N ASP A 100 -44.77 3.14 -9.41
CA ASP A 100 -44.92 1.71 -9.72
C ASP A 100 -43.66 0.94 -9.32
N PRO A 101 -43.28 1.04 -8.04
CA PRO A 101 -42.10 0.36 -7.51
C PRO A 101 -42.28 -1.15 -7.44
N LEU A 102 -43.50 -1.61 -7.69
CA LEU A 102 -43.81 -3.03 -7.65
C LEU A 102 -44.43 -3.49 -8.97
N GLU A 103 -45.35 -2.67 -9.49
CA GLU A 103 -46.02 -3.00 -10.75
C GLU A 103 -47.09 -1.96 -11.07
N HIS A 104 -47.69 -1.39 -10.03
CA HIS A 104 -48.72 -0.38 -10.20
C HIS A 104 -48.30 0.68 -11.21
N MET A 1 22.90 -16.71 -12.57
CA MET A 1 21.82 -17.42 -13.24
C MET A 1 22.17 -18.90 -13.41
N PHE A 2 22.97 -19.43 -12.48
CA PHE A 2 23.37 -20.82 -12.54
C PHE A 2 23.07 -21.53 -11.21
N ASP A 3 23.37 -20.85 -10.11
CA ASP A 3 23.14 -21.41 -8.79
C ASP A 3 23.59 -20.45 -7.70
N ILE A 4 24.90 -20.22 -7.63
CA ILE A 4 25.47 -19.33 -6.64
C ILE A 4 25.24 -19.85 -5.23
N GLY A 5 24.06 -19.57 -4.69
CA GLY A 5 23.73 -20.02 -3.34
C GLY A 5 24.15 -19.03 -2.28
N PHE A 6 25.33 -18.45 -2.45
CA PHE A 6 25.86 -17.47 -1.50
C PHE A 6 27.18 -16.89 -1.98
N SER A 7 27.88 -17.64 -2.81
CA SER A 7 29.17 -17.21 -3.34
C SER A 7 29.15 -15.71 -3.65
N GLU A 8 28.21 -15.30 -4.50
CA GLU A 8 28.09 -13.90 -4.87
C GLU A 8 28.03 -13.00 -3.63
N LEU A 9 27.12 -13.33 -2.72
CA LEU A 9 26.96 -12.56 -1.48
C LEU A 9 28.30 -12.37 -0.79
N LEU A 10 28.98 -13.47 -0.51
CA LEU A 10 30.28 -13.43 0.15
C LEU A 10 31.21 -12.46 -0.55
N LEU A 11 31.48 -12.72 -1.83
CA LEU A 11 32.36 -11.87 -2.62
C LEU A 11 31.98 -10.40 -2.47
N VAL A 12 30.78 -10.06 -2.93
CA VAL A 12 30.29 -8.68 -2.84
C VAL A 12 30.55 -8.09 -1.46
N PHE A 13 30.20 -8.84 -0.42
CA PHE A 13 30.40 -8.40 0.95
C PHE A 13 31.87 -8.07 1.21
N ILE A 14 32.75 -8.95 0.75
CA ILE A 14 34.18 -8.75 0.93
C ILE A 14 34.67 -7.52 0.18
N ILE A 15 34.40 -7.49 -1.12
CA ILE A 15 34.81 -6.37 -1.96
C ILE A 15 34.34 -5.05 -1.37
N GLY A 16 33.21 -5.08 -0.68
CA GLY A 16 32.65 -3.88 -0.08
C GLY A 16 33.56 -3.31 1.00
N LEU A 17 34.21 -4.19 1.75
CA LEU A 17 35.12 -3.77 2.82
C LEU A 17 36.49 -3.42 2.26
N VAL A 18 36.96 -4.22 1.32
CA VAL A 18 38.26 -4.00 0.70
C VAL A 18 38.24 -2.77 -0.19
N VAL A 19 37.05 -2.38 -0.65
CA VAL A 19 36.90 -1.21 -1.50
C VAL A 19 36.50 0.02 -0.70
N LEU A 20 35.42 -0.12 0.08
CA LEU A 20 34.94 0.98 0.91
C LEU A 20 35.77 1.12 2.17
N GLY A 21 36.74 0.22 2.34
CA GLY A 21 37.60 0.27 3.51
C GLY A 21 36.85 -0.02 4.79
N PRO A 22 37.42 -0.89 5.64
CA PRO A 22 36.82 -1.28 6.92
C PRO A 22 36.83 -0.13 7.93
N GLN A 23 37.40 1.00 7.53
CA GLN A 23 37.47 2.16 8.40
C GLN A 23 36.08 2.71 8.71
N ARG A 24 35.22 2.70 7.70
CA ARG A 24 33.86 3.19 7.86
C ARG A 24 32.85 2.23 7.25
N LEU A 25 32.98 0.95 7.60
CA LEU A 25 32.08 -0.08 7.09
C LEU A 25 30.70 0.04 7.71
N PRO A 26 30.65 0.05 9.05
CA PRO A 26 29.39 0.16 9.80
C PRO A 26 28.77 1.56 9.67
N VAL A 27 29.50 2.47 9.04
CA VAL A 27 29.00 3.83 8.85
C VAL A 27 27.77 3.85 7.95
N ALA A 28 27.86 3.16 6.82
CA ALA A 28 26.75 3.10 5.87
C ALA A 28 25.54 2.43 6.49
N VAL A 29 25.74 1.21 6.99
CA VAL A 29 24.65 0.45 7.62
C VAL A 29 23.97 1.28 8.70
N LYS A 30 24.75 1.77 9.66
CA LYS A 30 24.21 2.58 10.75
C LYS A 30 23.42 3.76 10.21
N THR A 31 23.98 4.46 9.23
CA THR A 31 23.32 5.61 8.63
C THR A 31 21.96 5.23 8.06
N VAL A 32 21.97 4.39 7.04
CA VAL A 32 20.74 3.95 6.40
C VAL A 32 19.70 3.52 7.44
N ALA A 33 20.03 2.47 8.19
CA ALA A 33 19.13 1.96 9.22
C ALA A 33 18.75 3.06 10.21
N GLY A 34 19.60 4.08 10.30
CA GLY A 34 19.34 5.18 11.21
C GLY A 34 18.06 5.92 10.88
N TRP A 35 18.07 6.63 9.75
CA TRP A 35 16.90 7.39 9.32
C TRP A 35 15.81 6.46 8.79
N ILE A 36 16.20 5.24 8.42
CA ILE A 36 15.27 4.26 7.89
C ILE A 36 14.33 3.77 8.98
N ARG A 37 14.89 3.36 10.11
CA ARG A 37 14.10 2.87 11.23
C ARG A 37 13.36 4.02 11.92
N ALA A 38 14.00 5.17 11.98
CA ALA A 38 13.41 6.35 12.61
C ALA A 38 12.14 6.79 11.87
N LEU A 39 12.27 7.01 10.57
CA LEU A 39 11.14 7.43 9.76
C LEU A 39 10.08 6.33 9.68
N ARG A 40 10.54 5.09 9.57
CA ARG A 40 9.63 3.94 9.49
C ARG A 40 8.77 3.84 10.74
N SER A 41 9.43 3.71 11.90
CA SER A 41 8.72 3.60 13.17
C SER A 41 7.78 4.78 13.37
N LEU A 42 8.26 5.98 13.04
CA LEU A 42 7.46 7.19 13.19
C LEU A 42 6.23 7.14 12.30
N ALA A 43 6.43 6.73 11.05
CA ALA A 43 5.33 6.64 10.09
C ALA A 43 4.19 5.80 10.65
N THR A 44 4.50 4.57 11.01
CA THR A 44 3.50 3.65 11.55
C THR A 44 2.94 4.17 12.86
N THR A 45 3.77 4.89 13.61
CA THR A 45 3.34 5.45 14.89
C THR A 45 2.28 6.51 14.71
N VAL A 46 2.24 7.11 13.52
CA VAL A 46 1.26 8.14 13.22
C VAL A 46 0.36 7.72 12.05
N GLN A 47 0.46 6.45 11.66
CA GLN A 47 -0.34 5.92 10.56
C GLN A 47 -1.04 4.63 10.97
N ASN A 48 -0.52 3.98 12.02
CA ASN A 48 -1.10 2.74 12.51
C ASN A 48 -1.77 2.94 13.87
N GLU A 49 -1.72 4.17 14.36
CA GLU A 49 -2.32 4.50 15.65
C GLU A 49 -3.60 5.31 15.46
N LEU A 50 -3.50 6.62 15.68
CA LEU A 50 -4.64 7.50 15.52
C LEU A 50 -5.38 7.24 14.22
N THR A 51 -4.65 6.72 13.23
CA THR A 51 -5.23 6.41 11.93
C THR A 51 -6.35 5.40 12.06
N GLN A 52 -6.52 4.84 13.25
CA GLN A 52 -7.56 3.85 13.50
C GLN A 52 -8.39 4.24 14.72
N GLU A 53 -8.36 5.52 15.08
CA GLU A 53 -9.11 6.01 16.23
C GLU A 53 -9.52 7.47 16.03
N LEU A 54 -8.62 8.25 15.45
CA LEU A 54 -8.87 9.66 15.20
C LEU A 54 -8.59 10.02 13.74
N LYS A 55 -7.45 9.57 13.24
CA LYS A 55 -7.08 9.84 11.85
C LYS A 55 -7.55 8.72 10.93
N LEU A 56 -8.65 8.08 11.30
CA LEU A 56 -9.20 6.98 10.51
C LEU A 56 -10.02 7.53 9.33
N GLN A 57 -10.05 8.85 9.20
CA GLN A 57 -10.78 9.49 8.12
C GLN A 57 -9.83 10.15 7.12
N GLU A 58 -8.92 10.96 7.64
CA GLU A 58 -7.94 11.64 6.79
C GLU A 58 -7.27 10.66 5.83
N PHE A 59 -6.57 9.68 6.39
CA PHE A 59 -5.87 8.68 5.59
C PHE A 59 -6.86 7.87 4.77
N GLN A 60 -7.77 7.17 5.45
CA GLN A 60 -8.76 6.34 4.79
C GLN A 60 -9.38 7.08 3.60
N ASP A 61 -9.50 8.40 3.73
CA ASP A 61 -10.06 9.22 2.67
C ASP A 61 -9.08 9.36 1.50
N SER A 62 -7.85 9.73 1.82
CA SER A 62 -6.82 9.91 0.80
C SER A 62 -6.56 8.59 0.06
N LEU A 63 -6.56 7.50 0.81
CA LEU A 63 -6.32 6.17 0.22
C LEU A 63 -7.54 5.70 -0.56
N LYS A 64 -8.72 6.17 -0.16
CA LYS A 64 -9.96 5.81 -0.82
C LYS A 64 -10.15 6.60 -2.11
N LYS A 65 -9.90 7.90 -2.04
CA LYS A 65 -10.05 8.77 -3.20
C LYS A 65 -9.01 8.43 -4.26
N VAL A 66 -7.81 8.06 -3.82
CA VAL A 66 -6.73 7.71 -4.72
C VAL A 66 -6.94 6.32 -5.32
N GLU A 67 -7.36 5.38 -4.48
CA GLU A 67 -7.60 4.02 -4.93
C GLU A 67 -8.70 3.98 -5.99
N LYS A 68 -9.75 4.77 -5.78
CA LYS A 68 -10.86 4.83 -6.72
C LYS A 68 -10.46 5.57 -7.99
N ALA A 69 -9.78 6.69 -7.84
CA ALA A 69 -9.34 7.48 -8.97
C ALA A 69 -8.20 6.80 -9.72
N SER A 70 -7.65 5.75 -9.11
CA SER A 70 -6.56 5.00 -9.71
C SER A 70 -7.03 3.63 -10.20
N LEU A 71 -8.17 3.20 -9.68
CA LEU A 71 -8.74 1.90 -10.06
C LEU A 71 -10.04 2.08 -10.84
N THR A 72 -10.42 3.33 -11.06
CA THR A 72 -11.64 3.65 -11.80
C THR A 72 -11.73 2.84 -13.09
N ASN A 73 -10.57 2.51 -13.66
CA ASN A 73 -10.52 1.74 -14.89
C ASN A 73 -9.18 1.01 -15.02
N LEU A 74 -8.52 0.78 -13.89
CA LEU A 74 -7.23 0.10 -13.88
C LEU A 74 -7.33 -1.25 -13.16
N THR A 75 -8.48 -1.90 -13.29
CA THR A 75 -8.71 -3.19 -12.66
C THR A 75 -10.13 -3.68 -12.91
N PRO A 76 -10.26 -4.99 -13.16
CA PRO A 76 -11.56 -5.62 -13.42
C PRO A 76 -12.44 -5.68 -12.17
N GLU A 77 -11.79 -5.82 -11.01
CA GLU A 77 -12.51 -5.89 -9.74
C GLU A 77 -13.50 -4.74 -9.61
N LEU A 78 -12.99 -3.51 -9.73
CA LEU A 78 -13.83 -2.32 -9.63
C LEU A 78 -15.00 -2.40 -10.60
N LYS A 79 -14.70 -2.55 -11.88
CA LYS A 79 -15.73 -2.64 -12.91
C LYS A 79 -16.85 -3.58 -12.47
N ALA A 80 -16.47 -4.68 -11.82
CA ALA A 80 -17.45 -5.66 -11.35
C ALA A 80 -18.30 -5.08 -10.22
N SER A 81 -17.64 -4.45 -9.25
CA SER A 81 -18.35 -3.86 -8.11
C SER A 81 -19.28 -2.75 -8.57
N MET A 82 -18.76 -1.85 -9.40
CA MET A 82 -19.55 -0.73 -9.91
C MET A 82 -20.70 -1.23 -10.77
N ASP A 83 -20.43 -2.24 -11.57
CA ASP A 83 -21.45 -2.82 -12.45
C ASP A 83 -22.61 -3.39 -11.63
N GLU A 84 -22.28 -4.11 -10.57
CA GLU A 84 -23.30 -4.71 -9.70
C GLU A 84 -24.06 -3.64 -8.94
N LEU A 85 -23.36 -2.58 -8.55
CA LEU A 85 -23.97 -1.48 -7.81
C LEU A 85 -24.85 -0.64 -8.72
N ARG A 86 -24.47 -0.52 -9.98
CA ARG A 86 -25.22 0.26 -10.96
C ARG A 86 -26.52 -0.47 -11.33
N GLN A 87 -26.40 -1.73 -11.71
CA GLN A 87 -27.56 -2.52 -12.09
C GLN A 87 -28.50 -2.71 -10.92
N ALA A 88 -27.93 -2.98 -9.74
CA ALA A 88 -28.72 -3.18 -8.53
C ALA A 88 -29.43 -1.90 -8.12
N ALA A 89 -28.71 -0.78 -8.16
CA ALA A 89 -29.26 0.51 -7.79
C ALA A 89 -30.29 0.98 -8.82
N GLU A 90 -29.97 0.80 -10.10
CA GLU A 90 -30.86 1.20 -11.18
C GLU A 90 -32.12 0.33 -11.21
N SER A 91 -31.91 -0.98 -11.10
CA SER A 91 -33.03 -1.92 -11.11
C SER A 91 -33.99 -1.65 -9.95
N MET A 92 -33.43 -1.49 -8.76
CA MET A 92 -34.23 -1.23 -7.57
C MET A 92 -34.92 0.13 -7.67
N LYS A 93 -34.20 1.12 -8.20
CA LYS A 93 -34.74 2.46 -8.35
C LYS A 93 -35.76 2.51 -9.48
N ARG A 94 -35.67 1.54 -10.39
CA ARG A 94 -36.59 1.49 -11.53
C ARG A 94 -37.92 0.87 -11.12
N SER A 95 -37.86 -0.14 -10.26
CA SER A 95 -39.06 -0.82 -9.79
C SER A 95 -39.66 -0.11 -8.58
N TYR A 96 -38.82 0.64 -7.88
CA TYR A 96 -39.27 1.38 -6.70
C TYR A 96 -40.24 2.49 -7.09
N VAL A 97 -39.83 3.30 -8.06
CA VAL A 97 -40.66 4.40 -8.53
C VAL A 97 -41.70 3.92 -9.53
N ALA A 98 -42.50 2.93 -9.13
CA ALA A 98 -43.54 2.38 -9.99
C ALA A 98 -44.22 1.19 -9.33
N ASN A 99 -43.46 0.45 -8.53
CA ASN A 99 -43.99 -0.72 -7.85
C ASN A 99 -43.40 -0.84 -6.44
N ASP A 100 -43.60 0.20 -5.63
CA ASP A 100 -43.10 0.21 -4.26
C ASP A 100 -43.61 -1.00 -3.49
N PRO A 101 -44.91 -1.29 -3.61
CA PRO A 101 -45.54 -2.42 -2.93
C PRO A 101 -45.09 -3.76 -3.49
N LEU A 102 -44.33 -3.72 -4.58
CA LEU A 102 -43.85 -4.93 -5.22
C LEU A 102 -43.06 -5.78 -4.23
N GLU A 103 -42.41 -5.12 -3.28
CA GLU A 103 -41.62 -5.83 -2.26
C GLU A 103 -42.48 -6.85 -1.52
N HIS A 104 -41.85 -7.58 -0.60
CA HIS A 104 -42.56 -8.59 0.17
C HIS A 104 -43.82 -8.00 0.81
N MET A 1 26.46 -19.38 -7.54
CA MET A 1 25.02 -19.56 -7.36
C MET A 1 24.70 -21.02 -7.05
N PHE A 2 25.72 -21.88 -7.15
CA PHE A 2 25.54 -23.30 -6.88
C PHE A 2 25.28 -23.54 -5.40
N ASP A 3 26.23 -23.13 -4.56
CA ASP A 3 26.09 -23.31 -3.12
C ASP A 3 26.99 -22.31 -2.37
N ILE A 4 27.42 -21.27 -3.07
CA ILE A 4 28.27 -20.25 -2.47
C ILE A 4 27.67 -19.73 -1.17
N GLY A 5 28.40 -19.93 -0.07
CA GLY A 5 27.93 -19.47 1.22
C GLY A 5 29.07 -19.17 2.18
N PHE A 6 30.19 -18.68 1.63
CA PHE A 6 31.35 -18.36 2.45
C PHE A 6 32.49 -17.82 1.58
N SER A 7 32.69 -18.46 0.43
CA SER A 7 33.74 -18.05 -0.50
C SER A 7 33.56 -16.60 -0.92
N GLU A 8 32.47 -16.34 -1.64
CA GLU A 8 32.18 -15.00 -2.13
C GLU A 8 31.82 -14.08 -0.96
N LEU A 9 31.17 -14.63 0.05
CA LEU A 9 30.78 -13.86 1.22
C LEU A 9 32.00 -13.29 1.95
N LEU A 10 32.91 -14.17 2.32
CA LEU A 10 34.13 -13.76 3.02
C LEU A 10 34.96 -12.81 2.15
N LEU A 11 35.24 -13.24 0.92
CA LEU A 11 36.02 -12.44 -0.01
C LEU A 11 35.48 -11.01 -0.08
N VAL A 12 34.24 -10.87 -0.56
CA VAL A 12 33.62 -9.57 -0.67
C VAL A 12 33.74 -8.78 0.62
N PHE A 13 33.45 -9.42 1.74
CA PHE A 13 33.53 -8.78 3.04
C PHE A 13 34.92 -8.19 3.27
N ILE A 14 35.94 -8.87 2.75
CA ILE A 14 37.31 -8.42 2.90
C ILE A 14 37.64 -7.33 1.88
N ILE A 15 37.43 -7.64 0.61
CA ILE A 15 37.69 -6.70 -0.47
C ILE A 15 37.07 -5.33 -0.17
N GLY A 16 35.94 -5.35 0.54
CA GLY A 16 35.26 -4.12 0.88
C GLY A 16 36.08 -3.23 1.80
N LEU A 17 36.82 -3.86 2.71
CA LEU A 17 37.65 -3.11 3.66
C LEU A 17 39.00 -2.76 3.04
N VAL A 18 39.52 -3.68 2.22
CA VAL A 18 40.79 -3.46 1.55
C VAL A 18 40.67 -2.46 0.41
N VAL A 19 39.46 -2.32 -0.10
CA VAL A 19 39.19 -1.39 -1.20
C VAL A 19 38.68 -0.06 -0.67
N LEU A 20 37.70 -0.12 0.22
CA LEU A 20 37.12 1.09 0.80
C LEU A 20 37.93 1.56 1.99
N GLY A 21 38.96 0.80 2.34
CA GLY A 21 39.80 1.16 3.47
C GLY A 21 39.07 1.09 4.79
N PRO A 22 39.70 0.46 5.80
CA PRO A 22 39.11 0.31 7.13
C PRO A 22 39.03 1.64 7.88
N GLN A 23 39.52 2.70 7.25
CA GLN A 23 39.50 4.03 7.86
C GLN A 23 38.07 4.52 8.06
N ARG A 24 37.23 4.24 7.07
CA ARG A 24 35.83 4.66 7.12
C ARG A 24 34.90 3.51 6.75
N LEU A 25 35.13 2.35 7.35
CA LEU A 25 34.31 1.17 7.07
C LEU A 25 32.92 1.32 7.68
N PRO A 26 32.88 1.60 8.99
CA PRO A 26 31.62 1.77 9.72
C PRO A 26 30.88 3.05 9.32
N VAL A 27 31.53 3.86 8.49
CA VAL A 27 30.94 5.11 8.03
C VAL A 27 29.72 4.85 7.16
N ALA A 28 29.85 3.97 6.19
CA ALA A 28 28.75 3.62 5.29
C ALA A 28 27.63 2.93 6.05
N VAL A 29 27.97 1.87 6.77
CA VAL A 29 26.99 1.12 7.54
C VAL A 29 26.21 2.03 8.48
N LYS A 30 26.94 2.73 9.35
CA LYS A 30 26.32 3.65 10.29
C LYS A 30 25.42 4.65 9.58
N THR A 31 25.94 5.25 8.52
CA THR A 31 25.18 6.24 7.75
C THR A 31 23.88 5.64 7.23
N VAL A 32 23.99 4.65 6.36
CA VAL A 32 22.81 3.99 5.80
C VAL A 32 21.80 3.65 6.88
N ALA A 33 22.19 2.76 7.79
CA ALA A 33 21.32 2.34 8.87
C ALA A 33 20.82 3.54 9.67
N GLY A 34 21.58 4.64 9.61
CA GLY A 34 21.19 5.83 10.33
C GLY A 34 19.86 6.39 9.87
N TRP A 35 19.82 6.89 8.65
CA TRP A 35 18.59 7.46 8.08
C TRP A 35 17.62 6.36 7.68
N ILE A 36 18.15 5.15 7.48
CA ILE A 36 17.33 4.01 7.09
C ILE A 36 16.40 3.59 8.23
N ARG A 37 16.96 3.43 9.41
CA ARG A 37 16.18 3.04 10.58
C ARG A 37 15.31 4.18 11.07
N ALA A 38 15.87 5.40 11.04
CA ALA A 38 15.14 6.58 11.48
C ALA A 38 13.85 6.76 10.69
N LEU A 39 13.97 6.68 9.36
CA LEU A 39 12.80 6.84 8.49
C LEU A 39 11.84 5.66 8.65
N ARG A 40 12.36 4.45 8.52
CA ARG A 40 11.55 3.26 8.66
C ARG A 40 10.74 3.28 9.96
N SER A 41 11.44 3.54 11.06
CA SER A 41 10.80 3.60 12.38
C SER A 41 9.71 4.67 12.41
N LEU A 42 10.02 5.83 11.84
CA LEU A 42 9.07 6.94 11.80
C LEU A 42 7.84 6.57 10.99
N ALA A 43 8.07 5.97 9.82
CA ALA A 43 6.97 5.56 8.95
C ALA A 43 5.97 4.68 9.69
N THR A 44 6.46 3.57 10.23
CA THR A 44 5.61 2.64 10.96
C THR A 44 5.00 3.30 12.20
N THR A 45 5.76 4.22 12.80
CA THR A 45 5.30 4.93 13.99
C THR A 45 4.09 5.79 13.68
N VAL A 46 3.97 6.19 12.41
CA VAL A 46 2.85 7.03 11.98
C VAL A 46 1.98 6.31 10.94
N GLN A 47 2.19 5.00 10.82
CA GLN A 47 1.43 4.19 9.87
C GLN A 47 0.91 2.92 10.53
N ASN A 48 1.52 2.54 11.65
CA ASN A 48 1.11 1.35 12.38
C ASN A 48 0.48 1.71 13.72
N GLU A 49 0.33 3.00 13.96
CA GLU A 49 -0.27 3.49 15.20
C GLU A 49 -1.60 4.19 14.93
N LEU A 50 -1.59 5.51 14.96
CA LEU A 50 -2.79 6.30 14.72
C LEU A 50 -3.49 5.84 13.44
N THR A 51 -2.75 5.16 12.57
CA THR A 51 -3.30 4.67 11.32
C THR A 51 -4.32 3.58 11.55
N GLN A 52 -4.44 3.14 12.80
CA GLN A 52 -5.40 2.10 13.17
C GLN A 52 -6.09 2.43 14.48
N GLU A 53 -6.18 3.72 14.79
CA GLU A 53 -6.83 4.16 16.02
C GLU A 53 -7.42 5.55 15.85
N LEU A 54 -6.79 6.37 15.01
CA LEU A 54 -7.25 7.73 14.75
C LEU A 54 -7.61 7.91 13.28
N LYS A 55 -6.66 7.60 12.40
CA LYS A 55 -6.87 7.72 10.97
C LYS A 55 -7.22 6.37 10.35
N LEU A 56 -7.58 5.42 11.19
CA LEU A 56 -7.94 4.08 10.73
C LEU A 56 -9.01 4.15 9.64
N GLN A 57 -9.76 5.25 9.63
CA GLN A 57 -10.81 5.44 8.63
C GLN A 57 -10.44 6.54 7.65
N GLU A 58 -9.82 7.60 8.16
CA GLU A 58 -9.41 8.72 7.32
C GLU A 58 -8.63 8.23 6.10
N PHE A 59 -7.72 7.29 6.33
CA PHE A 59 -6.90 6.74 5.26
C PHE A 59 -7.76 5.93 4.28
N GLN A 60 -8.50 4.98 4.81
CA GLN A 60 -9.37 4.13 3.99
C GLN A 60 -10.31 4.98 3.15
N ASP A 61 -10.87 6.01 3.75
CA ASP A 61 -11.79 6.90 3.06
C ASP A 61 -11.08 7.62 1.91
N SER A 62 -9.92 8.19 2.20
CA SER A 62 -9.16 8.92 1.19
C SER A 62 -8.92 8.05 -0.04
N LEU A 63 -8.40 6.84 0.18
CA LEU A 63 -8.12 5.91 -0.92
C LEU A 63 -9.41 5.57 -1.66
N LYS A 64 -10.51 5.45 -0.93
CA LYS A 64 -11.80 5.13 -1.52
C LYS A 64 -12.30 6.28 -2.40
N LYS A 65 -12.21 7.49 -1.88
CA LYS A 65 -12.65 8.67 -2.62
C LYS A 65 -11.89 8.80 -3.94
N VAL A 66 -10.58 8.66 -3.88
CA VAL A 66 -9.74 8.75 -5.07
C VAL A 66 -9.96 7.56 -5.99
N GLU A 67 -10.10 6.38 -5.40
CA GLU A 67 -10.32 5.17 -6.16
C GLU A 67 -11.53 5.30 -7.07
N LYS A 68 -12.63 5.81 -6.53
CA LYS A 68 -13.85 6.00 -7.28
C LYS A 68 -13.71 7.13 -8.29
N ALA A 69 -13.11 8.24 -7.84
CA ALA A 69 -12.91 9.40 -8.71
C ALA A 69 -11.85 9.11 -9.76
N SER A 70 -11.15 7.99 -9.61
CA SER A 70 -10.12 7.60 -10.55
C SER A 70 -10.53 6.38 -11.36
N LEU A 71 -11.54 5.67 -10.86
CA LEU A 71 -12.04 4.47 -11.54
C LEU A 71 -13.45 4.70 -12.05
N THR A 72 -13.97 5.91 -11.85
CA THR A 72 -15.31 6.25 -12.31
C THR A 72 -15.53 5.83 -13.76
N ASN A 73 -14.44 5.84 -14.54
CA ASN A 73 -14.51 5.47 -15.95
C ASN A 73 -13.15 5.01 -16.45
N LEU A 74 -12.31 4.53 -15.53
CA LEU A 74 -10.98 4.05 -15.88
C LEU A 74 -10.85 2.56 -15.60
N THR A 75 -11.94 1.83 -15.78
CA THR A 75 -11.94 0.38 -15.55
C THR A 75 -13.33 -0.20 -15.76
N PRO A 76 -13.39 -1.39 -16.38
CA PRO A 76 -14.65 -2.08 -16.65
C PRO A 76 -15.30 -2.62 -15.39
N GLU A 77 -14.48 -2.99 -14.41
CA GLU A 77 -14.98 -3.52 -13.15
C GLU A 77 -16.03 -2.59 -12.55
N LEU A 78 -15.66 -1.33 -12.37
CA LEU A 78 -16.57 -0.35 -11.80
C LEU A 78 -17.87 -0.29 -12.59
N LYS A 79 -17.77 -0.04 -13.89
CA LYS A 79 -18.93 0.03 -14.76
C LYS A 79 -19.89 -1.13 -14.48
N ALA A 80 -19.34 -2.31 -14.27
CA ALA A 80 -20.13 -3.50 -14.00
C ALA A 80 -20.82 -3.39 -12.65
N SER A 81 -20.08 -2.96 -11.63
CA SER A 81 -20.61 -2.81 -10.29
C SER A 81 -21.72 -1.76 -10.25
N MET A 82 -21.44 -0.60 -10.83
CA MET A 82 -22.41 0.49 -10.86
C MET A 82 -23.64 0.09 -11.67
N ASP A 83 -23.43 -0.62 -12.78
CA ASP A 83 -24.52 -1.07 -13.63
C ASP A 83 -25.45 -2.00 -12.87
N GLU A 84 -24.87 -2.93 -12.13
CA GLU A 84 -25.65 -3.90 -11.36
C GLU A 84 -26.37 -3.21 -10.21
N LEU A 85 -25.72 -2.21 -9.61
CA LEU A 85 -26.30 -1.48 -8.50
C LEU A 85 -27.41 -0.55 -8.98
N ARG A 86 -27.25 -0.03 -10.20
CA ARG A 86 -28.24 0.87 -10.77
C ARG A 86 -29.51 0.12 -11.16
N GLN A 87 -29.35 -0.96 -11.93
CA GLN A 87 -30.47 -1.77 -12.37
C GLN A 87 -31.17 -2.42 -11.18
N ALA A 88 -30.38 -2.91 -10.23
CA ALA A 88 -30.93 -3.55 -9.04
C ALA A 88 -31.66 -2.54 -8.17
N ALA A 89 -31.06 -1.38 -7.97
CA ALA A 89 -31.66 -0.33 -7.15
C ALA A 89 -32.90 0.26 -7.83
N GLU A 90 -32.79 0.48 -9.14
CA GLU A 90 -33.90 1.05 -9.91
C GLU A 90 -35.04 0.04 -10.02
N SER A 91 -34.70 -1.20 -10.33
CA SER A 91 -35.70 -2.26 -10.48
C SER A 91 -36.47 -2.47 -9.17
N MET A 92 -35.73 -2.49 -8.06
CA MET A 92 -36.34 -2.68 -6.74
C MET A 92 -37.19 -1.49 -6.36
N LYS A 93 -36.66 -0.29 -6.57
CA LYS A 93 -37.37 0.94 -6.25
C LYS A 93 -38.54 1.16 -7.20
N ARG A 94 -38.49 0.51 -8.36
CA ARG A 94 -39.55 0.62 -9.35
C ARG A 94 -40.71 -0.32 -9.02
N SER A 95 -40.38 -1.49 -8.50
CA SER A 95 -41.38 -2.48 -8.14
C SER A 95 -41.83 -2.31 -6.68
N TYR A 96 -41.14 -1.44 -5.97
CA TYR A 96 -41.45 -1.18 -4.56
C TYR A 96 -42.07 0.20 -4.39
N VAL A 97 -41.35 1.22 -4.84
CA VAL A 97 -41.83 2.59 -4.74
C VAL A 97 -42.86 2.90 -5.81
N ALA A 98 -43.13 1.92 -6.66
CA ALA A 98 -44.11 2.09 -7.73
C ALA A 98 -44.80 0.77 -8.05
N ASN A 99 -45.19 0.04 -7.00
CA ASN A 99 -45.86 -1.24 -7.17
C ASN A 99 -46.21 -1.86 -5.82
N ASP A 100 -46.73 -1.03 -4.92
CA ASP A 100 -47.11 -1.48 -3.59
C ASP A 100 -47.86 -0.38 -2.83
N PRO A 101 -47.16 0.70 -2.50
CA PRO A 101 -47.74 1.84 -1.78
C PRO A 101 -48.74 2.62 -2.63
N LEU A 102 -48.99 2.13 -3.84
CA LEU A 102 -49.92 2.78 -4.76
C LEU A 102 -50.44 1.79 -5.80
N GLU A 103 -50.40 0.51 -5.46
CA GLU A 103 -50.87 -0.54 -6.36
C GLU A 103 -50.73 -1.91 -5.72
N HIS A 104 -51.07 -2.95 -6.49
CA HIS A 104 -50.98 -4.32 -5.99
C HIS A 104 -49.67 -4.96 -6.44
N MET A 1 33.03 -22.90 -2.75
CA MET A 1 32.47 -24.09 -2.13
C MET A 1 33.28 -24.50 -0.90
N PHE A 2 33.71 -23.51 -0.12
CA PHE A 2 34.49 -23.76 1.08
C PHE A 2 33.86 -23.10 2.30
N ASP A 3 33.42 -21.86 2.13
CA ASP A 3 32.79 -21.12 3.21
C ASP A 3 32.41 -19.71 2.75
N ILE A 4 33.42 -18.90 2.48
CA ILE A 4 33.20 -17.52 2.03
C ILE A 4 32.54 -16.69 3.13
N GLY A 5 32.38 -17.29 4.31
CA GLY A 5 31.77 -16.59 5.42
C GLY A 5 32.79 -15.86 6.27
N PHE A 6 34.01 -15.73 5.76
CA PHE A 6 35.08 -15.05 6.47
C PHE A 6 36.19 -14.62 5.52
N SER A 7 36.50 -15.48 4.56
CA SER A 7 37.55 -15.20 3.58
C SER A 7 37.22 -13.93 2.79
N GLU A 8 36.12 -13.98 2.03
CA GLU A 8 35.70 -12.84 1.23
C GLU A 8 35.22 -11.70 2.11
N LEU A 9 34.59 -12.05 3.24
CA LEU A 9 34.08 -11.05 4.17
C LEU A 9 35.22 -10.21 4.74
N LEU A 10 36.19 -10.87 5.35
CA LEU A 10 37.33 -10.18 5.94
C LEU A 10 38.11 -9.41 4.88
N LEU A 11 38.47 -10.09 3.80
CA LEU A 11 39.21 -9.47 2.71
C LEU A 11 38.55 -8.17 2.28
N VAL A 12 37.35 -8.28 1.73
CA VAL A 12 36.60 -7.12 1.27
C VAL A 12 36.52 -6.06 2.36
N PHE A 13 36.30 -6.49 3.60
CA PHE A 13 36.21 -5.58 4.73
C PHE A 13 37.50 -4.77 4.89
N ILE A 14 38.62 -5.38 4.51
CA ILE A 14 39.91 -4.72 4.62
C ILE A 14 40.22 -3.91 3.35
N ILE A 15 40.08 -4.55 2.20
CA ILE A 15 40.35 -3.89 0.93
C ILE A 15 39.64 -2.54 0.86
N GLY A 16 38.36 -2.52 1.21
CA GLY A 16 37.58 -1.30 1.18
C GLY A 16 38.12 -0.26 2.15
N LEU A 17 38.69 -0.72 3.26
CA LEU A 17 39.24 0.17 4.27
C LEU A 17 40.58 0.74 3.82
N VAL A 18 41.45 -0.13 3.30
CA VAL A 18 42.76 0.29 2.83
C VAL A 18 42.66 1.05 1.51
N VAL A 19 41.54 0.87 0.82
CA VAL A 19 41.31 1.53 -0.46
C VAL A 19 40.48 2.80 -0.29
N LEU A 20 39.22 2.61 0.11
CA LEU A 20 38.33 3.75 0.32
C LEU A 20 38.81 4.63 1.46
N GLY A 21 39.65 4.06 2.32
CA GLY A 21 40.17 4.81 3.45
C GLY A 21 39.23 4.79 4.64
N PRO A 22 39.79 4.51 5.83
CA PRO A 22 39.02 4.46 7.07
C PRO A 22 38.54 5.83 7.52
N GLN A 23 38.78 6.84 6.68
CA GLN A 23 38.37 8.20 7.00
C GLN A 23 36.85 8.31 7.10
N ARG A 24 36.15 7.64 6.19
CA ARG A 24 34.69 7.65 6.19
C ARG A 24 34.13 6.26 5.95
N LEU A 25 34.76 5.26 6.56
CA LEU A 25 34.32 3.88 6.40
C LEU A 25 32.94 3.67 7.04
N PRO A 26 32.82 4.07 8.32
CA PRO A 26 31.56 3.94 9.06
C PRO A 26 30.49 4.89 8.56
N VAL A 27 30.87 5.78 7.65
CA VAL A 27 29.93 6.75 7.09
C VAL A 27 28.91 6.07 6.21
N ALA A 28 29.38 5.22 5.30
CA ALA A 28 28.49 4.49 4.40
C ALA A 28 27.54 3.58 5.16
N VAL A 29 28.09 2.82 6.11
CA VAL A 29 27.29 1.90 6.92
C VAL A 29 26.21 2.67 7.69
N LYS A 30 26.64 3.65 8.47
CA LYS A 30 25.72 4.46 9.27
C LYS A 30 24.60 5.03 8.39
N THR A 31 24.98 5.58 7.25
CA THR A 31 24.02 6.17 6.33
C THR A 31 22.98 5.14 5.90
N VAL A 32 23.44 4.11 5.21
CA VAL A 32 22.55 3.05 4.74
C VAL A 32 21.60 2.59 5.83
N ALA A 33 22.17 2.02 6.90
CA ALA A 33 21.37 1.54 8.03
C ALA A 33 20.55 2.67 8.62
N GLY A 34 20.97 3.90 8.38
CA GLY A 34 20.24 5.05 8.90
C GLY A 34 18.82 5.14 8.37
N TRP A 35 18.70 5.43 7.09
CA TRP A 35 17.39 5.55 6.45
C TRP A 35 16.74 4.17 6.28
N ILE A 36 17.56 3.13 6.31
CA ILE A 36 17.07 1.77 6.17
C ILE A 36 16.22 1.35 7.36
N ARG A 37 16.77 1.53 8.56
CA ARG A 37 16.06 1.16 9.78
C ARG A 37 14.94 2.16 10.06
N ALA A 38 15.16 3.42 9.72
CA ALA A 38 14.17 4.47 9.94
C ALA A 38 12.90 4.20 9.13
N LEU A 39 13.08 3.96 7.84
CA LEU A 39 11.95 3.69 6.94
C LEU A 39 11.32 2.33 7.26
N ARG A 40 12.17 1.35 7.58
CA ARG A 40 11.70 0.02 7.91
C ARG A 40 10.79 0.04 9.14
N SER A 41 11.31 0.57 10.24
CA SER A 41 10.55 0.65 11.48
C SER A 41 9.29 1.49 11.29
N LEU A 42 9.42 2.58 10.56
CA LEU A 42 8.29 3.47 10.30
C LEU A 42 7.20 2.75 9.52
N ALA A 43 7.61 2.03 8.48
CA ALA A 43 6.66 1.28 7.65
C ALA A 43 5.89 0.27 8.47
N THR A 44 6.62 -0.59 9.18
CA THR A 44 6.00 -1.62 10.01
C THR A 44 5.17 -1.00 11.14
N THR A 45 5.60 0.19 11.58
CA THR A 45 4.89 0.88 12.65
C THR A 45 3.57 1.46 12.16
N VAL A 46 3.52 1.79 10.87
CA VAL A 46 2.31 2.34 10.29
C VAL A 46 1.62 1.33 9.38
N GLN A 47 2.01 0.06 9.50
CA GLN A 47 1.43 -1.00 8.70
C GLN A 47 1.05 -2.19 9.56
N ASN A 48 1.49 -2.18 10.82
CA ASN A 48 1.19 -3.26 11.75
C ASN A 48 0.51 -2.72 13.00
N GLU A 49 0.07 -1.47 12.94
CA GLU A 49 -0.60 -0.85 14.07
C GLU A 49 -1.55 0.25 13.60
N LEU A 50 -1.02 1.20 12.84
CA LEU A 50 -1.82 2.31 12.33
C LEU A 50 -2.40 1.97 10.96
N THR A 51 -2.32 0.70 10.59
CA THR A 51 -2.84 0.23 9.30
C THR A 51 -4.27 -0.25 9.42
N GLN A 52 -4.60 -0.83 10.58
CA GLN A 52 -5.95 -1.34 10.82
C GLN A 52 -6.54 -0.71 12.08
N GLU A 53 -6.23 0.57 12.31
CA GLU A 53 -6.73 1.27 13.47
C GLU A 53 -6.88 2.76 13.19
N LEU A 54 -5.99 3.28 12.34
CA LEU A 54 -6.01 4.69 11.98
C LEU A 54 -6.09 4.87 10.46
N LYS A 55 -5.80 3.80 9.73
CA LYS A 55 -5.84 3.83 8.27
C LYS A 55 -6.55 2.60 7.72
N LEU A 56 -7.16 1.82 8.62
CA LEU A 56 -7.87 0.61 8.22
C LEU A 56 -8.95 0.94 7.18
N GLN A 57 -9.34 2.20 7.12
CA GLN A 57 -10.36 2.64 6.17
C GLN A 57 -9.76 3.55 5.11
N GLU A 58 -8.86 4.43 5.53
CA GLU A 58 -8.22 5.36 4.61
C GLU A 58 -7.73 4.63 3.35
N PHE A 59 -7.05 3.51 3.55
CA PHE A 59 -6.54 2.72 2.43
C PHE A 59 -7.68 2.14 1.61
N GLN A 60 -8.61 1.46 2.28
CA GLN A 60 -9.75 0.84 1.61
C GLN A 60 -10.49 1.88 0.76
N ASP A 61 -10.64 3.09 1.31
CA ASP A 61 -11.33 4.16 0.60
C ASP A 61 -10.58 4.56 -0.66
N SER A 62 -9.27 4.76 -0.52
CA SER A 62 -8.43 5.14 -1.65
C SER A 62 -8.57 4.16 -2.81
N LEU A 63 -8.31 2.89 -2.52
CA LEU A 63 -8.40 1.84 -3.53
C LEU A 63 -9.81 1.76 -4.10
N LYS A 64 -10.80 2.04 -3.26
CA LYS A 64 -12.20 2.02 -3.69
C LYS A 64 -12.50 3.15 -4.65
N LYS A 65 -12.07 4.36 -4.28
CA LYS A 65 -12.29 5.53 -5.11
C LYS A 65 -11.69 5.35 -6.50
N VAL A 66 -10.44 4.91 -6.54
CA VAL A 66 -9.74 4.67 -7.80
C VAL A 66 -10.39 3.54 -8.58
N GLU A 67 -10.73 2.46 -7.88
CA GLU A 67 -11.35 1.31 -8.51
C GLU A 67 -12.62 1.71 -9.26
N LYS A 68 -13.41 2.59 -8.63
CA LYS A 68 -14.65 3.05 -9.24
C LYS A 68 -14.37 3.97 -10.42
N ALA A 69 -13.47 4.92 -10.23
CA ALA A 69 -13.11 5.87 -11.28
C ALA A 69 -12.30 5.18 -12.38
N SER A 70 -11.91 3.94 -12.13
CA SER A 70 -11.13 3.16 -13.09
C SER A 70 -11.97 2.04 -13.69
N LEU A 71 -13.06 1.70 -13.02
CA LEU A 71 -13.95 0.63 -13.48
C LEU A 71 -15.30 1.19 -13.88
N THR A 72 -15.45 2.51 -13.78
CA THR A 72 -16.69 3.17 -14.13
C THR A 72 -17.21 2.69 -15.48
N ASN A 73 -16.29 2.32 -16.37
CA ASN A 73 -16.65 1.84 -17.69
C ASN A 73 -15.55 0.96 -18.27
N LEU A 74 -14.74 0.38 -17.38
CA LEU A 74 -13.64 -0.50 -17.80
C LEU A 74 -13.88 -1.93 -17.34
N THR A 75 -15.14 -2.34 -17.31
CA THR A 75 -15.50 -3.69 -16.89
C THR A 75 -17.01 -3.87 -16.88
N PRO A 76 -17.47 -5.06 -17.32
CA PRO A 76 -18.89 -5.39 -17.38
C PRO A 76 -19.50 -5.58 -15.98
N GLU A 77 -18.69 -6.07 -15.05
CA GLU A 77 -19.16 -6.29 -13.69
C GLU A 77 -19.84 -5.04 -13.13
N LEU A 78 -19.10 -3.94 -13.12
CA LEU A 78 -19.63 -2.67 -12.62
C LEU A 78 -20.96 -2.33 -13.29
N LYS A 79 -20.95 -2.25 -14.62
CA LYS A 79 -22.15 -1.95 -15.38
C LYS A 79 -23.34 -2.76 -14.87
N ALA A 80 -23.10 -4.02 -14.54
CA ALA A 80 -24.15 -4.89 -14.03
C ALA A 80 -24.63 -4.43 -12.65
N SER A 81 -23.67 -4.15 -11.76
CA SER A 81 -24.00 -3.71 -10.41
C SER A 81 -24.75 -2.39 -10.44
N MET A 82 -24.22 -1.42 -11.19
CA MET A 82 -24.83 -0.11 -11.29
C MET A 82 -26.22 -0.21 -11.93
N ASP A 83 -26.33 -1.05 -12.95
CA ASP A 83 -27.60 -1.24 -13.64
C ASP A 83 -28.67 -1.75 -12.68
N GLU A 84 -28.31 -2.75 -11.88
CA GLU A 84 -29.23 -3.34 -10.92
C GLU A 84 -29.59 -2.33 -9.82
N LEU A 85 -28.61 -1.52 -9.43
CA LEU A 85 -28.81 -0.51 -8.39
C LEU A 85 -29.67 0.64 -8.91
N ARG A 86 -29.53 0.94 -10.20
CA ARG A 86 -30.29 2.02 -10.82
C ARG A 86 -31.75 1.63 -10.98
N GLN A 87 -31.99 0.47 -11.57
CA GLN A 87 -33.35 -0.02 -11.79
C GLN A 87 -34.05 -0.26 -10.46
N ALA A 88 -33.34 -0.85 -9.51
CA ALA A 88 -33.91 -1.13 -8.19
C ALA A 88 -34.20 0.16 -7.43
N ALA A 89 -33.26 1.10 -7.47
CA ALA A 89 -33.42 2.38 -6.78
C ALA A 89 -34.51 3.21 -7.45
N GLU A 90 -34.50 3.24 -8.77
CA GLU A 90 -35.49 4.01 -9.53
C GLU A 90 -36.88 3.40 -9.38
N SER A 91 -36.98 2.09 -9.59
CA SER A 91 -38.25 1.39 -9.49
C SER A 91 -38.86 1.60 -8.11
N MET A 92 -38.05 1.47 -7.07
CA MET A 92 -38.52 1.64 -5.71
C MET A 92 -38.97 3.09 -5.46
N LYS A 93 -38.15 4.03 -5.90
CA LYS A 93 -38.46 5.46 -5.74
C LYS A 93 -39.69 5.83 -6.54
N ARG A 94 -39.98 5.06 -7.58
CA ARG A 94 -41.14 5.31 -8.43
C ARG A 94 -42.42 4.77 -7.79
N SER A 95 -42.31 3.63 -7.13
CA SER A 95 -43.45 3.00 -6.48
C SER A 95 -43.57 3.47 -5.03
N TYR A 96 -42.61 4.27 -4.59
CA TYR A 96 -42.61 4.80 -3.23
C TYR A 96 -42.79 6.30 -3.22
N VAL A 97 -41.87 7.01 -3.88
CA VAL A 97 -41.93 8.46 -3.95
C VAL A 97 -43.00 8.93 -4.92
N ALA A 98 -43.67 7.97 -5.56
CA ALA A 98 -44.73 8.27 -6.52
C ALA A 98 -45.85 7.24 -6.44
N ASN A 99 -46.03 6.66 -5.27
CA ASN A 99 -47.07 5.65 -5.07
C ASN A 99 -47.11 5.19 -3.62
N ASP A 100 -47.37 6.12 -2.71
CA ASP A 100 -47.44 5.81 -1.28
C ASP A 100 -47.88 7.03 -0.48
N PRO A 101 -46.97 8.02 -0.36
CA PRO A 101 -47.24 9.25 0.38
C PRO A 101 -48.27 10.13 -0.32
N LEU A 102 -48.70 9.72 -1.50
CA LEU A 102 -49.68 10.47 -2.28
C LEU A 102 -51.08 9.89 -2.09
N GLU A 103 -51.15 8.67 -1.56
CA GLU A 103 -52.43 8.02 -1.33
C GLU A 103 -53.03 8.45 0.01
N HIS A 104 -52.18 8.93 0.91
CA HIS A 104 -52.62 9.38 2.22
C HIS A 104 -53.20 10.79 2.14
N MET A 1 23.56 -19.31 -7.19
CA MET A 1 22.63 -20.42 -7.03
C MET A 1 23.38 -21.74 -6.88
N PHE A 2 24.63 -21.65 -6.44
CA PHE A 2 25.46 -22.85 -6.26
C PHE A 2 25.63 -23.16 -4.78
N ASP A 3 25.99 -22.14 -4.00
CA ASP A 3 26.20 -22.31 -2.57
C ASP A 3 26.76 -21.03 -1.95
N ILE A 4 27.86 -20.53 -2.51
CA ILE A 4 28.49 -19.32 -2.02
C ILE A 4 29.06 -19.52 -0.62
N GLY A 5 28.21 -19.35 0.39
CA GLY A 5 28.63 -19.52 1.76
C GLY A 5 29.20 -18.25 2.36
N PHE A 6 29.91 -17.48 1.55
CA PHE A 6 30.51 -16.23 2.00
C PHE A 6 31.31 -15.57 0.89
N SER A 7 31.79 -16.39 -0.05
CA SER A 7 32.58 -15.89 -1.17
C SER A 7 32.03 -14.56 -1.68
N GLU A 8 30.71 -14.51 -1.84
CA GLU A 8 30.05 -13.30 -2.32
C GLU A 8 30.16 -12.17 -1.30
N LEU A 9 29.81 -12.47 -0.06
CA LEU A 9 29.87 -11.47 1.01
C LEU A 9 31.26 -10.85 1.08
N LEU A 10 32.26 -11.67 1.41
CA LEU A 10 33.63 -11.20 1.52
C LEU A 10 34.04 -10.42 0.28
N LEU A 11 33.62 -10.93 -0.89
CA LEU A 11 33.95 -10.28 -2.15
C LEU A 11 33.41 -8.85 -2.20
N VAL A 12 32.09 -8.72 -2.27
CA VAL A 12 31.45 -7.42 -2.30
C VAL A 12 31.91 -6.54 -1.15
N PHE A 13 32.12 -7.17 0.01
CA PHE A 13 32.56 -6.45 1.20
C PHE A 13 33.92 -5.79 0.96
N ILE A 14 34.82 -6.52 0.32
CA ILE A 14 36.16 -6.01 0.03
C ILE A 14 36.13 -5.07 -1.17
N ILE A 15 35.56 -5.54 -2.28
CA ILE A 15 35.47 -4.73 -3.49
C ILE A 15 34.92 -3.34 -3.20
N GLY A 16 33.87 -3.30 -2.38
CA GLY A 16 33.26 -2.03 -2.02
C GLY A 16 34.18 -1.17 -1.17
N LEU A 17 35.05 -1.81 -0.41
CA LEU A 17 35.98 -1.09 0.46
C LEU A 17 37.15 -0.53 -0.34
N VAL A 18 37.68 -1.34 -1.25
CA VAL A 18 38.80 -0.94 -2.09
C VAL A 18 38.35 0.04 -3.18
N VAL A 19 37.06 0.01 -3.49
CA VAL A 19 36.50 0.89 -4.51
C VAL A 19 35.90 2.14 -3.89
N LEU A 20 34.93 1.94 -2.99
CA LEU A 20 34.27 3.06 -2.32
C LEU A 20 35.19 3.70 -1.28
N GLY A 21 36.29 3.01 -0.97
CA GLY A 21 37.23 3.52 0.00
C GLY A 21 36.75 3.33 1.42
N PRO A 22 37.64 2.83 2.30
CA PRO A 22 37.32 2.60 3.71
C PRO A 22 37.15 3.89 4.49
N GLN A 23 37.34 5.02 3.81
CA GLN A 23 37.21 6.32 4.44
C GLN A 23 35.77 6.56 4.89
N ARG A 24 34.82 6.13 4.07
CA ARG A 24 33.40 6.30 4.39
C ARG A 24 32.63 5.01 4.10
N LEU A 25 33.14 3.90 4.60
CA LEU A 25 32.50 2.60 4.40
C LEU A 25 31.22 2.50 5.22
N PRO A 26 31.33 2.76 6.53
CA PRO A 26 30.19 2.70 7.45
C PRO A 26 29.19 3.84 7.21
N VAL A 27 29.56 4.77 6.33
CA VAL A 27 28.71 5.90 6.01
C VAL A 27 27.43 5.44 5.32
N ALA A 28 27.58 4.62 4.29
CA ALA A 28 26.44 4.11 3.54
C ALA A 28 25.52 3.28 4.44
N VAL A 29 26.10 2.33 5.15
CA VAL A 29 25.34 1.48 6.05
C VAL A 29 24.56 2.31 7.06
N LYS A 30 25.25 3.17 7.79
CA LYS A 30 24.63 4.02 8.79
C LYS A 30 23.47 4.80 8.17
N THR A 31 23.70 5.40 7.01
CA THR A 31 22.67 6.18 6.33
C THR A 31 21.44 5.33 6.05
N VAL A 32 21.60 4.28 5.25
CA VAL A 32 20.50 3.39 4.90
C VAL A 32 19.71 3.00 6.15
N ALA A 33 20.36 2.29 7.06
CA ALA A 33 19.73 1.84 8.29
C ALA A 33 19.19 3.02 9.09
N GLY A 34 19.73 4.21 8.81
CA GLY A 34 19.30 5.41 9.52
C GLY A 34 17.84 5.72 9.27
N TRP A 35 17.52 6.11 8.04
CA TRP A 35 16.15 6.45 7.67
C TRP A 35 15.28 5.19 7.56
N ILE A 36 15.94 4.05 7.40
CA ILE A 36 15.24 2.78 7.29
C ILE A 36 14.57 2.40 8.61
N ARG A 37 15.35 2.41 9.68
CA ARG A 37 14.83 2.07 11.00
C ARG A 37 13.91 3.17 11.53
N ALA A 38 14.27 4.42 11.23
CA ALA A 38 13.47 5.56 11.66
C ALA A 38 12.06 5.50 11.10
N LEU A 39 11.97 5.36 9.78
CA LEU A 39 10.67 5.30 9.11
C LEU A 39 9.93 4.01 9.47
N ARG A 40 10.69 2.92 9.59
CA ARG A 40 10.09 1.64 9.93
C ARG A 40 9.43 1.69 11.31
N SER A 41 10.21 2.04 12.32
CA SER A 41 9.70 2.12 13.69
C SER A 41 8.58 3.15 13.78
N LEU A 42 8.74 4.26 13.08
CA LEU A 42 7.75 5.32 13.08
C LEU A 42 6.43 4.84 12.49
N ALA A 43 6.52 4.16 11.35
CA ALA A 43 5.33 3.62 10.68
C ALA A 43 4.57 2.66 11.59
N THR A 44 5.27 1.65 12.09
CA THR A 44 4.66 0.65 12.96
C THR A 44 4.12 1.31 14.23
N THR A 45 4.79 2.35 14.69
CA THR A 45 4.37 3.06 15.89
C THR A 45 3.11 3.88 15.64
N VAL A 46 2.91 4.27 14.39
CA VAL A 46 1.74 5.06 14.01
C VAL A 46 0.77 4.23 13.19
N GLN A 47 1.00 2.92 13.14
CA GLN A 47 0.15 2.01 12.39
C GLN A 47 -0.31 0.84 13.25
N ASN A 48 0.47 0.55 14.28
CA ASN A 48 0.14 -0.54 15.19
C ASN A 48 -0.27 -0.01 16.57
N GLU A 49 -0.56 1.28 16.63
CA GLU A 49 -0.98 1.91 17.88
C GLU A 49 -2.30 2.63 17.72
N LEU A 50 -2.23 3.96 17.65
CA LEU A 50 -3.42 4.78 17.50
C LEU A 50 -4.21 4.37 16.24
N THR A 51 -3.50 3.76 15.30
CA THR A 51 -4.13 3.32 14.05
C THR A 51 -5.25 2.32 14.33
N GLN A 52 -5.33 1.84 15.57
CA GLN A 52 -6.35 0.89 15.95
C GLN A 52 -7.13 1.37 17.18
N GLU A 53 -6.57 2.36 17.86
CA GLU A 53 -7.21 2.91 19.05
C GLU A 53 -8.03 4.16 18.69
N LEU A 54 -7.52 4.94 17.75
CA LEU A 54 -8.20 6.16 17.31
C LEU A 54 -8.04 6.37 15.82
N LYS A 55 -6.78 6.30 15.35
CA LYS A 55 -6.49 6.48 13.93
C LYS A 55 -6.86 5.24 13.13
N LEU A 56 -7.99 4.63 13.49
CA LEU A 56 -8.46 3.42 12.81
C LEU A 56 -9.41 3.78 11.68
N GLN A 57 -9.59 5.08 11.45
CA GLN A 57 -10.47 5.56 10.39
C GLN A 57 -9.68 6.26 9.29
N GLU A 58 -8.84 7.20 9.68
CA GLU A 58 -8.02 7.93 8.73
C GLU A 58 -7.40 7.00 7.69
N PHE A 59 -6.59 6.05 8.17
CA PHE A 59 -5.95 5.09 7.29
C PHE A 59 -6.97 4.37 6.41
N GLN A 60 -8.14 4.11 6.99
CA GLN A 60 -9.21 3.43 6.26
C GLN A 60 -9.67 4.25 5.06
N ASP A 61 -9.88 5.54 5.30
CA ASP A 61 -10.33 6.45 4.24
C ASP A 61 -9.24 6.64 3.19
N SER A 62 -7.99 6.76 3.66
CA SER A 62 -6.86 6.95 2.75
C SER A 62 -6.72 5.77 1.80
N LEU A 63 -6.62 4.57 2.36
CA LEU A 63 -6.47 3.36 1.57
C LEU A 63 -7.68 3.15 0.66
N LYS A 64 -8.85 3.54 1.15
CA LYS A 64 -10.09 3.41 0.40
C LYS A 64 -10.12 4.39 -0.77
N LYS A 65 -9.73 5.63 -0.50
CA LYS A 65 -9.71 6.66 -1.53
C LYS A 65 -8.79 6.28 -2.68
N VAL A 66 -7.55 5.90 -2.34
CA VAL A 66 -6.57 5.49 -3.33
C VAL A 66 -7.05 4.27 -4.12
N GLU A 67 -7.56 3.28 -3.39
CA GLU A 67 -8.05 2.05 -4.02
C GLU A 67 -9.06 2.37 -5.11
N LYS A 68 -10.12 3.10 -4.74
CA LYS A 68 -11.16 3.47 -5.68
C LYS A 68 -10.57 4.19 -6.88
N ALA A 69 -9.65 5.11 -6.63
CA ALA A 69 -9.01 5.87 -7.68
C ALA A 69 -8.08 4.99 -8.51
N SER A 70 -7.69 3.85 -7.93
CA SER A 70 -6.79 2.92 -8.61
C SER A 70 -7.51 1.61 -8.94
N LEU A 71 -8.81 1.59 -8.73
CA LEU A 71 -9.62 0.41 -8.99
C LEU A 71 -10.74 0.71 -9.98
N THR A 72 -11.06 2.00 -10.12
CA THR A 72 -12.11 2.42 -11.04
C THR A 72 -12.09 1.59 -12.31
N ASN A 73 -10.92 1.50 -12.95
CA ASN A 73 -10.78 0.73 -14.18
C ASN A 73 -9.47 -0.05 -14.18
N LEU A 74 -9.10 -0.58 -13.03
CA LEU A 74 -7.87 -1.35 -12.89
C LEU A 74 -8.16 -2.74 -12.35
N THR A 75 -9.41 -3.16 -12.45
CA THR A 75 -9.82 -4.47 -11.98
C THR A 75 -11.27 -4.78 -12.36
N PRO A 76 -11.54 -6.05 -12.69
CA PRO A 76 -12.89 -6.49 -13.08
C PRO A 76 -13.86 -6.49 -11.91
N GLU A 77 -13.38 -6.85 -10.73
CA GLU A 77 -14.20 -6.89 -9.53
C GLU A 77 -15.00 -5.60 -9.39
N LEU A 78 -14.39 -4.48 -9.79
CA LEU A 78 -15.05 -3.18 -9.71
C LEU A 78 -16.19 -3.08 -10.71
N LYS A 79 -15.86 -3.15 -11.99
CA LYS A 79 -16.86 -3.08 -13.05
C LYS A 79 -18.08 -3.95 -12.71
N ALA A 80 -17.83 -5.10 -12.11
CA ALA A 80 -18.90 -6.02 -11.73
C ALA A 80 -19.72 -5.45 -10.58
N SER A 81 -19.03 -4.98 -9.54
CA SER A 81 -19.69 -4.42 -8.37
C SER A 81 -20.51 -3.20 -8.74
N MET A 82 -19.90 -2.30 -9.52
CA MET A 82 -20.58 -1.08 -9.95
C MET A 82 -21.75 -1.40 -10.87
N ASP A 83 -21.55 -2.36 -11.76
CA ASP A 83 -22.59 -2.77 -12.70
C ASP A 83 -23.80 -3.30 -11.97
N GLU A 84 -23.56 -4.08 -10.91
CA GLU A 84 -24.64 -4.65 -10.12
C GLU A 84 -25.34 -3.58 -9.29
N LEU A 85 -24.56 -2.63 -8.79
CA LEU A 85 -25.10 -1.55 -7.97
C LEU A 85 -25.88 -0.55 -8.83
N ARG A 86 -25.41 -0.36 -10.07
CA ARG A 86 -26.07 0.56 -10.98
C ARG A 86 -27.38 -0.01 -11.49
N GLN A 87 -27.34 -1.26 -11.96
CA GLN A 87 -28.53 -1.92 -12.48
C GLN A 87 -29.57 -2.10 -11.37
N ALA A 88 -29.11 -2.50 -10.20
CA ALA A 88 -30.00 -2.72 -9.05
C ALA A 88 -30.60 -1.40 -8.58
N ALA A 89 -29.76 -0.38 -8.49
CA ALA A 89 -30.20 0.94 -8.04
C ALA A 89 -31.13 1.58 -9.06
N GLU A 90 -30.76 1.47 -10.34
CA GLU A 90 -31.57 2.04 -11.42
C GLU A 90 -32.89 1.29 -11.57
N SER A 91 -32.80 -0.04 -11.64
CA SER A 91 -33.98 -0.87 -11.79
C SER A 91 -34.98 -0.61 -10.67
N MET A 92 -34.47 -0.54 -9.44
CA MET A 92 -35.31 -0.30 -8.27
C MET A 92 -35.93 1.10 -8.33
N LYS A 93 -35.12 2.09 -8.65
CA LYS A 93 -35.59 3.48 -8.74
C LYS A 93 -36.56 3.64 -9.91
N ARG A 94 -36.48 2.73 -10.87
CA ARG A 94 -37.35 2.78 -12.04
C ARG A 94 -38.71 2.14 -11.73
N SER A 95 -38.69 1.08 -10.93
CA SER A 95 -39.92 0.39 -10.57
C SER A 95 -40.51 0.97 -9.28
N TYR A 96 -39.78 1.90 -8.67
CA TYR A 96 -40.23 2.54 -7.44
C TYR A 96 -40.57 4.00 -7.67
N VAL A 97 -39.58 4.77 -8.11
CA VAL A 97 -39.76 6.19 -8.37
C VAL A 97 -40.62 6.41 -9.62
N ALA A 98 -40.95 5.32 -10.30
CA ALA A 98 -41.76 5.38 -11.51
C ALA A 98 -42.75 4.23 -11.57
N ASN A 99 -43.11 3.69 -10.41
CA ASN A 99 -44.04 2.58 -10.34
C ASN A 99 -44.44 2.30 -8.89
N ASP A 100 -45.03 3.30 -8.25
CA ASP A 100 -45.47 3.16 -6.86
C ASP A 100 -46.23 4.41 -6.40
N PRO A 101 -45.49 5.52 -6.24
CA PRO A 101 -46.08 6.78 -5.80
C PRO A 101 -46.96 7.42 -6.87
N LEU A 102 -47.04 6.76 -8.03
CA LEU A 102 -47.85 7.26 -9.12
C LEU A 102 -49.19 6.52 -9.18
N GLU A 103 -49.25 5.37 -8.54
CA GLU A 103 -50.48 4.57 -8.51
C GLU A 103 -51.44 5.09 -7.46
N HIS A 104 -52.74 4.96 -7.74
CA HIS A 104 -53.77 5.42 -6.82
C HIS A 104 -54.59 4.24 -6.30
N MET A 1 25.34 -18.88 -10.46
CA MET A 1 24.33 -19.87 -10.79
C MET A 1 24.91 -21.28 -10.75
N PHE A 2 26.09 -21.41 -10.15
CA PHE A 2 26.75 -22.71 -10.04
C PHE A 2 26.63 -23.27 -8.62
N ASP A 3 26.87 -22.40 -7.64
CA ASP A 3 26.79 -22.81 -6.23
C ASP A 3 27.11 -21.64 -5.31
N ILE A 4 28.32 -21.13 -5.41
CA ILE A 4 28.74 -20.01 -4.58
C ILE A 4 28.72 -20.37 -3.10
N GLY A 5 27.55 -20.27 -2.50
CA GLY A 5 27.41 -20.60 -1.09
C GLY A 5 27.67 -19.41 -0.19
N PHE A 6 28.68 -18.62 -0.53
CA PHE A 6 29.03 -17.45 0.26
C PHE A 6 30.16 -16.66 -0.41
N SER A 7 30.97 -17.37 -1.20
CA SER A 7 32.09 -16.74 -1.89
C SER A 7 31.72 -15.34 -2.37
N GLU A 8 30.67 -15.25 -3.17
CA GLU A 8 30.22 -13.97 -3.69
C GLU A 8 30.04 -12.95 -2.57
N LEU A 9 29.29 -13.33 -1.55
CA LEU A 9 29.04 -12.45 -0.41
C LEU A 9 30.35 -11.86 0.11
N LEU A 10 31.30 -12.73 0.44
CA LEU A 10 32.60 -12.29 0.95
C LEU A 10 33.24 -11.29 0.01
N LEU A 11 33.50 -11.73 -1.22
CA LEU A 11 34.11 -10.86 -2.22
C LEU A 11 33.45 -9.50 -2.24
N VAL A 12 32.18 -9.46 -2.63
CA VAL A 12 31.43 -8.22 -2.70
C VAL A 12 31.65 -7.38 -1.43
N PHE A 13 31.50 -8.02 -0.27
CA PHE A 13 31.68 -7.34 1.00
C PHE A 13 33.07 -6.71 1.09
N ILE A 14 34.08 -7.45 0.65
CA ILE A 14 35.45 -6.97 0.69
C ILE A 14 35.65 -5.79 -0.27
N ILE A 15 35.30 -6.01 -1.53
CA ILE A 15 35.44 -4.96 -2.55
C ILE A 15 34.74 -3.68 -2.10
N GLY A 16 33.68 -3.82 -1.32
CA GLY A 16 32.95 -2.67 -0.84
C GLY A 16 33.78 -1.78 0.06
N LEU A 17 34.63 -2.41 0.87
CA LEU A 17 35.49 -1.67 1.79
C LEU A 17 36.74 -1.16 1.07
N VAL A 18 37.30 -2.00 0.21
CA VAL A 18 38.50 -1.63 -0.54
C VAL A 18 38.18 -0.56 -1.58
N VAL A 19 36.92 -0.48 -1.98
CA VAL A 19 36.49 0.50 -2.97
C VAL A 19 35.90 1.73 -2.30
N LEU A 20 34.93 1.52 -1.43
CA LEU A 20 34.28 2.62 -0.71
C LEU A 20 35.15 3.10 0.44
N GLY A 21 36.28 2.44 0.64
CA GLY A 21 37.18 2.82 1.71
C GLY A 21 36.58 2.59 3.09
N PRO A 22 37.36 1.96 3.99
CA PRO A 22 36.92 1.67 5.35
C PRO A 22 36.77 2.93 6.20
N GLN A 23 37.09 4.08 5.61
CA GLN A 23 36.99 5.35 6.32
C GLN A 23 35.54 5.67 6.66
N ARG A 24 34.63 5.34 5.76
CA ARG A 24 33.21 5.60 5.97
C ARG A 24 32.37 4.37 5.58
N LEU A 25 32.78 3.21 6.08
CA LEU A 25 32.07 1.97 5.78
C LEU A 25 30.72 1.92 6.51
N PRO A 26 30.76 2.11 7.83
CA PRO A 26 29.56 2.10 8.66
C PRO A 26 28.66 3.31 8.42
N VAL A 27 29.16 4.25 7.62
CA VAL A 27 28.40 5.46 7.29
C VAL A 27 27.14 5.12 6.51
N ALA A 28 27.29 4.31 5.46
CA ALA A 28 26.16 3.92 4.64
C ALA A 28 25.13 3.12 5.44
N VAL A 29 25.61 2.07 6.12
CA VAL A 29 24.74 1.24 6.94
C VAL A 29 23.96 2.07 7.94
N LYS A 30 24.68 2.83 8.76
CA LYS A 30 24.07 3.66 9.77
C LYS A 30 23.02 4.59 9.15
N THR A 31 23.39 5.24 8.05
CA THR A 31 22.48 6.14 7.36
C THR A 31 21.21 5.43 6.93
N VAL A 32 21.35 4.44 6.06
CA VAL A 32 20.20 3.68 5.57
C VAL A 32 19.29 3.26 6.72
N ALA A 33 19.83 2.42 7.61
CA ALA A 33 19.07 1.94 8.75
C ALA A 33 18.58 3.11 9.60
N GLY A 34 19.23 4.25 9.47
CA GLY A 34 18.84 5.42 10.24
C GLY A 34 17.43 5.89 9.93
N TRP A 35 17.24 6.39 8.72
CA TRP A 35 15.93 6.88 8.28
C TRP A 35 14.98 5.72 8.02
N ILE A 36 15.55 4.54 7.80
CA ILE A 36 14.76 3.35 7.53
C ILE A 36 13.96 2.92 8.77
N ARG A 37 14.66 2.79 9.88
CA ARG A 37 14.02 2.39 11.13
C ARG A 37 13.18 3.53 11.70
N ALA A 38 13.66 4.76 11.52
CA ALA A 38 12.95 5.94 12.01
C ALA A 38 11.58 6.07 11.36
N LEU A 39 11.55 6.00 10.03
CA LEU A 39 10.30 6.11 9.28
C LEU A 39 9.44 4.88 9.49
N ARG A 40 10.06 3.71 9.56
CA ARG A 40 9.35 2.46 9.75
C ARG A 40 8.63 2.45 11.10
N SER A 41 9.38 2.66 12.17
CA SER A 41 8.81 2.68 13.51
C SER A 41 7.79 3.81 13.65
N LEU A 42 8.10 4.95 13.07
CA LEU A 42 7.21 6.11 13.13
C LEU A 42 5.89 5.82 12.43
N ALA A 43 5.97 5.24 11.24
CA ALA A 43 4.78 4.90 10.47
C ALA A 43 3.88 3.93 11.23
N THR A 44 4.47 2.81 11.65
CA THR A 44 3.73 1.79 12.39
C THR A 44 3.16 2.36 13.68
N THR A 45 3.91 3.27 14.30
CA THR A 45 3.48 3.89 15.55
C THR A 45 2.32 4.85 15.32
N VAL A 46 2.23 5.38 14.10
CA VAL A 46 1.16 6.31 13.75
C VAL A 46 0.19 5.68 12.75
N GLN A 47 0.29 4.36 12.60
CA GLN A 47 -0.59 3.64 11.67
C GLN A 47 -1.20 2.42 12.36
N ASN A 48 -0.56 1.96 13.42
CA ASN A 48 -1.05 0.80 14.16
C ASN A 48 -1.56 1.21 15.54
N GLU A 49 -1.53 2.51 15.82
CA GLU A 49 -1.98 3.02 17.10
C GLU A 49 -3.26 3.86 16.94
N LEU A 50 -3.12 5.17 17.08
CA LEU A 50 -4.25 6.08 16.94
C LEU A 50 -5.01 5.82 15.64
N THR A 51 -4.31 5.21 14.68
CA THR A 51 -4.92 4.90 13.39
C THR A 51 -6.00 3.84 13.52
N GLN A 52 -6.19 3.35 14.75
CA GLN A 52 -7.19 2.32 15.01
C GLN A 52 -8.13 2.76 16.12
N GLU A 53 -7.68 3.72 16.94
CA GLU A 53 -8.49 4.21 18.05
C GLU A 53 -9.17 5.54 17.67
N LEU A 54 -8.50 6.32 16.84
CA LEU A 54 -9.03 7.61 16.40
C LEU A 54 -8.82 7.81 14.91
N LYS A 55 -7.56 7.74 14.47
CA LYS A 55 -7.23 7.90 13.07
C LYS A 55 -7.56 6.65 12.28
N LEU A 56 -8.70 6.05 12.57
CA LEU A 56 -9.13 4.83 11.89
C LEU A 56 -10.04 5.17 10.71
N GLN A 57 -10.27 6.46 10.50
CA GLN A 57 -11.12 6.92 9.40
C GLN A 57 -10.29 7.63 8.34
N GLU A 58 -9.46 8.58 8.78
CA GLU A 58 -8.62 9.33 7.85
C GLU A 58 -7.93 8.41 6.86
N PHE A 59 -7.11 7.49 7.38
CA PHE A 59 -6.39 6.55 6.53
C PHE A 59 -7.34 5.80 5.61
N GLN A 60 -8.29 5.09 6.20
CA GLN A 60 -9.27 4.33 5.43
C GLN A 60 -9.85 5.18 4.31
N ASP A 61 -9.94 6.48 4.54
CA ASP A 61 -10.48 7.40 3.55
C ASP A 61 -9.48 7.63 2.42
N SER A 62 -8.23 7.89 2.80
CA SER A 62 -7.17 8.14 1.82
C SER A 62 -6.99 6.93 0.88
N LEU A 63 -6.87 5.75 1.48
CA LEU A 63 -6.70 4.52 0.71
C LEU A 63 -7.96 4.23 -0.12
N LYS A 64 -9.11 4.52 0.45
CA LYS A 64 -10.38 4.28 -0.23
C LYS A 64 -10.55 5.23 -1.42
N LYS A 65 -10.17 6.49 -1.22
CA LYS A 65 -10.27 7.50 -2.27
C LYS A 65 -9.39 7.14 -3.45
N VAL A 66 -8.12 6.85 -3.16
CA VAL A 66 -7.16 6.50 -4.21
C VAL A 66 -7.58 5.21 -4.93
N GLU A 67 -8.03 4.22 -4.15
CA GLU A 67 -8.46 2.95 -4.72
C GLU A 67 -9.57 3.16 -5.74
N LYS A 68 -10.64 3.83 -5.31
CA LYS A 68 -11.77 4.10 -6.19
C LYS A 68 -11.33 4.83 -7.46
N ALA A 69 -10.42 5.79 -7.29
CA ALA A 69 -9.90 6.55 -8.42
C ALA A 69 -8.87 5.75 -9.20
N SER A 70 -8.41 4.65 -8.61
CA SER A 70 -7.41 3.80 -9.25
C SER A 70 -7.98 2.42 -9.54
N LEU A 71 -9.29 2.27 -9.34
CA LEU A 71 -9.96 1.00 -9.59
C LEU A 71 -11.09 1.17 -10.60
N THR A 72 -11.72 2.34 -10.58
CA THR A 72 -12.81 2.64 -11.49
C THR A 72 -12.71 1.80 -12.76
N ASN A 73 -11.70 2.08 -13.57
CA ASN A 73 -11.49 1.36 -14.82
C ASN A 73 -10.05 0.86 -14.93
N LEU A 74 -9.51 0.37 -13.81
CA LEU A 74 -8.15 -0.14 -13.77
C LEU A 74 -8.14 -1.65 -13.53
N THR A 75 -9.30 -2.20 -13.18
CA THR A 75 -9.42 -3.63 -12.92
C THR A 75 -10.80 -4.14 -13.34
N PRO A 76 -10.84 -5.42 -13.75
CA PRO A 76 -12.08 -6.07 -14.20
C PRO A 76 -13.04 -6.30 -13.04
N GLU A 77 -12.50 -6.59 -11.87
CA GLU A 77 -13.31 -6.85 -10.69
C GLU A 77 -14.29 -5.69 -10.45
N LEU A 78 -13.83 -4.47 -10.72
CA LEU A 78 -14.66 -3.29 -10.53
C LEU A 78 -15.87 -3.31 -11.47
N LYS A 79 -15.60 -3.37 -12.76
CA LYS A 79 -16.66 -3.40 -13.76
C LYS A 79 -17.73 -4.41 -13.39
N ALA A 80 -17.31 -5.55 -12.84
CA ALA A 80 -18.23 -6.60 -12.43
C ALA A 80 -19.07 -6.15 -11.24
N SER A 81 -18.41 -5.59 -10.23
CA SER A 81 -19.10 -5.14 -9.04
C SER A 81 -20.08 -4.01 -9.37
N MET A 82 -19.60 -3.03 -10.12
CA MET A 82 -20.43 -1.89 -10.52
C MET A 82 -21.60 -2.35 -11.37
N ASP A 83 -21.34 -3.29 -12.28
CA ASP A 83 -22.38 -3.81 -13.16
C ASP A 83 -23.49 -4.48 -12.35
N GLU A 84 -23.10 -5.32 -11.40
CA GLU A 84 -24.07 -6.03 -10.57
C GLU A 84 -24.85 -5.04 -9.71
N LEU A 85 -24.18 -4.02 -9.21
CA LEU A 85 -24.81 -3.01 -8.37
C LEU A 85 -25.72 -2.10 -9.19
N ARG A 86 -25.36 -1.92 -10.47
CA ARG A 86 -26.15 -1.09 -11.37
C ARG A 86 -27.47 -1.75 -11.72
N GLN A 87 -27.39 -2.98 -12.21
CA GLN A 87 -28.59 -3.73 -12.60
C GLN A 87 -29.48 -4.00 -11.39
N ALA A 88 -28.84 -4.35 -10.26
CA ALA A 88 -29.57 -4.63 -9.04
C ALA A 88 -30.25 -3.38 -8.50
N ALA A 89 -29.52 -2.28 -8.48
CA ALA A 89 -30.05 -1.02 -7.99
C ALA A 89 -31.13 -0.47 -8.94
N GLU A 90 -30.85 -0.54 -10.24
CA GLU A 90 -31.78 -0.05 -11.24
C GLU A 90 -33.05 -0.91 -11.27
N SER A 91 -32.87 -2.22 -11.38
CA SER A 91 -34.00 -3.14 -11.41
C SER A 91 -34.89 -2.96 -10.20
N MET A 92 -34.28 -3.01 -9.01
CA MET A 92 -35.03 -2.86 -7.77
C MET A 92 -35.71 -1.49 -7.72
N LYS A 93 -35.00 -0.46 -8.15
CA LYS A 93 -35.54 0.90 -8.16
C LYS A 93 -36.72 1.01 -9.12
N ARG A 94 -36.71 0.18 -10.16
CA ARG A 94 -37.79 0.19 -11.15
C ARG A 94 -39.02 -0.56 -10.63
N SER A 95 -38.77 -1.60 -9.83
CA SER A 95 -39.85 -2.40 -9.27
C SER A 95 -40.27 -1.87 -7.90
N TYR A 96 -39.52 -0.90 -7.40
CA TYR A 96 -39.81 -0.30 -6.10
C TYR A 96 -40.29 1.13 -6.25
N VAL A 97 -39.53 1.94 -6.97
CA VAL A 97 -39.87 3.34 -7.20
C VAL A 97 -40.92 3.47 -8.29
N ALA A 98 -41.39 2.34 -8.80
CA ALA A 98 -42.40 2.33 -9.85
C ALA A 98 -43.66 3.06 -9.41
N ASN A 99 -44.23 2.62 -8.30
CA ASN A 99 -45.44 3.23 -7.76
C ASN A 99 -45.11 4.46 -6.93
N ASP A 100 -43.83 4.79 -6.85
CA ASP A 100 -43.38 5.95 -6.09
C ASP A 100 -43.89 5.89 -4.65
N PRO A 101 -43.58 4.78 -3.96
CA PRO A 101 -44.00 4.56 -2.57
C PRO A 101 -43.27 5.48 -1.60
N LEU A 102 -42.27 6.20 -2.12
CA LEU A 102 -41.49 7.12 -1.29
C LEU A 102 -40.91 8.24 -2.15
N GLU A 103 -41.46 8.43 -3.34
CA GLU A 103 -41.00 9.47 -4.24
C GLU A 103 -42.11 9.91 -5.20
N HIS A 104 -41.76 10.76 -6.15
CA HIS A 104 -42.73 11.25 -7.12
C HIS A 104 -43.98 11.80 -6.43
N MET A 1 24.97 -17.72 -9.95
CA MET A 1 23.87 -18.65 -10.14
C MET A 1 24.37 -20.09 -10.19
N PHE A 2 25.36 -20.40 -9.36
CA PHE A 2 25.93 -21.74 -9.30
C PHE A 2 25.81 -22.34 -7.91
N ASP A 3 26.21 -21.56 -6.91
CA ASP A 3 26.13 -22.00 -5.52
C ASP A 3 26.76 -20.97 -4.58
N ILE A 4 28.02 -20.64 -4.85
CA ILE A 4 28.73 -19.66 -4.02
C ILE A 4 28.97 -20.19 -2.62
N GLY A 5 27.98 -20.04 -1.75
CA GLY A 5 28.11 -20.51 -0.38
C GLY A 5 28.71 -19.48 0.54
N PHE A 6 29.66 -18.71 0.02
CA PHE A 6 30.33 -17.67 0.81
C PHE A 6 31.42 -16.98 -0.01
N SER A 7 31.99 -17.72 -0.95
CA SER A 7 33.05 -17.18 -1.80
C SER A 7 32.79 -15.71 -2.13
N GLU A 8 31.67 -15.44 -2.81
CA GLU A 8 31.30 -14.08 -3.18
C GLU A 8 30.97 -13.26 -1.95
N LEU A 9 30.15 -13.82 -1.08
CA LEU A 9 29.73 -13.13 0.15
C LEU A 9 30.94 -12.53 0.86
N LEU A 10 31.86 -13.38 1.30
CA LEU A 10 33.06 -12.93 1.99
C LEU A 10 33.84 -11.95 1.13
N LEU A 11 34.14 -12.34 -0.10
CA LEU A 11 34.88 -11.49 -1.02
C LEU A 11 34.31 -10.08 -1.04
N VAL A 12 33.06 -9.96 -1.48
CA VAL A 12 32.40 -8.65 -1.55
C VAL A 12 32.55 -7.90 -0.24
N PHE A 13 32.31 -8.58 0.88
CA PHE A 13 32.42 -7.97 2.20
C PHE A 13 33.82 -7.39 2.40
N ILE A 14 34.81 -8.06 1.84
CA ILE A 14 36.20 -7.61 1.97
C ILE A 14 36.49 -6.46 1.01
N ILE A 15 36.22 -6.68 -0.28
CA ILE A 15 36.46 -5.67 -1.29
C ILE A 15 35.80 -4.35 -0.92
N GLY A 16 34.69 -4.43 -0.18
CA GLY A 16 34.00 -3.23 0.24
C GLY A 16 34.83 -2.36 1.16
N LEU A 17 35.62 -3.00 2.02
CA LEU A 17 36.47 -2.27 2.96
C LEU A 17 37.77 -1.85 2.29
N VAL A 18 38.33 -2.73 1.47
CA VAL A 18 39.57 -2.45 0.77
C VAL A 18 39.37 -1.39 -0.31
N VAL A 19 38.12 -1.26 -0.77
CA VAL A 19 37.79 -0.28 -1.81
C VAL A 19 37.24 1.00 -1.19
N LEU A 20 36.22 0.85 -0.36
CA LEU A 20 35.60 2.01 0.29
C LEU A 20 36.44 2.47 1.48
N GLY A 21 37.53 1.75 1.75
CA GLY A 21 38.39 2.11 2.87
C GLY A 21 37.71 1.95 4.20
N PRO A 22 38.42 1.32 5.16
CA PRO A 22 37.89 1.08 6.51
C PRO A 22 37.77 2.38 7.31
N GLN A 23 38.18 3.49 6.71
CA GLN A 23 38.11 4.79 7.37
C GLN A 23 36.67 5.18 7.64
N ARG A 24 35.80 4.90 6.68
CA ARG A 24 34.38 5.23 6.81
C ARG A 24 33.50 4.05 6.41
N LEU A 25 33.80 2.89 6.97
CA LEU A 25 33.04 1.67 6.67
C LEU A 25 31.67 1.72 7.33
N PRO A 26 31.65 1.95 8.65
CA PRO A 26 30.41 2.03 9.42
C PRO A 26 29.59 3.28 9.09
N VAL A 27 30.17 4.16 8.27
CA VAL A 27 29.51 5.39 7.88
C VAL A 27 28.27 5.10 7.04
N ALA A 28 28.42 4.24 6.04
CA ALA A 28 27.32 3.88 5.17
C ALA A 28 26.22 3.16 5.95
N VAL A 29 26.60 2.11 6.67
CA VAL A 29 25.64 1.34 7.46
C VAL A 29 24.87 2.23 8.41
N LYS A 30 25.59 2.99 9.23
CA LYS A 30 24.98 3.89 10.19
C LYS A 30 24.01 4.85 9.50
N THR A 31 24.48 5.46 8.40
CA THR A 31 23.65 6.40 7.65
C THR A 31 22.37 5.74 7.16
N VAL A 32 22.50 4.73 6.32
CA VAL A 32 21.34 4.01 5.79
C VAL A 32 20.36 3.67 6.90
N ALA A 33 20.78 2.83 7.84
CA ALA A 33 19.93 2.43 8.95
C ALA A 33 19.46 3.65 9.75
N GLY A 34 20.19 4.74 9.62
CA GLY A 34 19.83 5.96 10.33
C GLY A 34 18.47 6.49 9.92
N TRP A 35 18.37 6.97 8.69
CA TRP A 35 17.12 7.51 8.18
C TRP A 35 16.12 6.40 7.89
N ILE A 36 16.63 5.19 7.72
CA ILE A 36 15.78 4.03 7.44
C ILE A 36 14.91 3.69 8.63
N ARG A 37 15.53 3.55 9.81
CA ARG A 37 14.80 3.23 11.03
C ARG A 37 13.98 4.42 11.50
N ALA A 38 14.53 5.62 11.33
CA ALA A 38 13.85 6.85 11.74
C ALA A 38 12.53 7.01 11.00
N LEU A 39 12.59 6.94 9.67
CA LEU A 39 11.40 7.09 8.85
C LEU A 39 10.45 5.90 9.04
N ARG A 40 11.02 4.71 9.18
CA ARG A 40 10.24 3.50 9.37
C ARG A 40 9.42 3.58 10.66
N SER A 41 10.12 3.75 11.79
CA SER A 41 9.46 3.84 13.08
C SER A 41 8.47 5.01 13.11
N LEU A 42 8.86 6.12 12.49
CA LEU A 42 8.01 7.30 12.45
C LEU A 42 6.69 7.00 11.75
N ALA A 43 6.76 6.34 10.61
CA ALA A 43 5.57 5.98 9.85
C ALA A 43 4.68 5.03 10.64
N THR A 44 5.28 4.01 11.23
CA THR A 44 4.53 3.04 12.01
C THR A 44 3.82 3.70 13.18
N THR A 45 4.46 4.70 13.78
CA THR A 45 3.89 5.42 14.90
C THR A 45 2.74 6.31 14.46
N VAL A 46 2.85 6.86 13.25
CA VAL A 46 1.82 7.73 12.70
C VAL A 46 0.83 6.95 11.85
N GLN A 47 1.03 5.64 11.78
CA GLN A 47 0.16 4.78 10.98
C GLN A 47 -0.24 3.53 11.78
N ASN A 48 0.76 2.80 12.25
CA ASN A 48 0.52 1.59 13.03
C ASN A 48 0.09 1.92 14.46
N GLU A 49 -0.93 2.77 14.57
CA GLU A 49 -1.44 3.18 15.88
C GLU A 49 -2.90 3.59 15.79
N LEU A 50 -3.19 4.51 14.87
CA LEU A 50 -4.55 5.00 14.68
C LEU A 50 -5.21 4.33 13.48
N THR A 51 -4.40 3.66 12.66
CA THR A 51 -4.90 2.98 11.47
C THR A 51 -5.97 1.95 11.84
N GLN A 52 -6.01 1.59 13.12
CA GLN A 52 -6.99 0.61 13.60
C GLN A 52 -7.56 1.04 14.94
N GLU A 53 -7.36 2.30 15.29
CA GLU A 53 -7.86 2.84 16.56
C GLU A 53 -8.67 4.10 16.34
N LEU A 54 -8.23 4.92 15.38
CA LEU A 54 -8.91 6.17 15.07
C LEU A 54 -8.86 6.46 13.58
N LYS A 55 -7.68 6.28 12.98
CA LYS A 55 -7.51 6.51 11.56
C LYS A 55 -7.91 5.28 10.74
N LEU A 56 -8.77 4.44 11.33
CA LEU A 56 -9.22 3.23 10.66
C LEU A 56 -10.19 3.57 9.53
N GLN A 57 -10.43 4.86 9.32
CA GLN A 57 -11.33 5.31 8.26
C GLN A 57 -10.58 6.20 7.27
N GLU A 58 -9.84 7.18 7.79
CA GLU A 58 -9.09 8.09 6.94
C GLU A 58 -8.28 7.33 5.90
N PHE A 59 -7.49 6.37 6.36
CA PHE A 59 -6.66 5.57 5.46
C PHE A 59 -7.53 4.72 4.54
N GLN A 60 -8.67 4.28 5.05
CA GLN A 60 -9.59 3.45 4.27
C GLN A 60 -10.17 4.24 3.10
N ASP A 61 -10.65 5.45 3.38
CA ASP A 61 -11.23 6.30 2.37
C ASP A 61 -10.19 6.72 1.34
N SER A 62 -8.98 7.00 1.82
CA SER A 62 -7.88 7.41 0.95
C SER A 62 -7.54 6.31 -0.05
N LEU A 63 -7.19 5.14 0.47
CA LEU A 63 -6.83 4.00 -0.38
C LEU A 63 -7.97 3.64 -1.31
N LYS A 64 -9.20 3.79 -0.82
CA LYS A 64 -10.39 3.47 -1.61
C LYS A 64 -10.57 4.49 -2.73
N LYS A 65 -10.47 5.77 -2.39
CA LYS A 65 -10.62 6.85 -3.37
C LYS A 65 -9.65 6.66 -4.53
N VAL A 66 -8.37 6.47 -4.19
CA VAL A 66 -7.33 6.29 -5.20
C VAL A 66 -7.57 5.01 -6.01
N GLU A 67 -7.90 3.94 -5.30
CA GLU A 67 -8.15 2.65 -5.94
C GLU A 67 -9.15 2.80 -7.09
N LYS A 68 -10.33 3.30 -6.77
CA LYS A 68 -11.37 3.50 -7.78
C LYS A 68 -10.91 4.47 -8.86
N ALA A 69 -10.20 5.52 -8.43
CA ALA A 69 -9.71 6.52 -9.37
C ALA A 69 -8.84 5.88 -10.45
N SER A 70 -8.25 4.73 -10.14
CA SER A 70 -7.40 4.03 -11.08
C SER A 70 -8.02 2.69 -11.48
N LEU A 71 -9.18 2.39 -10.90
CA LEU A 71 -9.88 1.14 -11.20
C LEU A 71 -11.24 1.41 -11.80
N THR A 72 -11.54 2.68 -12.05
CA THR A 72 -12.81 3.08 -12.64
C THR A 72 -13.04 2.39 -13.97
N ASN A 73 -11.95 2.08 -14.67
CA ASN A 73 -12.04 1.41 -15.97
C ASN A 73 -10.76 0.64 -16.27
N LEU A 74 -10.06 0.23 -15.22
CA LEU A 74 -8.82 -0.52 -15.36
C LEU A 74 -8.93 -1.89 -14.71
N THR A 75 -10.13 -2.46 -14.73
CA THR A 75 -10.37 -3.76 -14.13
C THR A 75 -11.84 -4.17 -14.26
N PRO A 76 -12.08 -5.45 -14.58
CA PRO A 76 -13.43 -5.98 -14.73
C PRO A 76 -14.17 -6.08 -13.40
N GLU A 77 -13.44 -6.37 -12.34
CA GLU A 77 -14.03 -6.49 -11.01
C GLU A 77 -14.94 -5.31 -10.71
N LEU A 78 -14.38 -4.10 -10.79
CA LEU A 78 -15.14 -2.88 -10.54
C LEU A 78 -16.42 -2.85 -11.37
N LYS A 79 -16.27 -2.93 -12.69
CA LYS A 79 -17.41 -2.92 -13.59
C LYS A 79 -18.52 -3.83 -13.09
N ALA A 80 -18.12 -4.98 -12.52
CA ALA A 80 -19.09 -5.94 -11.99
C ALA A 80 -19.78 -5.39 -10.75
N SER A 81 -19.00 -4.86 -9.82
CA SER A 81 -19.55 -4.30 -8.58
C SER A 81 -20.46 -3.11 -8.88
N MET A 82 -19.98 -2.20 -9.71
CA MET A 82 -20.76 -1.02 -10.07
C MET A 82 -22.02 -1.41 -10.84
N ASP A 83 -21.89 -2.38 -11.74
CA ASP A 83 -23.01 -2.85 -12.53
C ASP A 83 -24.11 -3.43 -11.63
N GLU A 84 -23.71 -4.18 -10.63
CA GLU A 84 -24.66 -4.78 -9.70
C GLU A 84 -25.29 -3.73 -8.80
N LEU A 85 -24.50 -2.72 -8.42
CA LEU A 85 -24.97 -1.65 -7.56
C LEU A 85 -25.90 -0.71 -8.32
N ARG A 86 -25.62 -0.53 -9.61
CA ARG A 86 -26.43 0.34 -10.45
C ARG A 86 -27.77 -0.29 -10.76
N GLN A 87 -27.74 -1.54 -11.24
CA GLN A 87 -28.96 -2.26 -11.57
C GLN A 87 -29.82 -2.49 -10.34
N ALA A 88 -29.17 -2.85 -9.23
CA ALA A 88 -29.89 -3.09 -7.98
C ALA A 88 -30.48 -1.80 -7.44
N ALA A 89 -29.69 -0.73 -7.45
CA ALA A 89 -30.16 0.57 -6.96
C ALA A 89 -31.25 1.14 -7.86
N GLU A 90 -31.04 1.03 -9.17
CA GLU A 90 -32.01 1.55 -10.13
C GLU A 90 -33.30 0.73 -10.11
N SER A 91 -33.16 -0.59 -10.16
CA SER A 91 -34.31 -1.48 -10.15
C SER A 91 -35.15 -1.26 -8.90
N MET A 92 -34.50 -1.13 -7.76
CA MET A 92 -35.20 -0.90 -6.49
C MET A 92 -35.89 0.45 -6.50
N LYS A 93 -35.17 1.48 -6.94
CA LYS A 93 -35.71 2.83 -6.98
C LYS A 93 -36.84 2.93 -8.01
N ARG A 94 -36.84 2.01 -8.97
CA ARG A 94 -37.86 1.99 -10.00
C ARG A 94 -39.13 1.30 -9.50
N SER A 95 -38.96 0.27 -8.70
CA SER A 95 -40.09 -0.49 -8.15
C SER A 95 -40.53 0.11 -6.81
N TYR A 96 -39.78 1.07 -6.32
CA TYR A 96 -40.09 1.72 -5.05
C TYR A 96 -40.52 3.16 -5.26
N VAL A 97 -39.63 3.97 -5.84
CA VAL A 97 -39.92 5.37 -6.10
C VAL A 97 -40.95 5.52 -7.22
N ALA A 98 -41.31 4.41 -7.83
CA ALA A 98 -42.29 4.41 -8.92
C ALA A 98 -43.21 3.20 -8.82
N ASN A 99 -43.38 2.67 -7.62
CA ASN A 99 -44.24 1.52 -7.41
C ASN A 99 -44.43 1.26 -5.91
N ASP A 100 -44.98 2.24 -5.21
CA ASP A 100 -45.21 2.12 -3.77
C ASP A 100 -45.96 3.33 -3.24
N PRO A 101 -45.27 4.48 -3.19
CA PRO A 101 -45.85 5.73 -2.69
C PRO A 101 -46.90 6.29 -3.65
N LEU A 102 -47.10 5.62 -4.77
CA LEU A 102 -48.09 6.05 -5.76
C LEU A 102 -49.37 5.25 -5.63
N GLU A 103 -49.29 4.11 -4.95
CA GLU A 103 -50.46 3.25 -4.76
C GLU A 103 -51.31 3.74 -3.58
N HIS A 104 -52.62 3.55 -3.67
CA HIS A 104 -53.53 3.97 -2.62
C HIS A 104 -53.38 5.46 -2.33
#